data_9CBV
# 
_entry.id   9CBV 
# 
_audit_conform.dict_name       mmcif_pdbx.dic 
_audit_conform.dict_version    5.403 
_audit_conform.dict_location   http://mmcif.pdb.org/dictionaries/ascii/mmcif_pdbx.dic 
# 
loop_
_database_2.database_id 
_database_2.database_code 
_database_2.pdbx_database_accession 
_database_2.pdbx_DOI 
PDB   9CBV         pdb_00009cbv 10.2210/pdb9cbv/pdb 
WWPDB D_1000284975 ?            ?                   
EMDB  EMD-45428    ?            ?                   
# 
_pdbx_audit_revision_history.ordinal             1 
_pdbx_audit_revision_history.data_content_type   'Structure model' 
_pdbx_audit_revision_history.major_revision      1 
_pdbx_audit_revision_history.minor_revision      0 
_pdbx_audit_revision_history.revision_date       2025-05-21 
_pdbx_audit_revision_history.part_number         ? 
# 
_pdbx_audit_revision_details.ordinal             1 
_pdbx_audit_revision_details.revision_ordinal    1 
_pdbx_audit_revision_details.data_content_type   'Structure model' 
_pdbx_audit_revision_details.provider            repository 
_pdbx_audit_revision_details.type                'Initial release' 
_pdbx_audit_revision_details.description         ? 
_pdbx_audit_revision_details.details             ? 
# 
_pdbx_database_status.status_code                     REL 
_pdbx_database_status.status_code_sf                  REL 
_pdbx_database_status.status_code_mr                  ? 
_pdbx_database_status.entry_id                        9CBV 
_pdbx_database_status.recvd_initial_deposition_date   2024-06-20 
_pdbx_database_status.SG_entry                        N 
_pdbx_database_status.deposit_site                    RCSB 
_pdbx_database_status.process_site                    RCSB 
_pdbx_database_status.status_code_cs                  ? 
_pdbx_database_status.status_code_nmr_data            ? 
_pdbx_database_status.methods_development_category    ? 
_pdbx_database_status.pdb_format_compatible           Y 
# 
_pdbx_database_related.db_name        EMDB 
_pdbx_database_related.details        'MicroED structure of the human MP20 protein' 
_pdbx_database_related.db_id          EMD-45428 
_pdbx_database_related.content_type   'associated EM volume' 
# 
_pdbx_contact_author.id                 3 
_pdbx_contact_author.email              tgonen@g.ucla.edu 
_pdbx_contact_author.name_first         Tamir 
_pdbx_contact_author.name_last          Gonen 
_pdbx_contact_author.name_mi            ? 
_pdbx_contact_author.role               'principal investigator/group leader' 
_pdbx_contact_author.identifier_ORCID   0000-0002-9254-4069 
# 
loop_
_audit_author.name 
_audit_author.pdbx_ordinal 
_audit_author.identifier_ORCID 
'Nicolas, W.J.'     1 0000-0001-5970-8626 
'Shiriaeva, A.'     2 0000-0002-4082-7884 
'Martynowycz, M.W.' 3 0000-0003-0055-230X 
'Grey, A.C.'        4 0000-0002-1540-1080 
'Ruma, Y.'          5 0000-0002-9817-8477 
'Donaldson, P.J.'   6 ?                   
'Gonen, T.'         7 0000-0002-9254-4069 
# 
loop_
_citation.abstract 
_citation.abstract_id_CAS 
_citation.book_id_ISBN 
_citation.book_publisher 
_citation.book_publisher_city 
_citation.book_title 
_citation.coordinate_linkage 
_citation.country 
_citation.database_id_Medline 
_citation.details 
_citation.id 
_citation.journal_abbrev 
_citation.journal_id_ASTM 
_citation.journal_id_CSD 
_citation.journal_id_ISSN 
_citation.journal_full 
_citation.journal_issue 
_citation.journal_volume 
_citation.language 
_citation.page_first 
_citation.page_last 
_citation.title 
_citation.year 
_citation.database_id_CSD 
_citation.pdbx_database_id_DOI 
_citation.pdbx_database_id_PubMed 
_citation.pdbx_database_id_patent 
_citation.unpublished_flag 
? ? ? ? ? ? ? UK ? ? primary 'Nat Commun' ? ? 2041-1723 ? ? 16 ? 2977 2977 
'Structure of the lens MP20 mediated adhesive junction.' 2025 ? 10.1038/s41467-025-57903-6 40140346 ? ? 
? ? ? ? ? ? ? US ? ? 1       bioRxiv      ? ? 2692-8205 ? ? ?  ? ?    ?    'Structure of the lens MP20 mediated adhesive junction' 
2024 ? 10.1101/2024.05.13.594022  38798449 ? ? 
# 
loop_
_citation_author.citation_id 
_citation_author.name 
_citation_author.ordinal 
_citation_author.identifier_ORCID 
primary 'Nicolas, W.J.'     1  0000-0001-5970-8626 
primary 'Shiriaeva, A.'     2  0000-0002-4082-7884 
primary 'Martynowycz, M.W.' 3  ?                   
primary 'Grey, A.C.'        4  0000-0002-1540-1080 
primary 'Ruma, Y.N.'        5  ?                   
primary 'Donaldson, P.J.'   6  0000-0002-4008-1138 
primary 'Gonen, T.'         7  0000-0002-9254-4069 
1       'Nicolas, W.J.'     8  0000-0001-5970-8626 
1       'Shiriaeva, A.'     9  0000-0002-4082-7884 
1       'Martynowycz, M.W.' 10 0000-0003-0055-230X 
1       'Grey, A.C.'        11 0000-0002-1540-1080 
1       'Ruma, Y.'          12 0000-0002-9817-8477 
1       'Donaldson, P.J.'   13 ?                   
1       'Gonen, T.'         14 0000-0002-9254-4069 
# 
_entity.id                         1 
_entity.type                       polymer 
_entity.src_method                 man 
_entity.pdbx_description           'Lens fiber membrane intrinsic protein' 
_entity.formula_weight             25160.506 
_entity.pdbx_number_of_molecules   1 
_entity.pdbx_ec                    ? 
_entity.pdbx_mutation              ? 
_entity.pdbx_fragment              ? 
_entity.details                    ? 
# 
_entity_name_com.entity_id   1 
_entity_name_com.name        MP18,MP19,MP20 
# 
_entity_poly.entity_id                      1 
_entity_poly.type                           'polypeptide(L)' 
_entity_poly.nstd_linkage                   no 
_entity_poly.nstd_monomer                   no 
_entity_poly.pdbx_seq_one_letter_code       
;MKTIIALSYIFCLVFADYKDDDDAKLQTMHHHHHHHHHHLEVLFQMYSFMGGGLFCAWVGTILLVVAMATDHWMQYRLSG
SFAHQGLWRYCLGNKCYLQTDSIAYWNATRAFMILSALCAISGIIMGIMAFAHQPTFSRISRPFSAGIMFFSSTLFVVLA
LAIYTGVTVSFLGRRFGDWRFSWSYILGWVAVLMTFFAGIFYMCAYRVHECRRLSTPR
;
_entity_poly.pdbx_seq_one_letter_code_can   
;MKTIIALSYIFCLVFADYKDDDDAKLQTMHHHHHHHHHHLEVLFQMYSFMGGGLFCAWVGTILLVVAMATDHWMQYRLSG
SFAHQGLWRYCLGNKCYLQTDSIAYWNATRAFMILSALCAISGIIMGIMAFAHQPTFSRISRPFSAGIMFFSSTLFVVLA
LAIYTGVTVSFLGRRFGDWRFSWSYILGWVAVLMTFFAGIFYMCAYRVHECRRLSTPR
;
_entity_poly.pdbx_strand_id                 A 
_entity_poly.pdbx_target_identifier         ? 
# 
loop_
_entity_poly_seq.entity_id 
_entity_poly_seq.num 
_entity_poly_seq.mon_id 
_entity_poly_seq.hetero 
1 1   MET n 
1 2   LYS n 
1 3   THR n 
1 4   ILE n 
1 5   ILE n 
1 6   ALA n 
1 7   LEU n 
1 8   SER n 
1 9   TYR n 
1 10  ILE n 
1 11  PHE n 
1 12  CYS n 
1 13  LEU n 
1 14  VAL n 
1 15  PHE n 
1 16  ALA n 
1 17  ASP n 
1 18  TYR n 
1 19  LYS n 
1 20  ASP n 
1 21  ASP n 
1 22  ASP n 
1 23  ASP n 
1 24  ALA n 
1 25  LYS n 
1 26  LEU n 
1 27  GLN n 
1 28  THR n 
1 29  MET n 
1 30  HIS n 
1 31  HIS n 
1 32  HIS n 
1 33  HIS n 
1 34  HIS n 
1 35  HIS n 
1 36  HIS n 
1 37  HIS n 
1 38  HIS n 
1 39  HIS n 
1 40  LEU n 
1 41  GLU n 
1 42  VAL n 
1 43  LEU n 
1 44  PHE n 
1 45  GLN n 
1 46  MET n 
1 47  TYR n 
1 48  SER n 
1 49  PHE n 
1 50  MET n 
1 51  GLY n 
1 52  GLY n 
1 53  GLY n 
1 54  LEU n 
1 55  PHE n 
1 56  CYS n 
1 57  ALA n 
1 58  TRP n 
1 59  VAL n 
1 60  GLY n 
1 61  THR n 
1 62  ILE n 
1 63  LEU n 
1 64  LEU n 
1 65  VAL n 
1 66  VAL n 
1 67  ALA n 
1 68  MET n 
1 69  ALA n 
1 70  THR n 
1 71  ASP n 
1 72  HIS n 
1 73  TRP n 
1 74  MET n 
1 75  GLN n 
1 76  TYR n 
1 77  ARG n 
1 78  LEU n 
1 79  SER n 
1 80  GLY n 
1 81  SER n 
1 82  PHE n 
1 83  ALA n 
1 84  HIS n 
1 85  GLN n 
1 86  GLY n 
1 87  LEU n 
1 88  TRP n 
1 89  ARG n 
1 90  TYR n 
1 91  CYS n 
1 92  LEU n 
1 93  GLY n 
1 94  ASN n 
1 95  LYS n 
1 96  CYS n 
1 97  TYR n 
1 98  LEU n 
1 99  GLN n 
1 100 THR n 
1 101 ASP n 
1 102 SER n 
1 103 ILE n 
1 104 ALA n 
1 105 TYR n 
1 106 TRP n 
1 107 ASN n 
1 108 ALA n 
1 109 THR n 
1 110 ARG n 
1 111 ALA n 
1 112 PHE n 
1 113 MET n 
1 114 ILE n 
1 115 LEU n 
1 116 SER n 
1 117 ALA n 
1 118 LEU n 
1 119 CYS n 
1 120 ALA n 
1 121 ILE n 
1 122 SER n 
1 123 GLY n 
1 124 ILE n 
1 125 ILE n 
1 126 MET n 
1 127 GLY n 
1 128 ILE n 
1 129 MET n 
1 130 ALA n 
1 131 PHE n 
1 132 ALA n 
1 133 HIS n 
1 134 GLN n 
1 135 PRO n 
1 136 THR n 
1 137 PHE n 
1 138 SER n 
1 139 ARG n 
1 140 ILE n 
1 141 SER n 
1 142 ARG n 
1 143 PRO n 
1 144 PHE n 
1 145 SER n 
1 146 ALA n 
1 147 GLY n 
1 148 ILE n 
1 149 MET n 
1 150 PHE n 
1 151 PHE n 
1 152 SER n 
1 153 SER n 
1 154 THR n 
1 155 LEU n 
1 156 PHE n 
1 157 VAL n 
1 158 VAL n 
1 159 LEU n 
1 160 ALA n 
1 161 LEU n 
1 162 ALA n 
1 163 ILE n 
1 164 TYR n 
1 165 THR n 
1 166 GLY n 
1 167 VAL n 
1 168 THR n 
1 169 VAL n 
1 170 SER n 
1 171 PHE n 
1 172 LEU n 
1 173 GLY n 
1 174 ARG n 
1 175 ARG n 
1 176 PHE n 
1 177 GLY n 
1 178 ASP n 
1 179 TRP n 
1 180 ARG n 
1 181 PHE n 
1 182 SER n 
1 183 TRP n 
1 184 SER n 
1 185 TYR n 
1 186 ILE n 
1 187 LEU n 
1 188 GLY n 
1 189 TRP n 
1 190 VAL n 
1 191 ALA n 
1 192 VAL n 
1 193 LEU n 
1 194 MET n 
1 195 THR n 
1 196 PHE n 
1 197 PHE n 
1 198 ALA n 
1 199 GLY n 
1 200 ILE n 
1 201 PHE n 
1 202 TYR n 
1 203 MET n 
1 204 CYS n 
1 205 ALA n 
1 206 TYR n 
1 207 ARG n 
1 208 VAL n 
1 209 HIS n 
1 210 GLU n 
1 211 CYS n 
1 212 ARG n 
1 213 ARG n 
1 214 LEU n 
1 215 SER n 
1 216 THR n 
1 217 PRO n 
1 218 ARG n 
# 
_entity_src_gen.entity_id                          1 
_entity_src_gen.pdbx_src_id                        1 
_entity_src_gen.pdbx_alt_source_flag               sample 
_entity_src_gen.pdbx_seq_type                      'Biological sequence' 
_entity_src_gen.pdbx_beg_seq_num                   1 
_entity_src_gen.pdbx_end_seq_num                   218 
_entity_src_gen.gene_src_common_name               human 
_entity_src_gen.gene_src_genus                     ? 
_entity_src_gen.pdbx_gene_src_gene                 LIM2 
_entity_src_gen.gene_src_species                   ? 
_entity_src_gen.gene_src_strain                    ? 
_entity_src_gen.gene_src_tissue                    ? 
_entity_src_gen.gene_src_tissue_fraction           ? 
_entity_src_gen.gene_src_details                   ? 
_entity_src_gen.pdbx_gene_src_fragment             ? 
_entity_src_gen.pdbx_gene_src_scientific_name      'Homo sapiens' 
_entity_src_gen.pdbx_gene_src_ncbi_taxonomy_id     9606 
_entity_src_gen.pdbx_gene_src_variant              ? 
_entity_src_gen.pdbx_gene_src_cell_line            ? 
_entity_src_gen.pdbx_gene_src_atcc                 ? 
_entity_src_gen.pdbx_gene_src_organ                ? 
_entity_src_gen.pdbx_gene_src_organelle            ? 
_entity_src_gen.pdbx_gene_src_cell                 ? 
_entity_src_gen.pdbx_gene_src_cellular_location    ? 
_entity_src_gen.host_org_common_name               ? 
_entity_src_gen.pdbx_host_org_scientific_name      'Spodoptera frugiperda' 
_entity_src_gen.pdbx_host_org_ncbi_taxonomy_id     7108 
_entity_src_gen.host_org_genus                     ? 
_entity_src_gen.pdbx_host_org_gene                 ? 
_entity_src_gen.pdbx_host_org_organ                ? 
_entity_src_gen.host_org_species                   ? 
_entity_src_gen.pdbx_host_org_tissue               ? 
_entity_src_gen.pdbx_host_org_tissue_fraction      ? 
_entity_src_gen.pdbx_host_org_strain               ? 
_entity_src_gen.pdbx_host_org_variant              ? 
_entity_src_gen.pdbx_host_org_cell_line            ? 
_entity_src_gen.pdbx_host_org_atcc                 ? 
_entity_src_gen.pdbx_host_org_culture_collection   ? 
_entity_src_gen.pdbx_host_org_cell                 ? 
_entity_src_gen.pdbx_host_org_organelle            ? 
_entity_src_gen.pdbx_host_org_cellular_location    ? 
_entity_src_gen.pdbx_host_org_vector_type          ? 
_entity_src_gen.pdbx_host_org_vector               ? 
_entity_src_gen.host_org_details                   ? 
_entity_src_gen.expression_system_id               ? 
_entity_src_gen.plasmid_name                       ? 
_entity_src_gen.plasmid_details                    ? 
_entity_src_gen.pdbx_description                   ? 
# 
loop_
_chem_comp.id 
_chem_comp.type 
_chem_comp.mon_nstd_flag 
_chem_comp.name 
_chem_comp.pdbx_synonyms 
_chem_comp.formula 
_chem_comp.formula_weight 
ALA 'L-peptide linking' y ALANINE         ? 'C3 H7 N O2'     89.093  
ARG 'L-peptide linking' y ARGININE        ? 'C6 H15 N4 O2 1' 175.209 
ASN 'L-peptide linking' y ASPARAGINE      ? 'C4 H8 N2 O3'    132.118 
ASP 'L-peptide linking' y 'ASPARTIC ACID' ? 'C4 H7 N O4'     133.103 
CYS 'L-peptide linking' y CYSTEINE        ? 'C3 H7 N O2 S'   121.158 
GLN 'L-peptide linking' y GLUTAMINE       ? 'C5 H10 N2 O3'   146.144 
GLU 'L-peptide linking' y 'GLUTAMIC ACID' ? 'C5 H9 N O4'     147.129 
GLY 'peptide linking'   y GLYCINE         ? 'C2 H5 N O2'     75.067  
HIS 'L-peptide linking' y HISTIDINE       ? 'C6 H10 N3 O2 1' 156.162 
ILE 'L-peptide linking' y ISOLEUCINE      ? 'C6 H13 N O2'    131.173 
LEU 'L-peptide linking' y LEUCINE         ? 'C6 H13 N O2'    131.173 
LYS 'L-peptide linking' y LYSINE          ? 'C6 H15 N2 O2 1' 147.195 
MET 'L-peptide linking' y METHIONINE      ? 'C5 H11 N O2 S'  149.211 
PHE 'L-peptide linking' y PHENYLALANINE   ? 'C9 H11 N O2'    165.189 
PRO 'L-peptide linking' y PROLINE         ? 'C5 H9 N O2'     115.130 
SER 'L-peptide linking' y SERINE          ? 'C3 H7 N O3'     105.093 
THR 'L-peptide linking' y THREONINE       ? 'C4 H9 N O3'     119.119 
TRP 'L-peptide linking' y TRYPTOPHAN      ? 'C11 H12 N2 O2'  204.225 
TYR 'L-peptide linking' y TYROSINE        ? 'C9 H11 N O3'    181.189 
VAL 'L-peptide linking' y VALINE          ? 'C5 H11 N O2'    117.146 
# 
loop_
_pdbx_poly_seq_scheme.asym_id 
_pdbx_poly_seq_scheme.entity_id 
_pdbx_poly_seq_scheme.seq_id 
_pdbx_poly_seq_scheme.mon_id 
_pdbx_poly_seq_scheme.ndb_seq_num 
_pdbx_poly_seq_scheme.pdb_seq_num 
_pdbx_poly_seq_scheme.auth_seq_num 
_pdbx_poly_seq_scheme.pdb_mon_id 
_pdbx_poly_seq_scheme.auth_mon_id 
_pdbx_poly_seq_scheme.pdb_strand_id 
_pdbx_poly_seq_scheme.pdb_ins_code 
_pdbx_poly_seq_scheme.hetero 
A 1 1   MET 1   -44 ?   ?   ?   A . n 
A 1 2   LYS 2   -43 ?   ?   ?   A . n 
A 1 3   THR 3   -42 ?   ?   ?   A . n 
A 1 4   ILE 4   -41 ?   ?   ?   A . n 
A 1 5   ILE 5   -40 ?   ?   ?   A . n 
A 1 6   ALA 6   -39 ?   ?   ?   A . n 
A 1 7   LEU 7   -38 ?   ?   ?   A . n 
A 1 8   SER 8   -37 ?   ?   ?   A . n 
A 1 9   TYR 9   -36 ?   ?   ?   A . n 
A 1 10  ILE 10  -35 ?   ?   ?   A . n 
A 1 11  PHE 11  -34 ?   ?   ?   A . n 
A 1 12  CYS 12  -33 ?   ?   ?   A . n 
A 1 13  LEU 13  -32 ?   ?   ?   A . n 
A 1 14  VAL 14  -31 ?   ?   ?   A . n 
A 1 15  PHE 15  -30 ?   ?   ?   A . n 
A 1 16  ALA 16  -29 ?   ?   ?   A . n 
A 1 17  ASP 17  -28 ?   ?   ?   A . n 
A 1 18  TYR 18  -27 ?   ?   ?   A . n 
A 1 19  LYS 19  -26 ?   ?   ?   A . n 
A 1 20  ASP 20  -25 ?   ?   ?   A . n 
A 1 21  ASP 21  -24 ?   ?   ?   A . n 
A 1 22  ASP 22  -23 ?   ?   ?   A . n 
A 1 23  ASP 23  -22 ?   ?   ?   A . n 
A 1 24  ALA 24  -21 ?   ?   ?   A . n 
A 1 25  LYS 25  -20 ?   ?   ?   A . n 
A 1 26  LEU 26  -19 ?   ?   ?   A . n 
A 1 27  GLN 27  -18 ?   ?   ?   A . n 
A 1 28  THR 28  -17 ?   ?   ?   A . n 
A 1 29  MET 29  -16 ?   ?   ?   A . n 
A 1 30  HIS 30  -15 ?   ?   ?   A . n 
A 1 31  HIS 31  -14 ?   ?   ?   A . n 
A 1 32  HIS 32  -13 ?   ?   ?   A . n 
A 1 33  HIS 33  -12 ?   ?   ?   A . n 
A 1 34  HIS 34  -11 ?   ?   ?   A . n 
A 1 35  HIS 35  -10 ?   ?   ?   A . n 
A 1 36  HIS 36  -9  ?   ?   ?   A . n 
A 1 37  HIS 37  -8  ?   ?   ?   A . n 
A 1 38  HIS 38  -7  ?   ?   ?   A . n 
A 1 39  HIS 39  -6  ?   ?   ?   A . n 
A 1 40  LEU 40  -5  ?   ?   ?   A . n 
A 1 41  GLU 41  -4  ?   ?   ?   A . n 
A 1 42  VAL 42  -3  ?   ?   ?   A . n 
A 1 43  LEU 43  -2  ?   ?   ?   A . n 
A 1 44  PHE 44  -1  ?   ?   ?   A . n 
A 1 45  GLN 45  0   ?   ?   ?   A . n 
A 1 46  MET 46  1   1   MET MET A . n 
A 1 47  TYR 47  2   2   TYR TYR A . n 
A 1 48  SER 48  3   3   SER SER A . n 
A 1 49  PHE 49  4   4   PHE PHE A . n 
A 1 50  MET 50  5   5   MET MET A . n 
A 1 51  GLY 51  6   6   GLY GLY A . n 
A 1 52  GLY 52  7   7   GLY GLY A . n 
A 1 53  GLY 53  8   8   GLY GLY A . n 
A 1 54  LEU 54  9   9   LEU LEU A . n 
A 1 55  PHE 55  10  10  PHE PHE A . n 
A 1 56  CYS 56  11  11  CYS CYS A . n 
A 1 57  ALA 57  12  12  ALA ALA A . n 
A 1 58  TRP 58  13  13  TRP TRP A . n 
A 1 59  VAL 59  14  14  VAL VAL A . n 
A 1 60  GLY 60  15  15  GLY GLY A . n 
A 1 61  THR 61  16  16  THR THR A . n 
A 1 62  ILE 62  17  17  ILE ILE A . n 
A 1 63  LEU 63  18  18  LEU LEU A . n 
A 1 64  LEU 64  19  19  LEU LEU A . n 
A 1 65  VAL 65  20  20  VAL VAL A . n 
A 1 66  VAL 66  21  21  VAL VAL A . n 
A 1 67  ALA 67  22  22  ALA ALA A . n 
A 1 68  MET 68  23  23  MET MET A . n 
A 1 69  ALA 69  24  24  ALA ALA A . n 
A 1 70  THR 70  25  25  THR THR A . n 
A 1 71  ASP 71  26  26  ASP ASP A . n 
A 1 72  HIS 72  27  27  HIS HIS A . n 
A 1 73  TRP 73  28  28  TRP TRP A . n 
A 1 74  MET 74  29  29  MET MET A . n 
A 1 75  GLN 75  30  30  GLN GLN A . n 
A 1 76  TYR 76  31  31  TYR TYR A . n 
A 1 77  ARG 77  32  32  ARG ARG A . n 
A 1 78  LEU 78  33  33  LEU LEU A . n 
A 1 79  SER 79  34  34  SER SER A . n 
A 1 80  GLY 80  35  35  GLY GLY A . n 
A 1 81  SER 81  36  36  SER SER A . n 
A 1 82  PHE 82  37  37  PHE PHE A . n 
A 1 83  ALA 83  38  38  ALA ALA A . n 
A 1 84  HIS 84  39  39  HIS HIS A . n 
A 1 85  GLN 85  40  40  GLN GLN A . n 
A 1 86  GLY 86  41  41  GLY GLY A . n 
A 1 87  LEU 87  42  42  LEU LEU A . n 
A 1 88  TRP 88  43  43  TRP TRP A . n 
A 1 89  ARG 89  44  44  ARG ARG A . n 
A 1 90  TYR 90  45  45  TYR TYR A . n 
A 1 91  CYS 91  46  46  CYS CYS A . n 
A 1 92  LEU 92  47  47  LEU LEU A . n 
A 1 93  GLY 93  48  48  GLY GLY A . n 
A 1 94  ASN 94  49  49  ASN ASN A . n 
A 1 95  LYS 95  50  50  LYS LYS A . n 
A 1 96  CYS 96  51  51  CYS CYS A . n 
A 1 97  TYR 97  52  52  TYR TYR A . n 
A 1 98  LEU 98  53  53  LEU LEU A . n 
A 1 99  GLN 99  54  54  GLN GLN A . n 
A 1 100 THR 100 55  55  THR THR A . n 
A 1 101 ASP 101 56  56  ASP ASP A . n 
A 1 102 SER 102 57  57  SER SER A . n 
A 1 103 ILE 103 58  58  ILE ILE A . n 
A 1 104 ALA 104 59  59  ALA ALA A . n 
A 1 105 TYR 105 60  60  TYR TYR A . n 
A 1 106 TRP 106 61  61  TRP TRP A . n 
A 1 107 ASN 107 62  62  ASN ASN A . n 
A 1 108 ALA 108 63  63  ALA ALA A . n 
A 1 109 THR 109 64  64  THR THR A . n 
A 1 110 ARG 110 65  65  ARG ARG A . n 
A 1 111 ALA 111 66  66  ALA ALA A . n 
A 1 112 PHE 112 67  67  PHE PHE A . n 
A 1 113 MET 113 68  68  MET MET A . n 
A 1 114 ILE 114 69  69  ILE ILE A . n 
A 1 115 LEU 115 70  70  LEU LEU A . n 
A 1 116 SER 116 71  71  SER SER A . n 
A 1 117 ALA 117 72  72  ALA ALA A . n 
A 1 118 LEU 118 73  73  LEU LEU A . n 
A 1 119 CYS 119 74  74  CYS CYS A . n 
A 1 120 ALA 120 75  75  ALA ALA A . n 
A 1 121 ILE 121 76  76  ILE ILE A . n 
A 1 122 SER 122 77  77  SER SER A . n 
A 1 123 GLY 123 78  78  GLY GLY A . n 
A 1 124 ILE 124 79  79  ILE ILE A . n 
A 1 125 ILE 125 80  80  ILE ILE A . n 
A 1 126 MET 126 81  81  MET MET A . n 
A 1 127 GLY 127 82  82  GLY GLY A . n 
A 1 128 ILE 128 83  83  ILE ILE A . n 
A 1 129 MET 129 84  84  MET MET A . n 
A 1 130 ALA 130 85  85  ALA ALA A . n 
A 1 131 PHE 131 86  86  PHE PHE A . n 
A 1 132 ALA 132 87  87  ALA ALA A . n 
A 1 133 HIS 133 88  88  HIS HIS A . n 
A 1 134 GLN 134 89  89  GLN GLN A . n 
A 1 135 PRO 135 90  90  PRO PRO A . n 
A 1 136 THR 136 91  91  THR THR A . n 
A 1 137 PHE 137 92  92  PHE PHE A . n 
A 1 138 SER 138 93  93  SER SER A . n 
A 1 139 ARG 139 94  94  ARG ARG A . n 
A 1 140 ILE 140 95  95  ILE ILE A . n 
A 1 141 SER 141 96  96  SER SER A . n 
A 1 142 ARG 142 97  97  ARG ARG A . n 
A 1 143 PRO 143 98  98  PRO PRO A . n 
A 1 144 PHE 144 99  99  PHE PHE A . n 
A 1 145 SER 145 100 100 SER SER A . n 
A 1 146 ALA 146 101 101 ALA ALA A . n 
A 1 147 GLY 147 102 102 GLY GLY A . n 
A 1 148 ILE 148 103 103 ILE ILE A . n 
A 1 149 MET 149 104 104 MET MET A . n 
A 1 150 PHE 150 105 105 PHE PHE A . n 
A 1 151 PHE 151 106 106 PHE PHE A . n 
A 1 152 SER 152 107 107 SER SER A . n 
A 1 153 SER 153 108 108 SER SER A . n 
A 1 154 THR 154 109 109 THR THR A . n 
A 1 155 LEU 155 110 110 LEU LEU A . n 
A 1 156 PHE 156 111 111 PHE PHE A . n 
A 1 157 VAL 157 112 112 VAL VAL A . n 
A 1 158 VAL 158 113 113 VAL VAL A . n 
A 1 159 LEU 159 114 114 LEU LEU A . n 
A 1 160 ALA 160 115 115 ALA ALA A . n 
A 1 161 LEU 161 116 116 LEU LEU A . n 
A 1 162 ALA 162 117 117 ALA ALA A . n 
A 1 163 ILE 163 118 118 ILE ILE A . n 
A 1 164 TYR 164 119 119 TYR TYR A . n 
A 1 165 THR 165 120 120 THR THR A . n 
A 1 166 GLY 166 121 121 GLY GLY A . n 
A 1 167 VAL 167 122 122 VAL VAL A . n 
A 1 168 THR 168 123 123 THR THR A . n 
A 1 169 VAL 169 124 124 VAL VAL A . n 
A 1 170 SER 170 125 125 SER SER A . n 
A 1 171 PHE 171 126 126 PHE PHE A . n 
A 1 172 LEU 172 127 127 LEU LEU A . n 
A 1 173 GLY 173 128 128 GLY GLY A . n 
A 1 174 ARG 174 129 129 ARG ARG A . n 
A 1 175 ARG 175 130 130 ARG ARG A . n 
A 1 176 PHE 176 131 131 PHE PHE A . n 
A 1 177 GLY 177 132 132 GLY GLY A . n 
A 1 178 ASP 178 133 133 ASP ASP A . n 
A 1 179 TRP 179 134 134 TRP TRP A . n 
A 1 180 ARG 180 135 135 ARG ARG A . n 
A 1 181 PHE 181 136 136 PHE PHE A . n 
A 1 182 SER 182 137 137 SER SER A . n 
A 1 183 TRP 183 138 138 TRP TRP A . n 
A 1 184 SER 184 139 139 SER SER A . n 
A 1 185 TYR 185 140 140 TYR TYR A . n 
A 1 186 ILE 186 141 141 ILE ILE A . n 
A 1 187 LEU 187 142 142 LEU LEU A . n 
A 1 188 GLY 188 143 143 GLY GLY A . n 
A 1 189 TRP 189 144 144 TRP TRP A . n 
A 1 190 VAL 190 145 145 VAL VAL A . n 
A 1 191 ALA 191 146 146 ALA ALA A . n 
A 1 192 VAL 192 147 147 VAL VAL A . n 
A 1 193 LEU 193 148 148 LEU LEU A . n 
A 1 194 MET 194 149 149 MET MET A . n 
A 1 195 THR 195 150 150 THR THR A . n 
A 1 196 PHE 196 151 151 PHE PHE A . n 
A 1 197 PHE 197 152 152 PHE PHE A . n 
A 1 198 ALA 198 153 153 ALA ALA A . n 
A 1 199 GLY 199 154 154 GLY GLY A . n 
A 1 200 ILE 200 155 155 ILE ILE A . n 
A 1 201 PHE 201 156 156 PHE PHE A . n 
A 1 202 TYR 202 157 157 TYR TYR A . n 
A 1 203 MET 203 158 158 MET MET A . n 
A 1 204 CYS 204 159 159 CYS CYS A . n 
A 1 205 ALA 205 160 160 ALA ALA A . n 
A 1 206 TYR 206 161 161 TYR TYR A . n 
A 1 207 ARG 207 162 162 ARG ARG A . n 
A 1 208 VAL 208 163 163 VAL VAL A . n 
A 1 209 HIS 209 164 164 HIS HIS A . n 
A 1 210 GLU 210 165 165 GLU GLU A . n 
A 1 211 CYS 211 166 166 CYS CYS A . n 
A 1 212 ARG 212 167 ?   ?   ?   A . n 
A 1 213 ARG 213 168 ?   ?   ?   A . n 
A 1 214 LEU 214 169 ?   ?   ?   A . n 
A 1 215 SER 215 170 ?   ?   ?   A . n 
A 1 216 THR 216 171 ?   ?   ?   A . n 
A 1 217 PRO 217 172 ?   ?   ?   A . n 
A 1 218 ARG 218 173 ?   ?   ?   A . n 
# 
_software.citation_id            ? 
_software.classification         'data scaling' 
_software.compiler_name          ? 
_software.compiler_version       ? 
_software.contact_author         ? 
_software.contact_author_email   ? 
_software.date                   ? 
_software.dependencies           ? 
_software.description            ? 
_software.hardware               ? 
_software.language               ? 
_software.location               ? 
_software.mods                   ? 
_software.name                   XSCALE 
_software.os                     ? 
_software.os_version             ? 
_software.pdbx_ordinal           1 
_software.type                   ? 
_software.version                . 
# 
_cell.angle_alpha                  90.000 
_cell.angle_alpha_esd              ? 
_cell.angle_beta                   90.000 
_cell.angle_beta_esd               ? 
_cell.angle_gamma                  90.000 
_cell.angle_gamma_esd              ? 
_cell.entry_id                     9CBV 
_cell.details                      ? 
_cell.formula_units_Z              ? 
_cell.length_a                     56.180 
_cell.length_a_esd                 ? 
_cell.length_b                     56.180 
_cell.length_b_esd                 ? 
_cell.length_c                     142.500 
_cell.length_c_esd                 ? 
_cell.volume                       449757.417 
_cell.volume_esd                   ? 
_cell.Z_PDB                        8 
_cell.reciprocal_angle_alpha       ? 
_cell.reciprocal_angle_beta        ? 
_cell.reciprocal_angle_gamma       ? 
_cell.reciprocal_angle_alpha_esd   ? 
_cell.reciprocal_angle_beta_esd    ? 
_cell.reciprocal_angle_gamma_esd   ? 
_cell.reciprocal_length_a          ? 
_cell.reciprocal_length_b          ? 
_cell.reciprocal_length_c          ? 
_cell.reciprocal_length_a_esd      ? 
_cell.reciprocal_length_b_esd      ? 
_cell.reciprocal_length_c_esd      ? 
_cell.pdbx_unique_axis             ? 
_cell.pdbx_esd_method              ? 
# 
_symmetry.entry_id                         9CBV 
_symmetry.cell_setting                     ? 
_symmetry.Int_Tables_number                90 
_symmetry.space_group_name_Hall            'P 4ab 2ab' 
_symmetry.space_group_name_H-M             'P 4 21 2' 
_symmetry.pdbx_full_space_group_name_H-M   ? 
# 
_exptl.absorpt_coefficient_mu     ? 
_exptl.absorpt_correction_T_max   ? 
_exptl.absorpt_correction_T_min   ? 
_exptl.absorpt_correction_type    ? 
_exptl.absorpt_process_details    ? 
_exptl.entry_id                   9CBV 
_exptl.crystals_number            ? 
_exptl.details                    ? 
_exptl.method                     'ELECTRON CRYSTALLOGRAPHY' 
_exptl.method_details             ? 
# 
_reflns.B_iso_Wilson_estimate                          100.39 
_reflns.entry_id                                       9CBV 
_reflns.data_reduction_details                         ? 
_reflns.data_reduction_method                          ? 
_reflns.d_resolution_high                              ? 
_reflns.d_resolution_low                               ? 
_reflns.details                                        ? 
_reflns.limit_h_max                                    ? 
_reflns.limit_h_min                                    ? 
_reflns.limit_k_max                                    ? 
_reflns.limit_k_min                                    ? 
_reflns.limit_l_max                                    ? 
_reflns.limit_l_min                                    ? 
_reflns.number_all                                     ? 
_reflns.number_obs                                     ? 
_reflns.observed_criterion                             ? 
_reflns.observed_criterion_F_max                       ? 
_reflns.observed_criterion_F_min                       ? 
_reflns.observed_criterion_I_max                       ? 
_reflns.observed_criterion_I_min                       ? 
_reflns.observed_criterion_sigma_F                     ? 
_reflns.observed_criterion_sigma_I                     ? 
_reflns.percent_possible_obs                           ? 
_reflns.R_free_details                                 ? 
_reflns.Rmerge_F_all                                   ? 
_reflns.Rmerge_F_obs                                   ? 
_reflns.Friedel_coverage                               ? 
_reflns.number_gt                                      ? 
_reflns.threshold_expression                           ? 
_reflns.pdbx_redundancy                                ? 
_reflns.pdbx_netI_over_av_sigmaI                       ? 
_reflns.pdbx_netI_over_sigmaI                          ? 
_reflns.pdbx_res_netI_over_av_sigmaI_2                 ? 
_reflns.pdbx_res_netI_over_sigmaI_2                    ? 
_reflns.pdbx_chi_squared                               ? 
_reflns.pdbx_scaling_rejects                           ? 
_reflns.pdbx_d_res_high_opt                            ? 
_reflns.pdbx_d_res_low_opt                             ? 
_reflns.pdbx_d_res_opt_method                          ? 
_reflns.phase_calculation_details                      ? 
_reflns.pdbx_Rrim_I_all                                ? 
_reflns.pdbx_Rpim_I_all                                ? 
_reflns.pdbx_d_opt                                     ? 
_reflns.pdbx_number_measured_all                       ? 
_reflns.pdbx_diffrn_id                                 1 
_reflns.pdbx_ordinal                                   1 
_reflns.pdbx_CC_half                                   ? 
_reflns.pdbx_CC_star                                   ? 
_reflns.pdbx_R_split                                   ? 
_reflns.pdbx_Rmerge_I_obs                              ? 
_reflns.pdbx_Rmerge_I_all                              ? 
_reflns.pdbx_Rsym_value                                ? 
_reflns.pdbx_CC_split_method                           ? 
_reflns.pdbx_aniso_diffraction_limit_axis_1_ortho[1]   ? 
_reflns.pdbx_aniso_diffraction_limit_axis_1_ortho[2]   ? 
_reflns.pdbx_aniso_diffraction_limit_axis_1_ortho[3]   ? 
_reflns.pdbx_aniso_diffraction_limit_axis_2_ortho[1]   ? 
_reflns.pdbx_aniso_diffraction_limit_axis_2_ortho[2]   ? 
_reflns.pdbx_aniso_diffraction_limit_axis_2_ortho[3]   ? 
_reflns.pdbx_aniso_diffraction_limit_axis_3_ortho[1]   ? 
_reflns.pdbx_aniso_diffraction_limit_axis_3_ortho[2]   ? 
_reflns.pdbx_aniso_diffraction_limit_axis_3_ortho[3]   ? 
_reflns.pdbx_aniso_diffraction_limit_1                 ? 
_reflns.pdbx_aniso_diffraction_limit_2                 ? 
_reflns.pdbx_aniso_diffraction_limit_3                 ? 
_reflns.pdbx_aniso_B_tensor_eigenvector_1_ortho[1]     ? 
_reflns.pdbx_aniso_B_tensor_eigenvector_1_ortho[2]     ? 
_reflns.pdbx_aniso_B_tensor_eigenvector_1_ortho[3]     ? 
_reflns.pdbx_aniso_B_tensor_eigenvector_2_ortho[1]     ? 
_reflns.pdbx_aniso_B_tensor_eigenvector_2_ortho[2]     ? 
_reflns.pdbx_aniso_B_tensor_eigenvector_2_ortho[3]     ? 
_reflns.pdbx_aniso_B_tensor_eigenvector_3_ortho[1]     ? 
_reflns.pdbx_aniso_B_tensor_eigenvector_3_ortho[2]     ? 
_reflns.pdbx_aniso_B_tensor_eigenvector_3_ortho[3]     ? 
_reflns.pdbx_aniso_B_tensor_eigenvalue_1               ? 
_reflns.pdbx_aniso_B_tensor_eigenvalue_2               ? 
_reflns.pdbx_aniso_B_tensor_eigenvalue_3               ? 
_reflns.pdbx_orthogonalization_convention              ? 
_reflns.pdbx_percent_possible_ellipsoidal              ? 
_reflns.pdbx_percent_possible_spherical                ? 
_reflns.pdbx_percent_possible_ellipsoidal_anomalous    ? 
_reflns.pdbx_percent_possible_spherical_anomalous      ? 
_reflns.pdbx_redundancy_anomalous                      ? 
_reflns.pdbx_CC_half_anomalous                         ? 
_reflns.pdbx_absDiff_over_sigma_anomalous              ? 
_reflns.pdbx_percent_possible_anomalous                ? 
_reflns.pdbx_observed_signal_threshold                 ? 
_reflns.pdbx_signal_type                               ? 
_reflns.pdbx_signal_details                            ? 
_reflns.pdbx_signal_software_id                        ? 
# 
_refine.aniso_B[1][1]                            ? 
_refine.aniso_B[1][2]                            ? 
_refine.aniso_B[1][3]                            ? 
_refine.aniso_B[2][2]                            ? 
_refine.aniso_B[2][3]                            ? 
_refine.aniso_B[3][3]                            ? 
_refine.B_iso_max                                ? 
_refine.B_iso_mean                               88.55 
_refine.B_iso_min                                ? 
_refine.correlation_coeff_Fo_to_Fc               ? 
_refine.correlation_coeff_Fo_to_Fc_free          ? 
_refine.details                                  ? 
_refine.diff_density_max                         ? 
_refine.diff_density_max_esd                     ? 
_refine.diff_density_min                         ? 
_refine.diff_density_min_esd                     ? 
_refine.diff_density_rms                         ? 
_refine.diff_density_rms_esd                     ? 
_refine.entry_id                                 9CBV 
_refine.pdbx_refine_id                           'ELECTRON CRYSTALLOGRAPHY' 
_refine.ls_abs_structure_details                 ? 
_refine.ls_abs_structure_Flack                   ? 
_refine.ls_abs_structure_Flack_esd               ? 
_refine.ls_abs_structure_Rogers                  ? 
_refine.ls_abs_structure_Rogers_esd              ? 
_refine.ls_d_res_high                            3.50 
_refine.ls_d_res_low                             52.26 
_refine.ls_extinction_coef                       ? 
_refine.ls_extinction_coef_esd                   ? 
_refine.ls_extinction_expression                 ? 
_refine.ls_extinction_method                     ? 
_refine.ls_goodness_of_fit_all                   ? 
_refine.ls_goodness_of_fit_all_esd               ? 
_refine.ls_goodness_of_fit_obs                   ? 
_refine.ls_goodness_of_fit_obs_esd               ? 
_refine.ls_hydrogen_treatment                    ? 
_refine.ls_matrix_type                           ? 
_refine.ls_number_constraints                    ? 
_refine.ls_number_parameters                     ? 
_refine.ls_number_reflns_all                     ? 
_refine.ls_number_reflns_obs                     2795 
_refine.ls_number_reflns_R_free                  151 
_refine.ls_number_reflns_R_work                  2644 
_refine.ls_number_restraints                     ? 
_refine.ls_percent_reflns_obs                    86.27 
_refine.ls_percent_reflns_R_free                 5.40 
_refine.ls_R_factor_all                          ? 
_refine.ls_R_factor_obs                          0.3330 
_refine.ls_R_factor_R_free                       0.3510 
_refine.ls_R_factor_R_free_error                 ? 
_refine.ls_R_factor_R_free_error_details         ? 
_refine.ls_R_factor_R_work                       0.3316 
_refine.ls_R_Fsqd_factor_obs                     ? 
_refine.ls_R_I_factor_obs                        ? 
_refine.ls_redundancy_reflns_all                 ? 
_refine.ls_redundancy_reflns_obs                 ? 
_refine.ls_restrained_S_all                      ? 
_refine.ls_restrained_S_obs                      ? 
_refine.ls_shift_over_esd_max                    ? 
_refine.ls_shift_over_esd_mean                   ? 
_refine.ls_structure_factor_coef                 ? 
_refine.ls_weighting_details                     ? 
_refine.ls_weighting_scheme                      ? 
_refine.ls_wR_factor_all                         ? 
_refine.ls_wR_factor_obs                         ? 
_refine.ls_wR_factor_R_free                      ? 
_refine.ls_wR_factor_R_work                      ? 
_refine.occupancy_max                            ? 
_refine.occupancy_min                            ? 
_refine.solvent_model_details                    'FLAT BULK SOLVENT MODEL' 
_refine.solvent_model_param_bsol                 ? 
_refine.solvent_model_param_ksol                 ? 
_refine.pdbx_R_complete                          ? 
_refine.ls_R_factor_gt                           ? 
_refine.ls_goodness_of_fit_gt                    ? 
_refine.ls_goodness_of_fit_ref                   ? 
_refine.ls_shift_over_su_max                     ? 
_refine.ls_shift_over_su_max_lt                  ? 
_refine.ls_shift_over_su_mean                    ? 
_refine.ls_shift_over_su_mean_lt                 ? 
_refine.pdbx_ls_sigma_I                          ? 
_refine.pdbx_ls_sigma_F                          1.34 
_refine.pdbx_ls_sigma_Fsqd                       ? 
_refine.pdbx_data_cutoff_high_absF               ? 
_refine.pdbx_data_cutoff_high_rms_absF           ? 
_refine.pdbx_data_cutoff_low_absF                ? 
_refine.pdbx_isotropic_thermal_model             ? 
_refine.pdbx_ls_cross_valid_method               'FREE R-VALUE' 
_refine.pdbx_method_to_determine_struct          ? 
_refine.pdbx_starting_model                      ? 
_refine.pdbx_stereochemistry_target_values       'GeoStd + Monomer Library + CDL v1.2' 
_refine.pdbx_R_Free_selection_details            ? 
_refine.pdbx_stereochem_target_val_spec_case     ? 
_refine.pdbx_overall_ESU_R                       ? 
_refine.pdbx_overall_ESU_R_Free                  ? 
_refine.pdbx_solvent_vdw_probe_radii             0.6000 
_refine.pdbx_solvent_ion_probe_radii             ? 
_refine.pdbx_solvent_shrinkage_radii             0.0000 
_refine.pdbx_real_space_R                        ? 
_refine.pdbx_density_correlation                 ? 
_refine.pdbx_pd_number_of_powder_patterns        ? 
_refine.pdbx_pd_number_of_points                 ? 
_refine.pdbx_pd_meas_number_of_points            ? 
_refine.pdbx_pd_proc_ls_prof_R_factor            ? 
_refine.pdbx_pd_proc_ls_prof_wR_factor           ? 
_refine.pdbx_pd_Marquardt_correlation_coeff      ? 
_refine.pdbx_pd_Fsqrd_R_factor                   ? 
_refine.pdbx_pd_ls_matrix_band_width             ? 
_refine.pdbx_overall_phase_error                 28.8438 
_refine.pdbx_overall_SU_R_free_Cruickshank_DPI   ? 
_refine.pdbx_overall_SU_R_free_Blow_DPI          ? 
_refine.pdbx_overall_SU_R_Blow_DPI               ? 
_refine.pdbx_TLS_residual_ADP_flag               ? 
_refine.pdbx_diffrn_id                           1 
_refine.overall_SU_B                             ? 
_refine.overall_SU_ML                            0.4707 
_refine.overall_SU_R_Cruickshank_DPI             ? 
_refine.overall_SU_R_free                        ? 
_refine.overall_FOM_free_R_set                   ? 
_refine.overall_FOM_work_R_set                   ? 
_refine.pdbx_average_fsc_overall                 ? 
_refine.pdbx_average_fsc_work                    ? 
_refine.pdbx_average_fsc_free                    ? 
# 
_refine_hist.pdbx_refine_id                   'ELECTRON CRYSTALLOGRAPHY' 
_refine_hist.cycle_id                         LAST 
_refine_hist.details                          ? 
_refine_hist.d_res_high                       3.50 
_refine_hist.d_res_low                        52.26 
_refine_hist.number_atoms_solvent             0 
_refine_hist.number_atoms_total               1323 
_refine_hist.number_reflns_all                ? 
_refine_hist.number_reflns_obs                ? 
_refine_hist.number_reflns_R_free             ? 
_refine_hist.number_reflns_R_work             ? 
_refine_hist.R_factor_all                     ? 
_refine_hist.R_factor_obs                     ? 
_refine_hist.R_factor_R_free                  ? 
_refine_hist.R_factor_R_work                  ? 
_refine_hist.pdbx_number_residues_total       ? 
_refine_hist.pdbx_B_iso_mean_ligand           ? 
_refine_hist.pdbx_B_iso_mean_solvent          ? 
_refine_hist.pdbx_number_atoms_protein        1323 
_refine_hist.pdbx_number_atoms_nucleic_acid   0 
_refine_hist.pdbx_number_atoms_ligand         0 
_refine_hist.pdbx_number_atoms_lipid          ? 
_refine_hist.pdbx_number_atoms_carb           ? 
_refine_hist.pdbx_pseudo_atom_details         ? 
# 
loop_
_refine_ls_restr.pdbx_refine_id 
_refine_ls_restr.criterion 
_refine_ls_restr.dev_ideal 
_refine_ls_restr.dev_ideal_target 
_refine_ls_restr.number 
_refine_ls_restr.rejects 
_refine_ls_restr.type 
_refine_ls_restr.weight 
_refine_ls_restr.pdbx_restraint_function 
'ELECTRON CRYSTALLOGRAPHY' ? 0.0015 ? 1367 ? f_bond_d           ? ? 
'ELECTRON CRYSTALLOGRAPHY' ? 0.3401 ? 1853 ? f_angle_d          ? ? 
'ELECTRON CRYSTALLOGRAPHY' ? 0.0307 ? 197  ? f_chiral_restr     ? ? 
'ELECTRON CRYSTALLOGRAPHY' ? 0.0029 ? 222  ? f_plane_restr      ? ? 
'ELECTRON CRYSTALLOGRAPHY' ? 4.2035 ? 183  ? f_dihedral_angle_d ? ? 
# 
_refine_ls_shell.pdbx_refine_id                   'ELECTRON CRYSTALLOGRAPHY' 
_refine_ls_shell.d_res_high                       3.50 
_refine_ls_shell.d_res_low                        52.26 
_refine_ls_shell.number_reflns_all                ? 
_refine_ls_shell.number_reflns_obs                ? 
_refine_ls_shell.number_reflns_R_free             151 
_refine_ls_shell.number_reflns_R_work             2644 
_refine_ls_shell.percent_reflns_obs               86.27 
_refine_ls_shell.percent_reflns_R_free            ? 
_refine_ls_shell.R_factor_all                     ? 
_refine_ls_shell.R_factor_obs                     ? 
_refine_ls_shell.R_factor_R_free_error            ? 
_refine_ls_shell.R_factor_R_work                  0.3316 
_refine_ls_shell.redundancy_reflns_all            ? 
_refine_ls_shell.redundancy_reflns_obs            ? 
_refine_ls_shell.wR_factor_all                    ? 
_refine_ls_shell.wR_factor_obs                    ? 
_refine_ls_shell.wR_factor_R_free                 ? 
_refine_ls_shell.wR_factor_R_work                 ? 
_refine_ls_shell.pdbx_R_complete                  ? 
_refine_ls_shell.pdbx_total_number_of_bins_used   ? 
_refine_ls_shell.pdbx_phase_error                 ? 
_refine_ls_shell.pdbx_fsc_work                    ? 
_refine_ls_shell.pdbx_fsc_free                    ? 
_refine_ls_shell.R_factor_R_free                  0.3510 
# 
_struct.entry_id                     9CBV 
_struct.title                        'MicroED structure of the human MP20 protein' 
_struct.pdbx_model_details           ? 
_struct.pdbx_formula_weight          ? 
_struct.pdbx_formula_weight_method   ? 
_struct.pdbx_model_type_details      ? 
_struct.pdbx_CASP_flag               N 
# 
_struct_keywords.entry_id        9CBV 
_struct_keywords.text            'Lens, Cataract, MicroED, Tetraspanin, CELL ADHESION' 
_struct_keywords.pdbx_keywords   'CELL ADHESION' 
# 
_struct_asym.id                            A 
_struct_asym.pdbx_blank_PDB_chainid_flag   N 
_struct_asym.pdbx_modified                 N 
_struct_asym.entity_id                     1 
_struct_asym.details                       ? 
# 
_struct_ref.id                         1 
_struct_ref.db_name                    UNP 
_struct_ref.db_code                    LMIP_HUMAN 
_struct_ref.pdbx_db_accession          P55344 
_struct_ref.pdbx_db_isoform            ? 
_struct_ref.entity_id                  1 
_struct_ref.pdbx_seq_one_letter_code   
;MYSFMGGGLFCAWVGTILLVVAMATDHWMQYRLSGSFAHQGLWRYCLGNKCYLQTDSIAYWNATRAFMILSALCAISGII
MGIMAFAHQPTFSRISRPFSAGIMFFSSTLFVVLALAIYTGVTVSFLGRRFGDWRFSWSYILGWVAVLMTFFAGIFYMCA
YRVHECRRLSTPR
;
_struct_ref.pdbx_align_begin           1 
# 
_struct_ref_seq.align_id                      1 
_struct_ref_seq.ref_id                        1 
_struct_ref_seq.pdbx_PDB_id_code              9CBV 
_struct_ref_seq.pdbx_strand_id                A 
_struct_ref_seq.seq_align_beg                 46 
_struct_ref_seq.pdbx_seq_align_beg_ins_code   ? 
_struct_ref_seq.seq_align_end                 218 
_struct_ref_seq.pdbx_seq_align_end_ins_code   ? 
_struct_ref_seq.pdbx_db_accession             P55344 
_struct_ref_seq.db_align_beg                  1 
_struct_ref_seq.pdbx_db_align_beg_ins_code    ? 
_struct_ref_seq.db_align_end                  173 
_struct_ref_seq.pdbx_db_align_end_ins_code    ? 
_struct_ref_seq.pdbx_auth_seq_align_beg       1 
_struct_ref_seq.pdbx_auth_seq_align_end       173 
# 
loop_
_struct_ref_seq_dif.align_id 
_struct_ref_seq_dif.pdbx_pdb_id_code 
_struct_ref_seq_dif.mon_id 
_struct_ref_seq_dif.pdbx_pdb_strand_id 
_struct_ref_seq_dif.seq_num 
_struct_ref_seq_dif.pdbx_pdb_ins_code 
_struct_ref_seq_dif.pdbx_seq_db_name 
_struct_ref_seq_dif.pdbx_seq_db_accession_code 
_struct_ref_seq_dif.db_mon_id 
_struct_ref_seq_dif.pdbx_seq_db_seq_num 
_struct_ref_seq_dif.details 
_struct_ref_seq_dif.pdbx_auth_seq_num 
_struct_ref_seq_dif.pdbx_ordinal 
1 9CBV MET A 1  ? UNP P55344 ? ? 'initiating methionine'  -44 1  
1 9CBV LYS A 2  ? UNP P55344 ? ? 'expression tag'         -43 2  
1 9CBV THR A 3  ? UNP P55344 ? ? 'expression tag'         -42 3  
1 9CBV ILE A 4  ? UNP P55344 ? ? 'expression tag'         -41 4  
1 9CBV ILE A 5  ? UNP P55344 ? ? 'expression tag'         -40 5  
1 9CBV ALA A 6  ? UNP P55344 ? ? 'expression tag'         -39 6  
1 9CBV LEU A 7  ? UNP P55344 ? ? 'expression tag'         -38 7  
1 9CBV SER A 8  ? UNP P55344 ? ? 'expression tag'         -37 8  
1 9CBV TYR A 9  ? UNP P55344 ? ? 'expression tag'         -36 9  
1 9CBV ILE A 10 ? UNP P55344 ? ? 'expression tag'         -35 10 
1 9CBV PHE A 11 ? UNP P55344 ? ? 'expression tag'         -34 11 
1 9CBV CYS A 12 ? UNP P55344 ? ? 'expression tag'         -33 12 
1 9CBV LEU A 13 ? UNP P55344 ? ? 'expression tag'         -32 13 
1 9CBV VAL A 14 ? UNP P55344 ? ? 'expression tag'         -31 14 
1 9CBV PHE A 15 ? UNP P55344 ? ? 'expression tag'         -30 15 
1 9CBV ALA A 16 ? UNP P55344 ? ? 'expression tag'         -29 16 
1 9CBV ASP A 17 ? UNP P55344 ? ? 'flag tag'               -28 17 
1 9CBV TYR A 18 ? UNP P55344 ? ? 'flag tag'               -27 18 
1 9CBV LYS A 19 ? UNP P55344 ? ? 'flag tag'               -26 19 
1 9CBV ASP A 20 ? UNP P55344 ? ? 'flag tag'               -25 20 
1 9CBV ASP A 21 ? UNP P55344 ? ? 'flag tag'               -24 21 
1 9CBV ASP A 22 ? UNP P55344 ? ? 'flag tag'               -23 22 
1 9CBV ASP A 23 ? UNP P55344 ? ? 'flag tag'               -22 23 
1 9CBV ALA A 24 ? UNP P55344 ? ? 'flag tag'               -21 24 
1 9CBV LYS A 25 ? UNP P55344 ? ? 'flag tag'               -20 25 
1 9CBV LEU A 26 ? UNP P55344 ? ? linker                   -19 26 
1 9CBV GLN A 27 ? UNP P55344 ? ? linker                   -18 27 
1 9CBV THR A 28 ? UNP P55344 ? ? linker                   -17 28 
1 9CBV MET A 29 ? UNP P55344 ? ? linker                   -16 29 
1 9CBV HIS A 30 ? UNP P55344 ? ? 'histidine tag'          -15 30 
1 9CBV HIS A 31 ? UNP P55344 ? ? 'histidine tag'          -14 31 
1 9CBV HIS A 32 ? UNP P55344 ? ? 'histidine tag'          -13 32 
1 9CBV HIS A 33 ? UNP P55344 ? ? 'histidine tag'          -12 33 
1 9CBV HIS A 34 ? UNP P55344 ? ? 'histidine tag'          -11 34 
1 9CBV HIS A 35 ? UNP P55344 ? ? 'histidine tag'          -10 35 
1 9CBV HIS A 36 ? UNP P55344 ? ? 'histidine tag'          -9  36 
1 9CBV HIS A 37 ? UNP P55344 ? ? 'histidine tag'          -8  37 
1 9CBV HIS A 38 ? UNP P55344 ? ? 'histidine tag'          -7  38 
1 9CBV HIS A 39 ? UNP P55344 ? ? 'histidine tag'          -6  39 
1 9CBV LEU A 40 ? UNP P55344 ? ? 'protease cleavage site' -5  40 
1 9CBV GLU A 41 ? UNP P55344 ? ? 'protease cleavage site' -4  41 
1 9CBV VAL A 42 ? UNP P55344 ? ? 'protease cleavage site' -3  42 
1 9CBV LEU A 43 ? UNP P55344 ? ? 'protease cleavage site' -2  43 
1 9CBV PHE A 44 ? UNP P55344 ? ? 'protease cleavage site' -1  44 
1 9CBV GLN A 45 ? UNP P55344 ? ? 'protease cleavage site' 0   45 
# 
_pdbx_struct_assembly.id                   1 
_pdbx_struct_assembly.details              author_defined_assembly 
_pdbx_struct_assembly.method_details       ? 
_pdbx_struct_assembly.oligomeric_details   monomeric 
_pdbx_struct_assembly.oligomeric_count     1 
# 
_pdbx_struct_assembly_gen.assembly_id       1 
_pdbx_struct_assembly_gen.oper_expression   1 
_pdbx_struct_assembly_gen.asym_id_list      A 
# 
_pdbx_struct_oper_list.id                   1 
_pdbx_struct_oper_list.type                 'identity operation' 
_pdbx_struct_oper_list.name                 1_555 
_pdbx_struct_oper_list.symmetry_operation   x,y,z 
_pdbx_struct_oper_list.matrix[1][1]         1.0000000000 
_pdbx_struct_oper_list.matrix[1][2]         0.0000000000 
_pdbx_struct_oper_list.matrix[1][3]         0.0000000000 
_pdbx_struct_oper_list.vector[1]            0.0000000000 
_pdbx_struct_oper_list.matrix[2][1]         0.0000000000 
_pdbx_struct_oper_list.matrix[2][2]         1.0000000000 
_pdbx_struct_oper_list.matrix[2][3]         0.0000000000 
_pdbx_struct_oper_list.vector[2]            0.0000000000 
_pdbx_struct_oper_list.matrix[3][1]         0.0000000000 
_pdbx_struct_oper_list.matrix[3][2]         0.0000000000 
_pdbx_struct_oper_list.matrix[3][3]         1.0000000000 
_pdbx_struct_oper_list.vector[3]            0.0000000000 
# 
loop_
_struct_conf.conf_type_id 
_struct_conf.id 
_struct_conf.pdbx_PDB_helix_id 
_struct_conf.beg_label_comp_id 
_struct_conf.beg_label_asym_id 
_struct_conf.beg_label_seq_id 
_struct_conf.pdbx_beg_PDB_ins_code 
_struct_conf.end_label_comp_id 
_struct_conf.end_label_asym_id 
_struct_conf.end_label_seq_id 
_struct_conf.pdbx_end_PDB_ins_code 
_struct_conf.beg_auth_comp_id 
_struct_conf.beg_auth_asym_id 
_struct_conf.beg_auth_seq_id 
_struct_conf.end_auth_comp_id 
_struct_conf.end_auth_asym_id 
_struct_conf.end_auth_seq_id 
_struct_conf.pdbx_PDB_helix_class 
_struct_conf.details 
_struct_conf.pdbx_PDB_helix_length 
HELX_P HELX_P1 AA1 TYR A 47  ? VAL A 66  ? TYR A 2   VAL A 21  1 ? 20 
HELX_P HELX_P2 AA2 ILE A 103 ? ALA A 132 ? ILE A 58  ALA A 87  1 ? 30 
HELX_P HELX_P3 AA3 PHE A 144 ? LEU A 159 ? PHE A 99  LEU A 114 1 ? 16 
HELX_P HELX_P4 AA4 LEU A 159 ? LEU A 172 ? LEU A 114 LEU A 127 1 ? 14 
HELX_P HELX_P5 AA5 SER A 182 ? CYS A 211 ? SER A 137 CYS A 166 1 ? 30 
# 
_struct_conf_type.id          HELX_P 
_struct_conf_type.criteria    ? 
_struct_conf_type.reference   ? 
# 
_struct_sheet.id               AA1 
_struct_sheet.type             ? 
_struct_sheet.number_strands   2 
_struct_sheet.details          ? 
# 
_struct_sheet_order.sheet_id     AA1 
_struct_sheet_order.range_id_1   1 
_struct_sheet_order.range_id_2   2 
_struct_sheet_order.offset       ? 
_struct_sheet_order.sense        anti-parallel 
# 
loop_
_struct_sheet_range.sheet_id 
_struct_sheet_range.id 
_struct_sheet_range.beg_label_comp_id 
_struct_sheet_range.beg_label_asym_id 
_struct_sheet_range.beg_label_seq_id 
_struct_sheet_range.pdbx_beg_PDB_ins_code 
_struct_sheet_range.end_label_comp_id 
_struct_sheet_range.end_label_asym_id 
_struct_sheet_range.end_label_seq_id 
_struct_sheet_range.pdbx_end_PDB_ins_code 
_struct_sheet_range.beg_auth_comp_id 
_struct_sheet_range.beg_auth_asym_id 
_struct_sheet_range.beg_auth_seq_id 
_struct_sheet_range.end_auth_comp_id 
_struct_sheet_range.end_auth_asym_id 
_struct_sheet_range.end_auth_seq_id 
AA1 1 TYR A 90 ? CYS A 91 ? TYR A 45 CYS A 46 
AA1 2 CYS A 96 ? TYR A 97 ? CYS A 51 TYR A 52 
# 
_pdbx_struct_sheet_hbond.sheet_id                AA1 
_pdbx_struct_sheet_hbond.range_id_1              1 
_pdbx_struct_sheet_hbond.range_id_2              2 
_pdbx_struct_sheet_hbond.range_1_label_atom_id   N 
_pdbx_struct_sheet_hbond.range_1_label_comp_id   TYR 
_pdbx_struct_sheet_hbond.range_1_label_asym_id   A 
_pdbx_struct_sheet_hbond.range_1_label_seq_id    90 
_pdbx_struct_sheet_hbond.range_1_PDB_ins_code    ? 
_pdbx_struct_sheet_hbond.range_1_auth_atom_id    N 
_pdbx_struct_sheet_hbond.range_1_auth_comp_id    TYR 
_pdbx_struct_sheet_hbond.range_1_auth_asym_id    A 
_pdbx_struct_sheet_hbond.range_1_auth_seq_id     45 
_pdbx_struct_sheet_hbond.range_2_label_atom_id   O 
_pdbx_struct_sheet_hbond.range_2_label_comp_id   TYR 
_pdbx_struct_sheet_hbond.range_2_label_asym_id   A 
_pdbx_struct_sheet_hbond.range_2_label_seq_id    97 
_pdbx_struct_sheet_hbond.range_2_PDB_ins_code    ? 
_pdbx_struct_sheet_hbond.range_2_auth_atom_id    O 
_pdbx_struct_sheet_hbond.range_2_auth_comp_id    TYR 
_pdbx_struct_sheet_hbond.range_2_auth_asym_id    A 
_pdbx_struct_sheet_hbond.range_2_auth_seq_id     52 
# 
_pdbx_entry_details.entry_id                   9CBV 
_pdbx_entry_details.compound_details           ? 
_pdbx_entry_details.source_details             ? 
_pdbx_entry_details.nonpolymer_details         ? 
_pdbx_entry_details.sequence_details           ? 
_pdbx_entry_details.has_ligand_of_interest     ? 
_pdbx_entry_details.has_protein_modification   N 
# 
loop_
_pdbx_validate_torsion.id 
_pdbx_validate_torsion.PDB_model_num 
_pdbx_validate_torsion.auth_comp_id 
_pdbx_validate_torsion.auth_asym_id 
_pdbx_validate_torsion.auth_seq_id 
_pdbx_validate_torsion.PDB_ins_code 
_pdbx_validate_torsion.label_alt_id 
_pdbx_validate_torsion.phi 
_pdbx_validate_torsion.psi 
1  1 VAL A 21  ? ? -84.33  35.04   
2  1 HIS A 27  ? ? -141.89 51.00   
3  1 LEU A 33  ? ? -132.57 -102.20 
4  1 SER A 36  ? ? -160.32 64.50   
5  1 ALA A 38  ? ? -158.26 -132.41 
6  1 TRP A 43  ? ? -79.88  -79.21  
7  1 LEU A 47  ? ? -137.66 -92.81  
8  1 CYS A 51  ? ? -108.54 -168.02 
9  1 THR A 55  ? ? -132.99 -36.91  
10 1 SER A 57  ? ? 59.36   88.57   
11 1 SER A 77  ? ? -81.89  31.09   
12 1 THR A 91  ? ? -136.50 -73.48  
13 1 ILE A 95  ? ? 63.10   107.21  
14 1 PHE A 99  ? ? -155.02 -29.86  
15 1 LEU A 127 ? ? -137.03 -142.78 
16 1 SER A 137 ? ? -86.53  -158.98 
# 
loop_
_space_group_symop.id 
_space_group_symop.operation_xyz 
1 x,y,z           
2 -y+1/2,x+1/2,z  
3 y+1/2,-x+1/2,z  
4 x+1/2,-y+1/2,-z 
5 -x+1/2,y+1/2,-z 
6 -x,-y,z         
7 y,x,-z          
8 -y,-x,-z        
# 
_em_3d_fitting.id                1 
_em_3d_fitting.entry_id          9CBV 
_em_3d_fitting.method            ? 
_em_3d_fitting.target_criteria   ? 
_em_3d_fitting.details           ? 
_em_3d_fitting.overall_b_value   88.55 
_em_3d_fitting.ref_space         RECIPROCAL 
_em_3d_fitting.ref_protocol      OTHER 
# 
_em_3d_fitting_list.id                            1 
_em_3d_fitting_list.3d_fitting_id                 1 
_em_3d_fitting_list.pdb_entry_id                  . 
_em_3d_fitting_list.pdb_chain_id                  . 
_em_3d_fitting_list.pdb_chain_residue_range       . 
_em_3d_fitting_list.details                       'Initially truncated to Poly-A chain' 
_em_3d_fitting_list.chain_id                      ? 
_em_3d_fitting_list.chain_residue_range           ? 
_em_3d_fitting_list.source_name                   AlphaFold 
_em_3d_fitting_list.type                          'in silico model' 
_em_3d_fitting_list.accession_code                ? 
_em_3d_fitting_list.initial_refinement_model_id   ? 
# 
_em_3d_reconstruction.entry_id                    9CBV 
_em_3d_reconstruction.id                          1 
_em_3d_reconstruction.method                      ? 
_em_3d_reconstruction.algorithm                   ? 
_em_3d_reconstruction.citation_id                 ? 
_em_3d_reconstruction.details                     ? 
_em_3d_reconstruction.resolution                  3.5 
_em_3d_reconstruction.resolution_method           'DIFFRACTION PATTERN/LAYERLINES' 
_em_3d_reconstruction.magnification_calibration   ? 
_em_3d_reconstruction.nominal_pixel_size          ? 
_em_3d_reconstruction.actual_pixel_size           ? 
_em_3d_reconstruction.num_particles               ? 
_em_3d_reconstruction.euler_angles_details        ? 
_em_3d_reconstruction.num_class_averages          ? 
_em_3d_reconstruction.refinement_type             ? 
_em_3d_reconstruction.image_processing_id         1 
_em_3d_reconstruction.symmetry_type               '3D CRYSTAL' 
# 
_em_buffer.id            1 
_em_buffer.specimen_id   1 
_em_buffer.name          ? 
_em_buffer.details       ? 
_em_buffer.pH            7.5 
# 
_em_entity_assembly.id                   1 
_em_entity_assembly.parent_id            0 
_em_entity_assembly.source               NATURAL 
_em_entity_assembly.type                 'ORGANELLE OR CELLULAR COMPONENT' 
_em_entity_assembly.name                 'MP20 crystals grown in lipidic cubic phase' 
_em_entity_assembly.details              
;MP20 constructs were expressed in SF9 insect (Spodoptera frugiperda) cells using the Bac-to-bac 251 baculovirus expression system (Invitrogen).
;
_em_entity_assembly.synonym              ? 
_em_entity_assembly.oligomeric_details   ? 
_em_entity_assembly.entity_id_list       1 
# 
_em_image_scans.entry_id                9CBV 
_em_image_scans.id                      1 
_em_image_scans.number_digital_images   ? 
_em_image_scans.details                 ? 
_em_image_scans.scanner_model           ? 
_em_image_scans.sampling_size           14 
_em_image_scans.od_range                ? 
_em_image_scans.quant_bit_size          ? 
_em_image_scans.citation_id             ? 
_em_image_scans.dimension_height        4096 
_em_image_scans.dimension_width         4096 
_em_image_scans.frames_per_image        ? 
_em_image_scans.image_recording_id      1 
_em_image_scans.used_frames_per_image   ? 
# 
_em_imaging.entry_id                        9CBV 
_em_imaging.id                              1 
_em_imaging.astigmatism                     ? 
_em_imaging.electron_beam_tilt_params       ? 
_em_imaging.residual_tilt                   ? 
_em_imaging.microscope_model                'FEI TITAN KRIOS' 
_em_imaging.specimen_holder_type            ? 
_em_imaging.specimen_holder_model           'FEI TITAN KRIOS AUTOGRID HOLDER' 
_em_imaging.details                         ? 
_em_imaging.date                            ? 
_em_imaging.accelerating_voltage            300 
_em_imaging.illumination_mode               'FLOOD BEAM' 
_em_imaging.mode                            DIFFRACTION 
_em_imaging.nominal_cs                      ? 
_em_imaging.nominal_defocus_min             0 
_em_imaging.nominal_defocus_max             0 
_em_imaging.calibrated_defocus_min          ? 
_em_imaging.calibrated_defocus_max          ? 
_em_imaging.tilt_angle_min                  ? 
_em_imaging.tilt_angle_max                  ? 
_em_imaging.nominal_magnification           2500 
_em_imaging.calibrated_magnification        2941 
_em_imaging.electron_source                 'FIELD EMISSION GUN' 
_em_imaging.citation_id                     ? 
_em_imaging.temperature                     ? 
_em_imaging.detector_distance               ? 
_em_imaging.recording_temperature_minimum   ? 
_em_imaging.recording_temperature_maximum   ? 
_em_imaging.alignment_procedure             'COMA FREE' 
_em_imaging.c2_aperture_diameter            50.0 
_em_imaging.specimen_id                     1 
_em_imaging.cryogen                         NITROGEN 
# 
_em_sample_support.id               1 
_em_sample_support.film_material    ? 
_em_sample_support.method           ? 
_em_sample_support.grid_material    COPPER 
_em_sample_support.grid_mesh_size   200 
_em_sample_support.grid_type        'Quantifoil R2/2' 
_em_sample_support.details          ? 
_em_sample_support.specimen_id      1 
_em_sample_support.citation_id      ? 
# 
_em_vitrification.entry_id              9CBV 
_em_vitrification.id                    1 
_em_vitrification.specimen_id           1 
_em_vitrification.cryogen_name          OTHER 
_em_vitrification.humidity              ? 
_em_vitrification.temp                  ? 
_em_vitrification.chamber_temperature   ? 
_em_vitrification.instrument            ? 
_em_vitrification.method                ? 
_em_vitrification.time_resolved_state   ? 
_em_vitrification.citation_id           ? 
_em_vitrification.details               'Frozen in LN2 at ambiant humidity (~40%)' 
# 
_em_experiment.entry_id                9CBV 
_em_experiment.id                      1 
_em_experiment.reconstruction_method   CRYSTALLOGRAPHY 
_em_experiment.aggregation_state       '3D ARRAY' 
_em_experiment.entity_assembly_id      1 
# 
loop_
_pdbx_unobs_or_zero_occ_residues.id 
_pdbx_unobs_or_zero_occ_residues.PDB_model_num 
_pdbx_unobs_or_zero_occ_residues.polymer_flag 
_pdbx_unobs_or_zero_occ_residues.occupancy_flag 
_pdbx_unobs_or_zero_occ_residues.auth_asym_id 
_pdbx_unobs_or_zero_occ_residues.auth_comp_id 
_pdbx_unobs_or_zero_occ_residues.auth_seq_id 
_pdbx_unobs_or_zero_occ_residues.PDB_ins_code 
_pdbx_unobs_or_zero_occ_residues.label_asym_id 
_pdbx_unobs_or_zero_occ_residues.label_comp_id 
_pdbx_unobs_or_zero_occ_residues.label_seq_id 
1  1 Y 1 A MET -44 ? A MET 1   
2  1 Y 1 A LYS -43 ? A LYS 2   
3  1 Y 1 A THR -42 ? A THR 3   
4  1 Y 1 A ILE -41 ? A ILE 4   
5  1 Y 1 A ILE -40 ? A ILE 5   
6  1 Y 1 A ALA -39 ? A ALA 6   
7  1 Y 1 A LEU -38 ? A LEU 7   
8  1 Y 1 A SER -37 ? A SER 8   
9  1 Y 1 A TYR -36 ? A TYR 9   
10 1 Y 1 A ILE -35 ? A ILE 10  
11 1 Y 1 A PHE -34 ? A PHE 11  
12 1 Y 1 A CYS -33 ? A CYS 12  
13 1 Y 1 A LEU -32 ? A LEU 13  
14 1 Y 1 A VAL -31 ? A VAL 14  
15 1 Y 1 A PHE -30 ? A PHE 15  
16 1 Y 1 A ALA -29 ? A ALA 16  
17 1 Y 1 A ASP -28 ? A ASP 17  
18 1 Y 1 A TYR -27 ? A TYR 18  
19 1 Y 1 A LYS -26 ? A LYS 19  
20 1 Y 1 A ASP -25 ? A ASP 20  
21 1 Y 1 A ASP -24 ? A ASP 21  
22 1 Y 1 A ASP -23 ? A ASP 22  
23 1 Y 1 A ASP -22 ? A ASP 23  
24 1 Y 1 A ALA -21 ? A ALA 24  
25 1 Y 1 A LYS -20 ? A LYS 25  
26 1 Y 1 A LEU -19 ? A LEU 26  
27 1 Y 1 A GLN -18 ? A GLN 27  
28 1 Y 1 A THR -17 ? A THR 28  
29 1 Y 1 A MET -16 ? A MET 29  
30 1 Y 1 A HIS -15 ? A HIS 30  
31 1 Y 1 A HIS -14 ? A HIS 31  
32 1 Y 1 A HIS -13 ? A HIS 32  
33 1 Y 1 A HIS -12 ? A HIS 33  
34 1 Y 1 A HIS -11 ? A HIS 34  
35 1 Y 1 A HIS -10 ? A HIS 35  
36 1 Y 1 A HIS -9  ? A HIS 36  
37 1 Y 1 A HIS -8  ? A HIS 37  
38 1 Y 1 A HIS -7  ? A HIS 38  
39 1 Y 1 A HIS -6  ? A HIS 39  
40 1 Y 1 A LEU -5  ? A LEU 40  
41 1 Y 1 A GLU -4  ? A GLU 41  
42 1 Y 1 A VAL -3  ? A VAL 42  
43 1 Y 1 A LEU -2  ? A LEU 43  
44 1 Y 1 A PHE -1  ? A PHE 44  
45 1 Y 1 A GLN 0   ? A GLN 45  
46 1 Y 1 A ARG 167 ? A ARG 212 
47 1 Y 1 A ARG 168 ? A ARG 213 
48 1 Y 1 A LEU 169 ? A LEU 214 
49 1 Y 1 A SER 170 ? A SER 215 
50 1 Y 1 A THR 171 ? A THR 216 
51 1 Y 1 A PRO 172 ? A PRO 217 
52 1 Y 1 A ARG 173 ? A ARG 218 
# 
loop_
_chem_comp_atom.comp_id 
_chem_comp_atom.atom_id 
_chem_comp_atom.type_symbol 
_chem_comp_atom.pdbx_aromatic_flag 
_chem_comp_atom.pdbx_stereo_config 
_chem_comp_atom.pdbx_ordinal 
ALA N    N N N 1   
ALA CA   C N S 2   
ALA C    C N N 3   
ALA O    O N N 4   
ALA CB   C N N 5   
ALA OXT  O N N 6   
ALA H    H N N 7   
ALA H2   H N N 8   
ALA HA   H N N 9   
ALA HB1  H N N 10  
ALA HB2  H N N 11  
ALA HB3  H N N 12  
ALA HXT  H N N 13  
ARG N    N N N 14  
ARG CA   C N S 15  
ARG C    C N N 16  
ARG O    O N N 17  
ARG CB   C N N 18  
ARG CG   C N N 19  
ARG CD   C N N 20  
ARG NE   N N N 21  
ARG CZ   C N N 22  
ARG NH1  N N N 23  
ARG NH2  N N N 24  
ARG OXT  O N N 25  
ARG H    H N N 26  
ARG H2   H N N 27  
ARG HA   H N N 28  
ARG HB2  H N N 29  
ARG HB3  H N N 30  
ARG HG2  H N N 31  
ARG HG3  H N N 32  
ARG HD2  H N N 33  
ARG HD3  H N N 34  
ARG HE   H N N 35  
ARG HH11 H N N 36  
ARG HH12 H N N 37  
ARG HH21 H N N 38  
ARG HH22 H N N 39  
ARG HXT  H N N 40  
ASN N    N N N 41  
ASN CA   C N S 42  
ASN C    C N N 43  
ASN O    O N N 44  
ASN CB   C N N 45  
ASN CG   C N N 46  
ASN OD1  O N N 47  
ASN ND2  N N N 48  
ASN OXT  O N N 49  
ASN H    H N N 50  
ASN H2   H N N 51  
ASN HA   H N N 52  
ASN HB2  H N N 53  
ASN HB3  H N N 54  
ASN HD21 H N N 55  
ASN HD22 H N N 56  
ASN HXT  H N N 57  
ASP N    N N N 58  
ASP CA   C N S 59  
ASP C    C N N 60  
ASP O    O N N 61  
ASP CB   C N N 62  
ASP CG   C N N 63  
ASP OD1  O N N 64  
ASP OD2  O N N 65  
ASP OXT  O N N 66  
ASP H    H N N 67  
ASP H2   H N N 68  
ASP HA   H N N 69  
ASP HB2  H N N 70  
ASP HB3  H N N 71  
ASP HD2  H N N 72  
ASP HXT  H N N 73  
CYS N    N N N 74  
CYS CA   C N R 75  
CYS C    C N N 76  
CYS O    O N N 77  
CYS CB   C N N 78  
CYS SG   S N N 79  
CYS OXT  O N N 80  
CYS H    H N N 81  
CYS H2   H N N 82  
CYS HA   H N N 83  
CYS HB2  H N N 84  
CYS HB3  H N N 85  
CYS HG   H N N 86  
CYS HXT  H N N 87  
GLN N    N N N 88  
GLN CA   C N S 89  
GLN C    C N N 90  
GLN O    O N N 91  
GLN CB   C N N 92  
GLN CG   C N N 93  
GLN CD   C N N 94  
GLN OE1  O N N 95  
GLN NE2  N N N 96  
GLN OXT  O N N 97  
GLN H    H N N 98  
GLN H2   H N N 99  
GLN HA   H N N 100 
GLN HB2  H N N 101 
GLN HB3  H N N 102 
GLN HG2  H N N 103 
GLN HG3  H N N 104 
GLN HE21 H N N 105 
GLN HE22 H N N 106 
GLN HXT  H N N 107 
GLU N    N N N 108 
GLU CA   C N S 109 
GLU C    C N N 110 
GLU O    O N N 111 
GLU CB   C N N 112 
GLU CG   C N N 113 
GLU CD   C N N 114 
GLU OE1  O N N 115 
GLU OE2  O N N 116 
GLU OXT  O N N 117 
GLU H    H N N 118 
GLU H2   H N N 119 
GLU HA   H N N 120 
GLU HB2  H N N 121 
GLU HB3  H N N 122 
GLU HG2  H N N 123 
GLU HG3  H N N 124 
GLU HE2  H N N 125 
GLU HXT  H N N 126 
GLY N    N N N 127 
GLY CA   C N N 128 
GLY C    C N N 129 
GLY O    O N N 130 
GLY OXT  O N N 131 
GLY H    H N N 132 
GLY H2   H N N 133 
GLY HA2  H N N 134 
GLY HA3  H N N 135 
GLY HXT  H N N 136 
HIS N    N N N 137 
HIS CA   C N S 138 
HIS C    C N N 139 
HIS O    O N N 140 
HIS CB   C N N 141 
HIS CG   C Y N 142 
HIS ND1  N Y N 143 
HIS CD2  C Y N 144 
HIS CE1  C Y N 145 
HIS NE2  N Y N 146 
HIS OXT  O N N 147 
HIS H    H N N 148 
HIS H2   H N N 149 
HIS HA   H N N 150 
HIS HB2  H N N 151 
HIS HB3  H N N 152 
HIS HD1  H N N 153 
HIS HD2  H N N 154 
HIS HE1  H N N 155 
HIS HE2  H N N 156 
HIS HXT  H N N 157 
ILE N    N N N 158 
ILE CA   C N S 159 
ILE C    C N N 160 
ILE O    O N N 161 
ILE CB   C N S 162 
ILE CG1  C N N 163 
ILE CG2  C N N 164 
ILE CD1  C N N 165 
ILE OXT  O N N 166 
ILE H    H N N 167 
ILE H2   H N N 168 
ILE HA   H N N 169 
ILE HB   H N N 170 
ILE HG12 H N N 171 
ILE HG13 H N N 172 
ILE HG21 H N N 173 
ILE HG22 H N N 174 
ILE HG23 H N N 175 
ILE HD11 H N N 176 
ILE HD12 H N N 177 
ILE HD13 H N N 178 
ILE HXT  H N N 179 
LEU N    N N N 180 
LEU CA   C N S 181 
LEU C    C N N 182 
LEU O    O N N 183 
LEU CB   C N N 184 
LEU CG   C N N 185 
LEU CD1  C N N 186 
LEU CD2  C N N 187 
LEU OXT  O N N 188 
LEU H    H N N 189 
LEU H2   H N N 190 
LEU HA   H N N 191 
LEU HB2  H N N 192 
LEU HB3  H N N 193 
LEU HG   H N N 194 
LEU HD11 H N N 195 
LEU HD12 H N N 196 
LEU HD13 H N N 197 
LEU HD21 H N N 198 
LEU HD22 H N N 199 
LEU HD23 H N N 200 
LEU HXT  H N N 201 
LYS N    N N N 202 
LYS CA   C N S 203 
LYS C    C N N 204 
LYS O    O N N 205 
LYS CB   C N N 206 
LYS CG   C N N 207 
LYS CD   C N N 208 
LYS CE   C N N 209 
LYS NZ   N N N 210 
LYS OXT  O N N 211 
LYS H    H N N 212 
LYS H2   H N N 213 
LYS HA   H N N 214 
LYS HB2  H N N 215 
LYS HB3  H N N 216 
LYS HG2  H N N 217 
LYS HG3  H N N 218 
LYS HD2  H N N 219 
LYS HD3  H N N 220 
LYS HE2  H N N 221 
LYS HE3  H N N 222 
LYS HZ1  H N N 223 
LYS HZ2  H N N 224 
LYS HZ3  H N N 225 
LYS HXT  H N N 226 
MET N    N N N 227 
MET CA   C N S 228 
MET C    C N N 229 
MET O    O N N 230 
MET CB   C N N 231 
MET CG   C N N 232 
MET SD   S N N 233 
MET CE   C N N 234 
MET OXT  O N N 235 
MET H    H N N 236 
MET H2   H N N 237 
MET HA   H N N 238 
MET HB2  H N N 239 
MET HB3  H N N 240 
MET HG2  H N N 241 
MET HG3  H N N 242 
MET HE1  H N N 243 
MET HE2  H N N 244 
MET HE3  H N N 245 
MET HXT  H N N 246 
PHE N    N N N 247 
PHE CA   C N S 248 
PHE C    C N N 249 
PHE O    O N N 250 
PHE CB   C N N 251 
PHE CG   C Y N 252 
PHE CD1  C Y N 253 
PHE CD2  C Y N 254 
PHE CE1  C Y N 255 
PHE CE2  C Y N 256 
PHE CZ   C Y N 257 
PHE OXT  O N N 258 
PHE H    H N N 259 
PHE H2   H N N 260 
PHE HA   H N N 261 
PHE HB2  H N N 262 
PHE HB3  H N N 263 
PHE HD1  H N N 264 
PHE HD2  H N N 265 
PHE HE1  H N N 266 
PHE HE2  H N N 267 
PHE HZ   H N N 268 
PHE HXT  H N N 269 
PRO N    N N N 270 
PRO CA   C N S 271 
PRO C    C N N 272 
PRO O    O N N 273 
PRO CB   C N N 274 
PRO CG   C N N 275 
PRO CD   C N N 276 
PRO OXT  O N N 277 
PRO H    H N N 278 
PRO HA   H N N 279 
PRO HB2  H N N 280 
PRO HB3  H N N 281 
PRO HG2  H N N 282 
PRO HG3  H N N 283 
PRO HD2  H N N 284 
PRO HD3  H N N 285 
PRO HXT  H N N 286 
SER N    N N N 287 
SER CA   C N S 288 
SER C    C N N 289 
SER O    O N N 290 
SER CB   C N N 291 
SER OG   O N N 292 
SER OXT  O N N 293 
SER H    H N N 294 
SER H2   H N N 295 
SER HA   H N N 296 
SER HB2  H N N 297 
SER HB3  H N N 298 
SER HG   H N N 299 
SER HXT  H N N 300 
THR N    N N N 301 
THR CA   C N S 302 
THR C    C N N 303 
THR O    O N N 304 
THR CB   C N R 305 
THR OG1  O N N 306 
THR CG2  C N N 307 
THR OXT  O N N 308 
THR H    H N N 309 
THR H2   H N N 310 
THR HA   H N N 311 
THR HB   H N N 312 
THR HG1  H N N 313 
THR HG21 H N N 314 
THR HG22 H N N 315 
THR HG23 H N N 316 
THR HXT  H N N 317 
TRP N    N N N 318 
TRP CA   C N S 319 
TRP C    C N N 320 
TRP O    O N N 321 
TRP CB   C N N 322 
TRP CG   C Y N 323 
TRP CD1  C Y N 324 
TRP CD2  C Y N 325 
TRP NE1  N Y N 326 
TRP CE2  C Y N 327 
TRP CE3  C Y N 328 
TRP CZ2  C Y N 329 
TRP CZ3  C Y N 330 
TRP CH2  C Y N 331 
TRP OXT  O N N 332 
TRP H    H N N 333 
TRP H2   H N N 334 
TRP HA   H N N 335 
TRP HB2  H N N 336 
TRP HB3  H N N 337 
TRP HD1  H N N 338 
TRP HE1  H N N 339 
TRP HE3  H N N 340 
TRP HZ2  H N N 341 
TRP HZ3  H N N 342 
TRP HH2  H N N 343 
TRP HXT  H N N 344 
TYR N    N N N 345 
TYR CA   C N S 346 
TYR C    C N N 347 
TYR O    O N N 348 
TYR CB   C N N 349 
TYR CG   C Y N 350 
TYR CD1  C Y N 351 
TYR CD2  C Y N 352 
TYR CE1  C Y N 353 
TYR CE2  C Y N 354 
TYR CZ   C Y N 355 
TYR OH   O N N 356 
TYR OXT  O N N 357 
TYR H    H N N 358 
TYR H2   H N N 359 
TYR HA   H N N 360 
TYR HB2  H N N 361 
TYR HB3  H N N 362 
TYR HD1  H N N 363 
TYR HD2  H N N 364 
TYR HE1  H N N 365 
TYR HE2  H N N 366 
TYR HH   H N N 367 
TYR HXT  H N N 368 
VAL N    N N N 369 
VAL CA   C N S 370 
VAL C    C N N 371 
VAL O    O N N 372 
VAL CB   C N N 373 
VAL CG1  C N N 374 
VAL CG2  C N N 375 
VAL OXT  O N N 376 
VAL H    H N N 377 
VAL H2   H N N 378 
VAL HA   H N N 379 
VAL HB   H N N 380 
VAL HG11 H N N 381 
VAL HG12 H N N 382 
VAL HG13 H N N 383 
VAL HG21 H N N 384 
VAL HG22 H N N 385 
VAL HG23 H N N 386 
VAL HXT  H N N 387 
# 
loop_
_chem_comp_bond.comp_id 
_chem_comp_bond.atom_id_1 
_chem_comp_bond.atom_id_2 
_chem_comp_bond.value_order 
_chem_comp_bond.pdbx_aromatic_flag 
_chem_comp_bond.pdbx_stereo_config 
_chem_comp_bond.pdbx_ordinal 
ALA N   CA   sing N N 1   
ALA N   H    sing N N 2   
ALA N   H2   sing N N 3   
ALA CA  C    sing N N 4   
ALA CA  CB   sing N N 5   
ALA CA  HA   sing N N 6   
ALA C   O    doub N N 7   
ALA C   OXT  sing N N 8   
ALA CB  HB1  sing N N 9   
ALA CB  HB2  sing N N 10  
ALA CB  HB3  sing N N 11  
ALA OXT HXT  sing N N 12  
ARG N   CA   sing N N 13  
ARG N   H    sing N N 14  
ARG N   H2   sing N N 15  
ARG CA  C    sing N N 16  
ARG CA  CB   sing N N 17  
ARG CA  HA   sing N N 18  
ARG C   O    doub N N 19  
ARG C   OXT  sing N N 20  
ARG CB  CG   sing N N 21  
ARG CB  HB2  sing N N 22  
ARG CB  HB3  sing N N 23  
ARG CG  CD   sing N N 24  
ARG CG  HG2  sing N N 25  
ARG CG  HG3  sing N N 26  
ARG CD  NE   sing N N 27  
ARG CD  HD2  sing N N 28  
ARG CD  HD3  sing N N 29  
ARG NE  CZ   sing N N 30  
ARG NE  HE   sing N N 31  
ARG CZ  NH1  sing N N 32  
ARG CZ  NH2  doub N N 33  
ARG NH1 HH11 sing N N 34  
ARG NH1 HH12 sing N N 35  
ARG NH2 HH21 sing N N 36  
ARG NH2 HH22 sing N N 37  
ARG OXT HXT  sing N N 38  
ASN N   CA   sing N N 39  
ASN N   H    sing N N 40  
ASN N   H2   sing N N 41  
ASN CA  C    sing N N 42  
ASN CA  CB   sing N N 43  
ASN CA  HA   sing N N 44  
ASN C   O    doub N N 45  
ASN C   OXT  sing N N 46  
ASN CB  CG   sing N N 47  
ASN CB  HB2  sing N N 48  
ASN CB  HB3  sing N N 49  
ASN CG  OD1  doub N N 50  
ASN CG  ND2  sing N N 51  
ASN ND2 HD21 sing N N 52  
ASN ND2 HD22 sing N N 53  
ASN OXT HXT  sing N N 54  
ASP N   CA   sing N N 55  
ASP N   H    sing N N 56  
ASP N   H2   sing N N 57  
ASP CA  C    sing N N 58  
ASP CA  CB   sing N N 59  
ASP CA  HA   sing N N 60  
ASP C   O    doub N N 61  
ASP C   OXT  sing N N 62  
ASP CB  CG   sing N N 63  
ASP CB  HB2  sing N N 64  
ASP CB  HB3  sing N N 65  
ASP CG  OD1  doub N N 66  
ASP CG  OD2  sing N N 67  
ASP OD2 HD2  sing N N 68  
ASP OXT HXT  sing N N 69  
CYS N   CA   sing N N 70  
CYS N   H    sing N N 71  
CYS N   H2   sing N N 72  
CYS CA  C    sing N N 73  
CYS CA  CB   sing N N 74  
CYS CA  HA   sing N N 75  
CYS C   O    doub N N 76  
CYS C   OXT  sing N N 77  
CYS CB  SG   sing N N 78  
CYS CB  HB2  sing N N 79  
CYS CB  HB3  sing N N 80  
CYS SG  HG   sing N N 81  
CYS OXT HXT  sing N N 82  
GLN N   CA   sing N N 83  
GLN N   H    sing N N 84  
GLN N   H2   sing N N 85  
GLN CA  C    sing N N 86  
GLN CA  CB   sing N N 87  
GLN CA  HA   sing N N 88  
GLN C   O    doub N N 89  
GLN C   OXT  sing N N 90  
GLN CB  CG   sing N N 91  
GLN CB  HB2  sing N N 92  
GLN CB  HB3  sing N N 93  
GLN CG  CD   sing N N 94  
GLN CG  HG2  sing N N 95  
GLN CG  HG3  sing N N 96  
GLN CD  OE1  doub N N 97  
GLN CD  NE2  sing N N 98  
GLN NE2 HE21 sing N N 99  
GLN NE2 HE22 sing N N 100 
GLN OXT HXT  sing N N 101 
GLU N   CA   sing N N 102 
GLU N   H    sing N N 103 
GLU N   H2   sing N N 104 
GLU CA  C    sing N N 105 
GLU CA  CB   sing N N 106 
GLU CA  HA   sing N N 107 
GLU C   O    doub N N 108 
GLU C   OXT  sing N N 109 
GLU CB  CG   sing N N 110 
GLU CB  HB2  sing N N 111 
GLU CB  HB3  sing N N 112 
GLU CG  CD   sing N N 113 
GLU CG  HG2  sing N N 114 
GLU CG  HG3  sing N N 115 
GLU CD  OE1  doub N N 116 
GLU CD  OE2  sing N N 117 
GLU OE2 HE2  sing N N 118 
GLU OXT HXT  sing N N 119 
GLY N   CA   sing N N 120 
GLY N   H    sing N N 121 
GLY N   H2   sing N N 122 
GLY CA  C    sing N N 123 
GLY CA  HA2  sing N N 124 
GLY CA  HA3  sing N N 125 
GLY C   O    doub N N 126 
GLY C   OXT  sing N N 127 
GLY OXT HXT  sing N N 128 
HIS N   CA   sing N N 129 
HIS N   H    sing N N 130 
HIS N   H2   sing N N 131 
HIS CA  C    sing N N 132 
HIS CA  CB   sing N N 133 
HIS CA  HA   sing N N 134 
HIS C   O    doub N N 135 
HIS C   OXT  sing N N 136 
HIS CB  CG   sing N N 137 
HIS CB  HB2  sing N N 138 
HIS CB  HB3  sing N N 139 
HIS CG  ND1  sing Y N 140 
HIS CG  CD2  doub Y N 141 
HIS ND1 CE1  doub Y N 142 
HIS ND1 HD1  sing N N 143 
HIS CD2 NE2  sing Y N 144 
HIS CD2 HD2  sing N N 145 
HIS CE1 NE2  sing Y N 146 
HIS CE1 HE1  sing N N 147 
HIS NE2 HE2  sing N N 148 
HIS OXT HXT  sing N N 149 
ILE N   CA   sing N N 150 
ILE N   H    sing N N 151 
ILE N   H2   sing N N 152 
ILE CA  C    sing N N 153 
ILE CA  CB   sing N N 154 
ILE CA  HA   sing N N 155 
ILE C   O    doub N N 156 
ILE C   OXT  sing N N 157 
ILE CB  CG1  sing N N 158 
ILE CB  CG2  sing N N 159 
ILE CB  HB   sing N N 160 
ILE CG1 CD1  sing N N 161 
ILE CG1 HG12 sing N N 162 
ILE CG1 HG13 sing N N 163 
ILE CG2 HG21 sing N N 164 
ILE CG2 HG22 sing N N 165 
ILE CG2 HG23 sing N N 166 
ILE CD1 HD11 sing N N 167 
ILE CD1 HD12 sing N N 168 
ILE CD1 HD13 sing N N 169 
ILE OXT HXT  sing N N 170 
LEU N   CA   sing N N 171 
LEU N   H    sing N N 172 
LEU N   H2   sing N N 173 
LEU CA  C    sing N N 174 
LEU CA  CB   sing N N 175 
LEU CA  HA   sing N N 176 
LEU C   O    doub N N 177 
LEU C   OXT  sing N N 178 
LEU CB  CG   sing N N 179 
LEU CB  HB2  sing N N 180 
LEU CB  HB3  sing N N 181 
LEU CG  CD1  sing N N 182 
LEU CG  CD2  sing N N 183 
LEU CG  HG   sing N N 184 
LEU CD1 HD11 sing N N 185 
LEU CD1 HD12 sing N N 186 
LEU CD1 HD13 sing N N 187 
LEU CD2 HD21 sing N N 188 
LEU CD2 HD22 sing N N 189 
LEU CD2 HD23 sing N N 190 
LEU OXT HXT  sing N N 191 
LYS N   CA   sing N N 192 
LYS N   H    sing N N 193 
LYS N   H2   sing N N 194 
LYS CA  C    sing N N 195 
LYS CA  CB   sing N N 196 
LYS CA  HA   sing N N 197 
LYS C   O    doub N N 198 
LYS C   OXT  sing N N 199 
LYS CB  CG   sing N N 200 
LYS CB  HB2  sing N N 201 
LYS CB  HB3  sing N N 202 
LYS CG  CD   sing N N 203 
LYS CG  HG2  sing N N 204 
LYS CG  HG3  sing N N 205 
LYS CD  CE   sing N N 206 
LYS CD  HD2  sing N N 207 
LYS CD  HD3  sing N N 208 
LYS CE  NZ   sing N N 209 
LYS CE  HE2  sing N N 210 
LYS CE  HE3  sing N N 211 
LYS NZ  HZ1  sing N N 212 
LYS NZ  HZ2  sing N N 213 
LYS NZ  HZ3  sing N N 214 
LYS OXT HXT  sing N N 215 
MET N   CA   sing N N 216 
MET N   H    sing N N 217 
MET N   H2   sing N N 218 
MET CA  C    sing N N 219 
MET CA  CB   sing N N 220 
MET CA  HA   sing N N 221 
MET C   O    doub N N 222 
MET C   OXT  sing N N 223 
MET CB  CG   sing N N 224 
MET CB  HB2  sing N N 225 
MET CB  HB3  sing N N 226 
MET CG  SD   sing N N 227 
MET CG  HG2  sing N N 228 
MET CG  HG3  sing N N 229 
MET SD  CE   sing N N 230 
MET CE  HE1  sing N N 231 
MET CE  HE2  sing N N 232 
MET CE  HE3  sing N N 233 
MET OXT HXT  sing N N 234 
PHE N   CA   sing N N 235 
PHE N   H    sing N N 236 
PHE N   H2   sing N N 237 
PHE CA  C    sing N N 238 
PHE CA  CB   sing N N 239 
PHE CA  HA   sing N N 240 
PHE C   O    doub N N 241 
PHE C   OXT  sing N N 242 
PHE CB  CG   sing N N 243 
PHE CB  HB2  sing N N 244 
PHE CB  HB3  sing N N 245 
PHE CG  CD1  doub Y N 246 
PHE CG  CD2  sing Y N 247 
PHE CD1 CE1  sing Y N 248 
PHE CD1 HD1  sing N N 249 
PHE CD2 CE2  doub Y N 250 
PHE CD2 HD2  sing N N 251 
PHE CE1 CZ   doub Y N 252 
PHE CE1 HE1  sing N N 253 
PHE CE2 CZ   sing Y N 254 
PHE CE2 HE2  sing N N 255 
PHE CZ  HZ   sing N N 256 
PHE OXT HXT  sing N N 257 
PRO N   CA   sing N N 258 
PRO N   CD   sing N N 259 
PRO N   H    sing N N 260 
PRO CA  C    sing N N 261 
PRO CA  CB   sing N N 262 
PRO CA  HA   sing N N 263 
PRO C   O    doub N N 264 
PRO C   OXT  sing N N 265 
PRO CB  CG   sing N N 266 
PRO CB  HB2  sing N N 267 
PRO CB  HB3  sing N N 268 
PRO CG  CD   sing N N 269 
PRO CG  HG2  sing N N 270 
PRO CG  HG3  sing N N 271 
PRO CD  HD2  sing N N 272 
PRO CD  HD3  sing N N 273 
PRO OXT HXT  sing N N 274 
SER N   CA   sing N N 275 
SER N   H    sing N N 276 
SER N   H2   sing N N 277 
SER CA  C    sing N N 278 
SER CA  CB   sing N N 279 
SER CA  HA   sing N N 280 
SER C   O    doub N N 281 
SER C   OXT  sing N N 282 
SER CB  OG   sing N N 283 
SER CB  HB2  sing N N 284 
SER CB  HB3  sing N N 285 
SER OG  HG   sing N N 286 
SER OXT HXT  sing N N 287 
THR N   CA   sing N N 288 
THR N   H    sing N N 289 
THR N   H2   sing N N 290 
THR CA  C    sing N N 291 
THR CA  CB   sing N N 292 
THR CA  HA   sing N N 293 
THR C   O    doub N N 294 
THR C   OXT  sing N N 295 
THR CB  OG1  sing N N 296 
THR CB  CG2  sing N N 297 
THR CB  HB   sing N N 298 
THR OG1 HG1  sing N N 299 
THR CG2 HG21 sing N N 300 
THR CG2 HG22 sing N N 301 
THR CG2 HG23 sing N N 302 
THR OXT HXT  sing N N 303 
TRP N   CA   sing N N 304 
TRP N   H    sing N N 305 
TRP N   H2   sing N N 306 
TRP CA  C    sing N N 307 
TRP CA  CB   sing N N 308 
TRP CA  HA   sing N N 309 
TRP C   O    doub N N 310 
TRP C   OXT  sing N N 311 
TRP CB  CG   sing N N 312 
TRP CB  HB2  sing N N 313 
TRP CB  HB3  sing N N 314 
TRP CG  CD1  doub Y N 315 
TRP CG  CD2  sing Y N 316 
TRP CD1 NE1  sing Y N 317 
TRP CD1 HD1  sing N N 318 
TRP CD2 CE2  doub Y N 319 
TRP CD2 CE3  sing Y N 320 
TRP NE1 CE2  sing Y N 321 
TRP NE1 HE1  sing N N 322 
TRP CE2 CZ2  sing Y N 323 
TRP CE3 CZ3  doub Y N 324 
TRP CE3 HE3  sing N N 325 
TRP CZ2 CH2  doub Y N 326 
TRP CZ2 HZ2  sing N N 327 
TRP CZ3 CH2  sing Y N 328 
TRP CZ3 HZ3  sing N N 329 
TRP CH2 HH2  sing N N 330 
TRP OXT HXT  sing N N 331 
TYR N   CA   sing N N 332 
TYR N   H    sing N N 333 
TYR N   H2   sing N N 334 
TYR CA  C    sing N N 335 
TYR CA  CB   sing N N 336 
TYR CA  HA   sing N N 337 
TYR C   O    doub N N 338 
TYR C   OXT  sing N N 339 
TYR CB  CG   sing N N 340 
TYR CB  HB2  sing N N 341 
TYR CB  HB3  sing N N 342 
TYR CG  CD1  doub Y N 343 
TYR CG  CD2  sing Y N 344 
TYR CD1 CE1  sing Y N 345 
TYR CD1 HD1  sing N N 346 
TYR CD2 CE2  doub Y N 347 
TYR CD2 HD2  sing N N 348 
TYR CE1 CZ   doub Y N 349 
TYR CE1 HE1  sing N N 350 
TYR CE2 CZ   sing Y N 351 
TYR CE2 HE2  sing N N 352 
TYR CZ  OH   sing N N 353 
TYR OH  HH   sing N N 354 
TYR OXT HXT  sing N N 355 
VAL N   CA   sing N N 356 
VAL N   H    sing N N 357 
VAL N   H2   sing N N 358 
VAL CA  C    sing N N 359 
VAL CA  CB   sing N N 360 
VAL CA  HA   sing N N 361 
VAL C   O    doub N N 362 
VAL C   OXT  sing N N 363 
VAL CB  CG1  sing N N 364 
VAL CB  CG2  sing N N 365 
VAL CB  HB   sing N N 366 
VAL CG1 HG11 sing N N 367 
VAL CG1 HG12 sing N N 368 
VAL CG1 HG13 sing N N 369 
VAL CG2 HG21 sing N N 370 
VAL CG2 HG22 sing N N 371 
VAL CG2 HG23 sing N N 372 
VAL OXT HXT  sing N N 373 
# 
_em_3d_crystal_entity.angle_alpha           90 
_em_3d_crystal_entity.angle_beta            90 
_em_3d_crystal_entity.angle_gamma           90 
_em_3d_crystal_entity.image_processing_id   1 
_em_3d_crystal_entity.id                    1 
_em_3d_crystal_entity.length_a              56.18 
_em_3d_crystal_entity.length_b              56.18 
_em_3d_crystal_entity.length_c              142.5 
_em_3d_crystal_entity.space_group_name      'P 4 21 2' 
_em_3d_crystal_entity.space_group_num       90 
# 
_em_admin.current_status     REL 
_em_admin.deposition_date    2024-06-20 
_em_admin.deposition_site    RCSB 
_em_admin.entry_id           9CBV 
_em_admin.last_update        2025-05-21 
_em_admin.map_release_date   2025-05-21 
_em_admin.title              'MicroED structure of the human MP20 protein' 
# 
_em_crystal_formation.atmosphere            ? 
_em_crystal_formation.details               ? 
_em_crystal_formation.id                    1 
_em_crystal_formation.instrument            'syringe coupling system (Hamilton)' 
_em_crystal_formation.lipid_mixture         'Molten lipid mix (90% w/w monoolein and 10% w/w cholesterol)' 
_em_crystal_formation.lipid_protein_ratio   3.2 
_em_crystal_formation.specimen_id           1 
_em_crystal_formation.temperature           ? 
_em_crystal_formation.time                  ? 
_em_crystal_formation.time_unit             ? 
# 
_em_ctf_correction.details                  ? 
_em_ctf_correction.em_image_processing_id   1 
_em_ctf_correction.id                       1 
_em_ctf_correction.type                     NONE 
# 
_em_diffraction.camera_length     1202 
_em_diffraction.id                1 
_em_diffraction.imaging_id        1 
_em_diffraction.tilt_angle_list   -30,30 
# 
_em_diffraction_shell.em_diffraction_stats_id   1 
_em_diffraction_shell.fourier_space_coverage    86.6 
_em_diffraction_shell.high_resolution           3.5 
_em_diffraction_shell.id                        1 
_em_diffraction_shell.low_resolution            52.26 
_em_diffraction_shell.multiplicity              20.7 
_em_diffraction_shell.num_structure_factors     2785 
_em_diffraction_shell.phase_residual            28.84 
# 
_em_diffraction_stats.details                          ? 
_em_diffraction_stats.fourier_space_coverage           86.6 
_em_diffraction_stats.high_resolution                  3.5 
_em_diffraction_stats.id                               1 
_em_diffraction_stats.image_processing_id              1 
_em_diffraction_stats.num_intensities_measured         58259 
_em_diffraction_stats.num_structure_factors            2785 
_em_diffraction_stats.overall_phase_error              28.84 
_em_diffraction_stats.overall_phase_residual           ? 
_em_diffraction_stats.phase_error_rejection_criteria   NONE 
_em_diffraction_stats.r_merge                          0.3316 
_em_diffraction_stats.r_sym                            ? 
# 
_em_entity_assembly_molwt.entity_assembly_id   1 
_em_entity_assembly_molwt.experimental_flag    NO 
_em_entity_assembly_molwt.id                   1 
_em_entity_assembly_molwt.units                MEGADALTONS 
_em_entity_assembly_molwt.value                0.022 
# 
_em_entity_assembly_naturalsource.cell                 ? 
_em_entity_assembly_naturalsource.cellular_location    ? 
_em_entity_assembly_naturalsource.entity_assembly_id   1 
_em_entity_assembly_naturalsource.id                   2 
_em_entity_assembly_naturalsource.ncbi_tax_id          7108 
_em_entity_assembly_naturalsource.organism             'Spodoptera frugiperda' 
_em_entity_assembly_naturalsource.organelle            ? 
_em_entity_assembly_naturalsource.organ                ? 
_em_entity_assembly_naturalsource.strain               ? 
_em_entity_assembly_naturalsource.tissue               ? 
_em_entity_assembly_naturalsource.details              ? 
# 
_em_image_processing.details              ? 
_em_image_processing.id                   1 
_em_image_processing.image_recording_id   1 
# 
_em_image_recording.average_exposure_time               0.00325 
_em_image_recording.avg_electron_dose_per_subtomogram   ? 
_em_image_recording.avg_electron_dose_per_image         0.00361 
_em_image_recording.details                             ? 
_em_image_recording.detector_mode                       ? 
_em_image_recording.film_or_detector_model              'TFS FALCON 4i (4k x 4k)' 
_em_image_recording.id                                  1 
_em_image_recording.imaging_id                          1 
_em_image_recording.num_diffraction_images              130000 
_em_image_recording.num_grids_imaged                    ? 
_em_image_recording.num_real_images                     130000 
# 
_em_imaging_optics.chr_aberration_corrector   ? 
_em_imaging_optics.energyfilter_lower         ? 
_em_imaging_optics.energyfilter_slit_width    5 
_em_imaging_optics.energyfilter_name          'TFS Selectris' 
_em_imaging_optics.energyfilter_upper         ? 
_em_imaging_optics.id                         1 
_em_imaging_optics.imaging_id                 1 
_em_imaging_optics.phase_plate                ? 
_em_imaging_optics.sph_aberration_corrector   ? 
_em_imaging_optics.details                    ? 
# 
loop_
_em_software.category 
_em_software.details 
_em_software.id 
_em_software.image_processing_id 
_em_software.fitting_id 
_em_software.imaging_id 
_em_software.name 
_em_software.version 
'IMAGE ACQUISITION'             'Custom script used to collect data' 1  ? ? 1 SerialEM ` 
MASKING                         ?                                    2  ? ? ? ?        ? 
'CTF CORRECTION'                ?                                    3  1 ? ? ?        ? 
'LAYERLINE INDEXING'            ?                                    4  ? ? ? ?        ? 
'DIFFRACTION INDEXING'          ?                                    5  ? ? ? ?        ? 
'MODEL FITTING'                 ?                                    6  ? 1 ? Coot     ? 
OTHER                           ?                                    7  ? ? ? ?        ? 
'MODEL REFINEMENT'              ?                                    8  ? 1 ? PHENIX   ? 
'MOLECULAR REPLACEMENT'         ?                                    9  1 ? ? PHENIX   ? 
'LATTICE DISTORTION CORRECTION' ?                                    10 1 ? ? ?        ? 
'SYMMETRY DETERMINATION'        ?                                    11 1 ? ? ?        ? 
'CRYSTALLOGRAPHY MERGING'       ?                                    12 1 ? ? ?        ? 
RECONSTRUCTION                  ?                                    13 1 ? ? PHENIX   ? 
# 
_em_specimen.concentration           ? 
_em_specimen.details                 ? 
_em_specimen.embedding_applied       NO 
_em_specimen.experiment_id           1 
_em_specimen.id                      1 
_em_specimen.shadowing_applied       NO 
_em_specimen.staining_applied        NO 
_em_specimen.vitrification_applied   YES 
# 
loop_
_pdbx_audit_support.funding_organization 
_pdbx_audit_support.country 
_pdbx_audit_support.grant_number 
_pdbx_audit_support.ordinal 
'National Institutes of Health/National Eye Institute (NIH/NEI)' 'United States' P41GM136508 1 
'Howard Hughes Medical Institute (HHMI)'                         'United States' ?           2 
# 
_pdbx_initial_refinement_model.id               1 
_pdbx_initial_refinement_model.type             'in silico model' 
_pdbx_initial_refinement_model.source_name      AlphaFold 
_pdbx_initial_refinement_model.accession_code   ? 
# 
_space_group.name_H-M_alt     'P 4 21 2' 
_space_group.name_Hall        'P 4ab 2ab' 
_space_group.IT_number        90 
_space_group.crystal_system   tetragonal 
_space_group.id               1 
# 
_atom_sites.entry_id                    9CBV 
_atom_sites.Cartn_transf_matrix[1][1]   ? 
_atom_sites.Cartn_transf_matrix[1][2]   ? 
_atom_sites.Cartn_transf_matrix[1][3]   ? 
_atom_sites.Cartn_transf_matrix[2][1]   ? 
_atom_sites.Cartn_transf_matrix[2][2]   ? 
_atom_sites.Cartn_transf_matrix[2][3]   ? 
_atom_sites.Cartn_transf_matrix[3][1]   ? 
_atom_sites.Cartn_transf_matrix[3][2]   ? 
_atom_sites.Cartn_transf_matrix[3][3]   ? 
_atom_sites.Cartn_transf_vector[1]      ? 
_atom_sites.Cartn_transf_vector[2]      ? 
_atom_sites.Cartn_transf_vector[3]      ? 
_atom_sites.Cartn_transform_axes        ? 
_atom_sites.fract_transf_matrix[1][1]   0.01520682 
_atom_sites.fract_transf_matrix[1][2]   0.00574678 
_atom_sites.fract_transf_matrix[1][3]   -0.00725033 
_atom_sites.fract_transf_matrix[2][1]   0.00923329 
_atom_sites.fract_transf_matrix[2][2]   -0.01030519 
_atom_sites.fract_transf_matrix[2][3]   0.01119774 
_atom_sites.fract_transf_matrix[3][1]   -0.00022959 
_atom_sites.fract_transf_matrix[3][2]   -0.00525456 
_atom_sites.fract_transf_matrix[3][3]   -0.00464642 
_atom_sites.fract_transf_vector[1]      0.176448 
_atom_sites.fract_transf_vector[2]      -0.214909 
_atom_sites.fract_transf_vector[3]      0.201707 
_atom_sites.solution_primary            ? 
_atom_sites.solution_secondary          ? 
_atom_sites.solution_hydrogens          ? 
_atom_sites.special_details             ? 
# 
loop_
_atom_type.symbol 
_atom_type.scat_dispersion_real 
_atom_type.scat_dispersion_imag 
_atom_type.scat_Cromer_Mann_a1 
_atom_type.scat_Cromer_Mann_a2 
_atom_type.scat_Cromer_Mann_a3 
_atom_type.scat_Cromer_Mann_a4 
_atom_type.pdbx_scat_Cromer_Mann_a5 
_atom_type.scat_Cromer_Mann_b1 
_atom_type.scat_Cromer_Mann_b2 
_atom_type.scat_Cromer_Mann_b3 
_atom_type.scat_Cromer_Mann_b4 
_atom_type.pdbx_scat_Cromer_Mann_b5 
_atom_type.scat_Cromer_Mann_c 
_atom_type.scat_source 
_atom_type.scat_dispersion_source 
C ? ? 0.08930 0.25630 0.75700 1.04870 0.35750 0.24650 1.71000 6.40940 18.61130 50.25230 0.0 
;5-Gaussian fit: Grosse-Kunstleve RW, Sauter NK, Adams PD: Newsletter of the IUCr Commission on Crystallographic Computing 2004, 3, 22-31.
;
? 
N ? ? 0.10220 0.32190 0.79820 0.81970 0.17150 0.24510 1.74810 6.19250 17.38940 48.14310 0.0 
;5-Gaussian fit: Grosse-Kunstleve RW, Sauter NK, Adams PD: Newsletter of the IUCr Commission on Crystallographic Computing 2004, 3, 22-31.
;
? 
O ? ? 0.09740 0.29210 0.69100 0.69900 0.20390 0.20670 1.38150 4.69430 12.71050 32.47260 0.0 
;5-Gaussian fit: Grosse-Kunstleve RW, Sauter NK, Adams PD: Newsletter of the IUCr Commission on Crystallographic Computing 2004, 3, 22-31.
;
? 
S ? ? 0.24970 0.56280 1.38990 2.18650 0.77150 0.26810 1.67110 7.02670 19.53770 50.38880 0.0 
;5-Gaussian fit: Grosse-Kunstleve RW, Sauter NK, Adams PD: Newsletter of the IUCr Commission on Crystallographic Computing 2004, 3, 22-31.
;
? 
# 
loop_
_atom_site.group_PDB 
_atom_site.id 
_atom_site.type_symbol 
_atom_site.label_atom_id 
_atom_site.label_alt_id 
_atom_site.label_comp_id 
_atom_site.label_asym_id 
_atom_site.label_entity_id 
_atom_site.label_seq_id 
_atom_site.pdbx_PDB_ins_code 
_atom_site.Cartn_x 
_atom_site.Cartn_y 
_atom_site.Cartn_z 
_atom_site.occupancy 
_atom_site.B_iso_or_equiv 
_atom_site.pdbx_formal_charge 
_atom_site.auth_seq_id 
_atom_site.auth_comp_id 
_atom_site.auth_asym_id 
_atom_site.auth_atom_id 
_atom_site.pdbx_PDB_model_num 
ATOM 1    N N   . MET A 1 46  ? -14.49378 -17.40360 -17.89319 1.000 93.21839  ? 1   MET A N   1 
ATOM 2    C CA  . MET A 1 46  ? -13.15523 -17.67457 -18.40260 1.000 148.82839 ? 1   MET A CA  1 
ATOM 3    C C   . MET A 1 46  ? -12.14941 -16.65276 -17.88230 1.000 135.33423 ? 1   MET A C   1 
ATOM 4    O O   . MET A 1 46  ? -11.55212 -16.83925 -16.82235 1.000 100.52095 ? 1   MET A O   1 
ATOM 5    C CB  . MET A 1 46  ? -13.15441 -17.68075 -19.93327 1.000 139.15852 ? 1   MET A CB  1 
ATOM 6    C CG  . MET A 1 46  ? -11.91710 -18.31482 -20.54867 1.000 126.16043 ? 1   MET A CG  1 
ATOM 7    S SD  . MET A 1 46  ? -12.31438 -19.46562 -21.87441 1.000 51.00248  ? 1   MET A SD  1 
ATOM 8    C CE  . MET A 1 46  ? -13.20231 -18.39024 -23.00052 1.000 147.75029 ? 1   MET A CE  1 
ATOM 9    N N   . TYR A 1 47  ? -11.96682 -15.56951 -18.63679 1.000 125.41335 ? 2   TYR A N   1 
ATOM 10   C CA  . TYR A 1 47  ? -11.03052 -14.51410 -18.27970 1.000 133.67742 ? 2   TYR A CA  1 
ATOM 11   C C   . TYR A 1 47  ? -11.64129 -13.47570 -17.34478 1.000 116.05497 ? 2   TYR A C   1 
ATOM 12   O O   . TYR A 1 47  ? -11.17114 -12.33211 -17.31257 1.000 80.28574  ? 2   TYR A O   1 
ATOM 13   C CB  . TYR A 1 47  ? -10.49731 -13.83332 -19.54241 1.000 99.77356  ? 2   TYR A CB  1 
ATOM 14   C CG  . TYR A 1 47  ? -9.77564  -14.76868 -20.48653 1.000 123.96543 ? 2   TYR A CG  1 
ATOM 15   C CD1 . TYR A 1 47  ? -8.64199  -15.46241 -20.07783 1.000 118.67027 ? 2   TYR A CD1 1 
ATOM 16   C CD2 . TYR A 1 47  ? -10.22681 -14.95838 -21.78689 1.000 133.34810 ? 2   TYR A CD2 1 
ATOM 17   C CE1 . TYR A 1 47  ? -7.97762  -16.31837 -20.93843 1.000 83.12220  ? 2   TYR A CE1 1 
ATOM 18   C CE2 . TYR A 1 47  ? -9.56956  -15.81275 -22.65422 1.000 112.17540 ? 2   TYR A CE2 1 
ATOM 19   C CZ  . TYR A 1 47  ? -8.44632  -16.48894 -22.22532 1.000 115.01136 ? 2   TYR A CZ  1 
ATOM 20   O OH  . TYR A 1 47  ? -7.78990  -17.33869 -23.08489 1.000 97.50171  ? 2   TYR A OH  1 
ATOM 21   N N   . SER A 1 48  ? -12.67885 -13.84393 -16.58896 1.000 111.67953 ? 3   SER A N   1 
ATOM 22   C CA  . SER A 1 48  ? -13.26213 -12.90465 -15.63711 1.000 108.31423 ? 3   SER A CA  1 
ATOM 23   C C   . SER A 1 48  ? -12.29259 -12.58074 -14.50861 1.000 107.92856 ? 3   SER A C   1 
ATOM 24   O O   . SER A 1 48  ? -12.31400 -11.46518 -13.97712 1.000 85.38021  ? 3   SER A O   1 
ATOM 25   C CB  . SER A 1 48  ? -14.57049 -13.46389 -15.07543 1.000 89.35650  ? 3   SER A CB  1 
ATOM 26   O OG  . SER A 1 48  ? -14.42801 -14.82622 -14.70707 1.000 119.54602 ? 3   SER A OG  1 
ATOM 27   N N   . PHE A 1 49  ? -11.44126 -13.53675 -14.12892 1.000 126.06940 ? 4   PHE A N   1 
ATOM 28   C CA  . PHE A 1 49  ? -10.40406 -13.24917 -13.14385 1.000 113.74330 ? 4   PHE A CA  1 
ATOM 29   C C   . PHE A 1 49  ? -9.41541  -12.22085 -13.67772 1.000 107.19741 ? 4   PHE A C   1 
ATOM 30   O O   . PHE A 1 49  ? -8.92693  -11.36799 -12.92726 1.000 91.53547  ? 4   PHE A O   1 
ATOM 31   C CB  . PHE A 1 49  ? -9.67319  -14.53336 -12.75455 1.000 86.15780  ? 4   PHE A CB  1 
ATOM 32   C CG  . PHE A 1 49  ? -10.58427 -15.67370 -12.40406 1.000 107.60595 ? 4   PHE A CG  1 
ATOM 33   C CD1 . PHE A 1 49  ? -11.14178 -15.76845 -11.14121 1.000 98.96331  ? 4   PHE A CD1 1 
ATOM 34   C CD2 . PHE A 1 49  ? -10.87528 -16.65647 -13.33581 1.000 120.70805 ? 4   PHE A CD2 1 
ATOM 35   C CE1 . PHE A 1 49  ? -11.97621 -16.82142 -10.81466 1.000 110.32609 ? 4   PHE A CE1 1 
ATOM 36   C CE2 . PHE A 1 49  ? -11.70866 -17.71018 -13.01604 1.000 108.58616 ? 4   PHE A CE2 1 
ATOM 37   C CZ  . PHE A 1 49  ? -12.25819 -17.79366 -11.75367 1.000 107.33517 ? 4   PHE A CZ  1 
ATOM 38   N N   . MET A 1 50  ? -9.10067  -12.29545 -14.97322 1.000 103.86929 ? 5   MET A N   1 
ATOM 39   C CA  . MET A 1 50  ? -8.23503  -11.29452 -15.58649 1.000 114.07964 ? 5   MET A CA  1 
ATOM 40   C C   . MET A 1 50  ? -8.86150  -9.90854  -15.50765 1.000 95.80018  ? 5   MET A C   1 
ATOM 41   O O   . MET A 1 50  ? -8.17565  -8.92367  -15.20843 1.000 93.78189  ? 5   MET A O   1 
ATOM 42   C CB  . MET A 1 50  ? -7.94743  -11.67290 -17.03992 1.000 126.32778 ? 5   MET A CB  1 
ATOM 43   C CG  . MET A 1 50  ? -7.60807  -13.13929 -17.25450 1.000 91.48742  ? 5   MET A CG  1 
ATOM 44   S SD  . MET A 1 50  ? -5.87638  -13.51334 -16.91380 1.000 101.97070 ? 5   MET A SD  1 
ATOM 45   C CE  . MET A 1 50  ? -5.99516  -14.18837 -15.26192 1.000 123.22917 ? 5   MET A CE  1 
ATOM 46   N N   . GLY A 1 51  ? -10.16640 -9.81289  -15.77237 1.000 87.92977  ? 6   GLY A N   1 
ATOM 47   C CA  . GLY A 1 51  ? -10.88143 -8.55835  -15.63500 1.000 90.16363  ? 6   GLY A CA  1 
ATOM 48   C C   . GLY A 1 51  ? -11.33556 -8.23463  -14.22921 1.000 81.63113  ? 6   GLY A C   1 
ATOM 49   O O   . GLY A 1 51  ? -11.78670 -7.11251  -13.98155 1.000 86.83814  ? 6   GLY A O   1 
ATOM 50   N N   . GLY A 1 52  ? -11.22896 -9.18893  -13.30609 1.000 81.97411  ? 7   GLY A N   1 
ATOM 51   C CA  . GLY A 1 52  ? -11.60878 -8.96034  -11.92737 1.000 86.21932  ? 7   GLY A CA  1 
ATOM 52   C C   . GLY A 1 52  ? -10.42115 -8.67120  -11.03154 1.000 83.24289  ? 7   GLY A C   1 
ATOM 53   O O   . GLY A 1 52  ? -10.44851 -7.72704  -10.23529 1.000 56.97736  ? 7   GLY A O   1 
ATOM 54   N N   . GLY A 1 53  ? -9.36655  -9.48135  -11.15221 1.000 77.11969  ? 8   GLY A N   1 
ATOM 55   C CA  . GLY A 1 53  ? -8.17457  -9.25616  -10.35323 1.000 72.09975  ? 8   GLY A CA  1 
ATOM 56   C C   . GLY A 1 53  ? -7.46228  -7.96584  -10.69427 1.000 83.94988  ? 8   GLY A C   1 
ATOM 57   O O   . GLY A 1 53  ? -6.86560  -7.33406  -9.81758  1.000 69.04773  ? 8   GLY A O   1 
ATOM 58   N N   . LEU A 1 54  ? -7.50853  -7.55620  -11.96519 1.000 98.21838  ? 9   LEU A N   1 
ATOM 59   C CA  . LEU A 1 54  ? -6.90387  -6.28665  -12.35475 1.000 81.59000  ? 9   LEU A CA  1 
ATOM 60   C C   . LEU A 1 54  ? -7.63331  -5.10538  -11.72615 1.000 83.46471  ? 9   LEU A C   1 
ATOM 61   O O   . LEU A 1 54  ? -7.00545  -4.08967  -11.40538 1.000 88.18055  ? 9   LEU A O   1 
ATOM 62   C CB  . LEU A 1 54  ? -6.88983  -6.15844  -13.87875 1.000 99.73522  ? 9   LEU A CB  1 
ATOM 63   C CG  . LEU A 1 54  ? -6.32395  -4.86536  -14.47234 1.000 108.73084 ? 9   LEU A CG  1 
ATOM 64   C CD1 . LEU A 1 54  ? -5.27085  -5.17271  -15.52676 1.000 66.67389  ? 9   LEU A CD1 1 
ATOM 65   C CD2 . LEU A 1 54  ? -7.43774  -4.00656  -15.05649 1.000 112.75537 ? 9   LEU A CD2 1 
ATOM 66   N N   . PHE A 1 55  ? -8.95010  -5.22115  -11.53561 1.000 120.56559 ? 10  PHE A N   1 
ATOM 67   C CA  . PHE A 1 55  ? -9.70118  -4.13965  -10.90738 1.000 117.75962 ? 10  PHE A CA  1 
ATOM 68   C C   . PHE A 1 55  ? -9.35705  -4.01365  -9.42853  1.000 100.77643 ? 10  PHE A C   1 
ATOM 69   O O   . PHE A 1 55  ? -9.27586  -2.89929  -8.89905  1.000 119.09312 ? 10  PHE A O   1 
ATOM 70   C CB  . PHE A 1 55  ? -11.20149 -4.36188  -11.09117 1.000 121.34865 ? 10  PHE A CB  1 
ATOM 71   C CG  . PHE A 1 55  ? -12.04837 -3.24970  -10.54259 1.000 117.62559 ? 10  PHE A CG  1 
ATOM 72   C CD1 . PHE A 1 55  ? -11.94129 -1.96619  -11.04936 1.000 111.03238 ? 10  PHE A CD1 1 
ATOM 73   C CD2 . PHE A 1 55  ? -12.94992 -3.48740  -9.51872  1.000 130.46022 ? 10  PHE A CD2 1 
ATOM 74   C CE1 . PHE A 1 55  ? -12.71901 -0.93995  -10.54633 1.000 131.80908 ? 10  PHE A CE1 1 
ATOM 75   C CE2 . PHE A 1 55  ? -13.73014 -2.46567  -9.01160  1.000 126.54067 ? 10  PHE A CE2 1 
ATOM 76   C CZ  . PHE A 1 55  ? -13.61427 -1.19030  -9.52645  1.000 124.91045 ? 10  PHE A CZ  1 
ATOM 77   N N   . CYS A 1 56  ? -9.15418  -5.14290  -8.74411  1.000 88.29677  ? 11  CYS A N   1 
ATOM 78   C CA  . CYS A 1 56  ? -8.76290  -5.09801  -7.33972  1.000 83.56965  ? 11  CYS A CA  1 
ATOM 79   C C   . CYS A 1 56  ? -7.39994  -4.44967  -7.14702  1.000 94.14056  ? 11  CYS A C   1 
ATOM 80   O O   . CYS A 1 56  ? -7.11536  -3.94323  -6.05593  1.000 111.40281 ? 11  CYS A O   1 
ATOM 81   C CB  . CYS A 1 56  ? -8.75667  -6.50778  -6.74401  1.000 117.91340 ? 11  CYS A CB  1 
ATOM 82   S SG  . CYS A 1 56  ? -10.26557 -7.45868  -7.03528  1.000 105.73934 ? 11  CYS A SG  1 
ATOM 83   N N   . ALA A 1 57  ? -6.55306  -4.45586  -8.17605  1.000 106.13324 ? 12  ALA A N   1 
ATOM 84   C CA  . ALA A 1 57  ? -5.26993  -3.76979  -8.11201  1.000 98.72595  ? 12  ALA A CA  1 
ATOM 85   C C   . ALA A 1 57  ? -5.33697  -2.35440  -8.66480  1.000 65.08338  ? 12  ALA A C   1 
ATOM 86   O O   . ALA A 1 57  ? -4.55877  -1.49418  -8.23601  1.000 83.63561  ? 12  ALA A O   1 
ATOM 87   C CB  . ALA A 1 57  ? -4.20390  -4.56123  -8.87409  1.000 63.11839  ? 12  ALA A CB  1 
ATOM 88   N N   . TRP A 1 58  ? -6.24585  -2.09466  -9.60918  1.000 80.68158  ? 13  TRP A N   1 
ATOM 89   C CA  . TRP A 1 58  ? -6.35580  -0.75528  -10.17561 1.000 94.92217  ? 13  TRP A CA  1 
ATOM 90   C C   . TRP A 1 58  ? -6.80984  0.25807   -9.13588  1.000 117.82715 ? 13  TRP A C   1 
ATOM 91   O O   . TRP A 1 58  ? -6.43117  1.43176   -9.21325  1.000 116.73175 ? 13  TRP A O   1 
ATOM 92   C CB  . TRP A 1 58  ? -7.31320  -0.75813  -11.36726 1.000 57.58358  ? 13  TRP A CB  1 
ATOM 93   C CG  . TRP A 1 58  ? -7.51650  0.59218   -11.99218 1.000 81.57184  ? 13  TRP A CG  1 
ATOM 94   C CD1 . TRP A 1 58  ? -8.71020  1.19394   -12.26460 1.000 127.46615 ? 13  TRP A CD1 1 
ATOM 95   C CD2 . TRP A 1 58  ? -6.49866  1.50521   -12.43122 1.000 119.39842 ? 13  TRP A CD2 1 
ATOM 96   N NE1 . TRP A 1 58  ? -8.50152  2.42440   -12.84001 1.000 125.59845 ? 13  TRP A NE1 1 
ATOM 97   C CE2 . TRP A 1 58  ? -7.15312  2.63904   -12.95379 1.000 108.74336 ? 13  TRP A CE2 1 
ATOM 98   C CE3 . TRP A 1 58  ? -5.09943  1.47489   -12.43216 1.000 131.00949 ? 13  TRP A CE3 1 
ATOM 99   C CZ2 . TRP A 1 58  ? -6.45764  3.73166   -13.47017 1.000 113.33087 ? 13  TRP A CZ2 1 
ATOM 100  C CZ3 . TRP A 1 58  ? -4.41138  2.56064   -12.94471 1.000 107.69213 ? 13  TRP A CZ3 1 
ATOM 101  C CH2 . TRP A 1 58  ? -5.09125  3.67334   -13.45648 1.000 127.42017 ? 13  TRP A CH2 1 
ATOM 102  N N   . VAL A 1 59  ? -7.61361  -0.16673  -8.16546  1.000 96.53879  ? 14  VAL A N   1 
ATOM 103  C CA  . VAL A 1 59  ? -7.99527  0.71458   -7.06706  1.000 100.42979 ? 14  VAL A CA  1 
ATOM 104  C C   . VAL A 1 59  ? -6.97881  0.64861   -5.93322  1.000 99.03114  ? 14  VAL A C   1 
ATOM 105  O O   . VAL A 1 59  ? -6.67531  1.66630   -5.30604  1.000 80.44838  ? 14  VAL A O   1 
ATOM 106  C CB  . VAL A 1 59  ? -9.42006  0.36956   -6.58047  1.000 124.59271 ? 14  VAL A CB  1 
ATOM 107  C CG1 . VAL A 1 59  ? -9.53940  -1.11270  -6.25669  1.000 127.22134 ? 14  VAL A CG1 1 
ATOM 108  C CG2 . VAL A 1 59  ? -9.80090  1.22158   -5.37649  1.000 154.10222 ? 14  VAL A CG2 1 
ATOM 109  N N   . GLY A 1 60  ? -6.42445  -0.53936  -5.67129  1.000 79.25209  ? 15  GLY A N   1 
ATOM 110  C CA  . GLY A 1 60  ? -5.44134  -0.67397  -4.61091  1.000 99.19378  ? 15  GLY A CA  1 
ATOM 111  C C   . GLY A 1 60  ? -4.16941  0.10519   -4.87631  1.000 76.72457  ? 15  GLY A C   1 
ATOM 112  O O   . GLY A 1 60  ? -3.53554  0.60311   -3.94125  1.000 69.64197  ? 15  GLY A O   1 
ATOM 113  N N   . THR A 1 61  ? -3.77584  0.22303   -6.14753  1.000 74.49458  ? 16  THR A N   1 
ATOM 114  C CA  . THR A 1 61  ? -2.61267  1.03704   -6.48555  1.000 86.09380  ? 16  THR A CA  1 
ATOM 115  C C   . THR A 1 61  ? -2.85412  2.50665   -6.16905  1.000 104.97068 ? 16  THR A C   1 
ATOM 116  O O   . THR A 1 61  ? -1.90924  3.23621   -5.84795  1.000 81.76676  ? 16  THR A O   1 
ATOM 117  C CB  . THR A 1 61  ? -2.25672  0.86414   -7.96334  1.000 96.66877  ? 16  THR A CB  1 
ATOM 118  O OG1 . THR A 1 61  ? -2.35765  -0.51914  -8.32255  1.000 85.19639  ? 16  THR A OG1 1 
ATOM 119  C CG2 . THR A 1 61  ? -0.83924  1.34568   -8.23125  1.000 81.33627  ? 16  THR A CG2 1 
ATOM 120  N N   . ILE A 1 62  ? -4.10756  2.95708   -6.24810  1.000 93.18173  ? 17  ILE A N   1 
ATOM 121  C CA  . ILE A 1 62  ? -4.42367  4.33796   -5.89768  1.000 75.21284  ? 17  ILE A CA  1 
ATOM 122  C C   . ILE A 1 62  ? -4.29106  4.54749   -4.39374  1.000 78.63095  ? 17  ILE A C   1 
ATOM 123  O O   . ILE A 1 62  ? -3.63789  5.49361   -3.94015  1.000 74.66452  ? 17  ILE A O   1 
ATOM 124  C CB  . ILE A 1 62  ? -5.83095  4.71287   -6.39619  1.000 116.97708 ? 17  ILE A CB  1 
ATOM 125  C CG1 . ILE A 1 62  ? -6.03345  4.24278   -7.83576  1.000 120.70495 ? 17  ILE A CG1 1 
ATOM 126  C CG2 . ILE A 1 62  ? -6.05156  6.21333   -6.29588  1.000 119.39841 ? 17  ILE A CG2 1 
ATOM 127  C CD1 . ILE A 1 62  ? -7.45251  4.41295   -8.33630  1.000 117.16835 ? 17  ILE A CD1 1 
ATOM 128  N N   . LEU A 1 63  ? -4.89832  3.65925   -3.59885  1.000 69.66572  ? 18  LEU A N   1 
ATOM 129  C CA  . LEU A 1 63  ? -4.88171  3.82641   -2.14882  1.000 47.62224  ? 18  LEU A CA  1 
ATOM 130  C C   . LEU A 1 63  ? -3.46266  3.85022   -1.59572  1.000 66.24941  ? 18  LEU A C   1 
ATOM 131  O O   . LEU A 1 63  ? -3.20782  4.49861   -0.57407  1.000 89.99593  ? 18  LEU A O   1 
ATOM 132  C CB  . LEU A 1 63  ? -5.69366  2.71850   -1.47657  1.000 92.38380  ? 18  LEU A CB  1 
ATOM 133  C CG  . LEU A 1 63  ? -7.19002  2.65362   -1.79371  1.000 84.62031  ? 18  LEU A CG  1 
ATOM 134  C CD1 . LEU A 1 63  ? -7.58335  1.25974   -2.25241  1.000 69.38165  ? 18  LEU A CD1 1 
ATOM 135  C CD2 . LEU A 1 63  ? -8.01452  3.07545   -0.58865  1.000 64.47109  ? 18  LEU A CD2 1 
ATOM 136  N N   . LEU A 1 64  ? -2.52873  3.15584   -2.24820  1.000 73.91181  ? 19  LEU A N   1 
ATOM 137  C CA  . LEU A 1 64  ? -1.12898  3.26422   -1.84928  1.000 65.45078  ? 19  LEU A CA  1 
ATOM 138  C C   . LEU A 1 64  ? -0.57422  4.64489   -2.17728  1.000 62.98815  ? 19  LEU A C   1 
ATOM 139  O O   . LEU A 1 64  ? 0.19235   5.21434   -1.39222  1.000 72.84208  ? 19  LEU A O   1 
ATOM 140  C CB  . LEU A 1 64  ? -0.30034  2.17422   -2.52866  1.000 77.91107  ? 19  LEU A CB  1 
ATOM 141  C CG  . LEU A 1 64  ? -0.73432  0.73201   -2.26096  1.000 90.44018  ? 19  LEU A CG  1 
ATOM 142  C CD1 . LEU A 1 64  ? -0.03938  -0.22636  -3.21727  1.000 85.14625  ? 19  LEU A CD1 1 
ATOM 143  C CD2 . LEU A 1 64  ? -0.46297  0.34917   -0.81575  1.000 69.85320  ? 19  LEU A CD2 1 
ATOM 144  N N   . VAL A 1 65  ? -0.95069  5.19856   -3.33351  1.000 64.64685  ? 20  VAL A N   1 
ATOM 145  C CA  . VAL A 1 65  ? -0.52264  6.54792   -3.68429  1.000 54.53311  ? 20  VAL A CA  1 
ATOM 146  C C   . VAL A 1 65  ? -1.25659  7.57858   -2.83670  1.000 64.08628  ? 20  VAL A C   1 
ATOM 147  O O   . VAL A 1 65  ? -0.67943  8.60546   -2.45620  1.000 69.84897  ? 20  VAL A O   1 
ATOM 148  C CB  . VAL A 1 65  ? -0.72699  6.79603   -5.18996  1.000 70.28699  ? 20  VAL A CB  1 
ATOM 149  C CG1 . VAL A 1 65  ? -0.37078  8.23084   -5.55443  1.000 86.64513  ? 20  VAL A CG1 1 
ATOM 150  C CG2 . VAL A 1 65  ? 0.10152   5.81559   -6.00464  1.000 55.24422  ? 20  VAL A CG2 1 
ATOM 151  N N   . VAL A 1 66  ? -2.52363  7.32192   -2.50703  1.000 59.09739  ? 21  VAL A N   1 
ATOM 152  C CA  . VAL A 1 66  ? -3.28450  8.18359   -1.60527  1.000 52.39941  ? 21  VAL A CA  1 
ATOM 153  C C   . VAL A 1 66  ? -2.96503  7.76717   -0.17200  1.000 61.62621  ? 21  VAL A C   1 
ATOM 154  O O   . VAL A 1 66  ? -3.82594  7.79726   0.71476   1.000 70.32933  ? 21  VAL A O   1 
ATOM 155  C CB  . VAL A 1 66  ? -4.79551  8.12046   -1.91222  1.000 58.64186  ? 21  VAL A CB  1 
ATOM 156  C CG1 . VAL A 1 66  ? -5.54472  9.26264   -1.24102  1.000 37.43775  ? 21  VAL A CG1 1 
ATOM 157  C CG2 . VAL A 1 66  ? -5.02883  8.18848   -3.40842  1.000 73.05283  ? 21  VAL A CG2 1 
ATOM 158  N N   . ALA A 1 67  ? -1.71641  7.35918   0.05439   1.000 60.04520  ? 22  ALA A N   1 
ATOM 159  C CA  . ALA A 1 67  ? -1.19349  7.10939   1.39208   1.000 69.99456  ? 22  ALA A CA  1 
ATOM 160  C C   . ALA A 1 67  ? 0.19193   7.69347   1.62381   1.000 71.05622  ? 22  ALA A C   1 
ATOM 161  O O   . ALA A 1 67  ? 0.60651   7.79693   2.78326   1.000 62.02457  ? 22  ALA A O   1 
ATOM 162  C CB  . ALA A 1 67  ? -1.15097  5.60280   1.68672   1.000 91.98173  ? 22  ALA A CB  1 
ATOM 163  N N   . MET A 1 68  ? 0.91979   8.07550   0.57396   1.000 88.20440  ? 23  MET A N   1 
ATOM 164  C CA  . MET A 1 68  ? 2.21910   8.71640   0.71425   1.000 97.63904  ? 23  MET A CA  1 
ATOM 165  C C   . MET A 1 68  ? 2.16064   10.22945  0.55018   1.000 109.00195 ? 23  MET A C   1 
ATOM 166  O O   . MET A 1 68  ? 3.08964   10.92027  0.98370   1.000 115.30087 ? 23  MET A O   1 
ATOM 167  C CB  . MET A 1 68  ? 3.20755   8.13807   -0.30798  1.000 99.32677  ? 23  MET A CB  1 
ATOM 168  C CG  . MET A 1 68  ? 3.21710   8.86619   -1.64346  1.000 107.63073 ? 23  MET A CG  1 
ATOM 169  S SD  . MET A 1 68  ? 4.50009   8.28057   -2.76447  1.000 87.74738  ? 23  MET A SD  1 
ATOM 170  C CE  . MET A 1 68  ? 5.82439   9.42580   -2.38867  1.000 102.67992 ? 23  MET A CE  1 
ATOM 171  N N   . ALA A 1 69  ? 1.09927   10.75655  -0.05998  1.000 92.94829  ? 24  ALA A N   1 
ATOM 172  C CA  . ALA A 1 69  ? 0.94800   12.18795  -0.28046  1.000 89.32996  ? 24  ALA A CA  1 
ATOM 173  C C   . ALA A 1 69  ? -0.18868  12.78613  0.53725   1.000 96.38328  ? 24  ALA A C   1 
ATOM 174  O O   . ALA A 1 69  ? -0.53408  13.95591  0.33950   1.000 114.62221 ? 24  ALA A O   1 
ATOM 175  C CB  . ALA A 1 69  ? 0.73206   12.47464  -1.76786  1.000 132.97144 ? 24  ALA A CB  1 
ATOM 176  N N   . THR A 1 70  ? -0.77948  12.01458  1.44549   1.000 77.96813  ? 25  THR A N   1 
ATOM 177  C CA  . THR A 1 70  ? -1.85516  12.48303  2.31234   1.000 79.24683  ? 25  THR A CA  1 
ATOM 178  C C   . THR A 1 70  ? -1.29699  12.62902  3.72148   1.000 80.75553  ? 25  THR A C   1 
ATOM 179  O O   . THR A 1 70  ? -0.96240  11.63267  4.37227   1.000 84.98277  ? 25  THR A O   1 
ATOM 180  C CB  . THR A 1 70  ? -3.03950  11.52192  2.28578   1.000 75.95976  ? 25  THR A CB  1 
ATOM 181  O OG1 . THR A 1 70  ? -2.72810  10.35725  3.06083   1.000 84.83138  ? 25  THR A OG1 1 
ATOM 182  C CG2 . THR A 1 70  ? -3.34101  11.10811  0.85901   1.000 85.61154  ? 25  THR A CG2 1 
ATOM 183  N N   . ASP A 1 71  ? -1.20402  13.87242  4.18876   1.000 69.56011  ? 26  ASP A N   1 
ATOM 184  C CA  . ASP A 1 71  ? -0.60419  14.18717  5.48401   1.000 64.52430  ? 26  ASP A CA  1 
ATOM 185  C C   . ASP A 1 71  ? -1.61199  13.98353  6.61751   1.000 73.33676  ? 26  ASP A C   1 
ATOM 186  O O   . ASP A 1 71  ? -1.93276  14.89694  7.37638   1.000 69.05114  ? 26  ASP A O   1 
ATOM 187  C CB  . ASP A 1 71  ? -0.08292  15.61736  5.47140   1.000 103.68293 ? 26  ASP A CB  1 
ATOM 188  C CG  . ASP A 1 71  ? -1.08849  16.59061  4.88654   1.000 79.37600  ? 26  ASP A CG  1 
ATOM 189  O OD1 . ASP A 1 71  ? -1.41022  16.46572  3.68661   1.000 79.71980  ? 26  ASP A OD1 1 
ATOM 190  O OD2 . ASP A 1 71  ? -1.57585  17.46346  5.63159   1.000 64.53876  ? 26  ASP A OD2 1 
ATOM 191  N N   . HIS A 1 72  ? -2.11917  12.75657  6.71899   1.000 87.11417  ? 27  HIS A N   1 
ATOM 192  C CA  . HIS A 1 72  ? -3.12563  12.41495  7.72275   1.000 64.21145  ? 27  HIS A CA  1 
ATOM 193  C C   . HIS A 1 72  ? -2.87372  11.01480  8.27447   1.000 68.72624  ? 27  HIS A C   1 
ATOM 194  O O   . HIS A 1 72  ? -3.76862  10.17077  8.32392   1.000 86.33130  ? 27  HIS A O   1 
ATOM 195  C CB  . HIS A 1 72  ? -4.53971  12.52024  7.15108   1.000 56.39766  ? 27  HIS A CB  1 
ATOM 196  C CG  . HIS A 1 72  ? -4.86646  13.86311  6.57283   1.000 80.34493  ? 27  HIS A CG  1 
ATOM 197  N ND1 . HIS A 1 72  ? -5.67750  14.77225  7.21721   1.000 73.49168  ? 27  HIS A ND1 1 
ATOM 198  C CD2 . HIS A 1 72  ? -4.50519  14.44447  5.40324   1.000 98.71138  ? 27  HIS A CD2 1 
ATOM 199  C CE1 . HIS A 1 72  ? -5.79522  15.85890  6.47413   1.000 67.52672  ? 27  HIS A CE1 1 
ATOM 200  N NE2 . HIS A 1 72  ? -5.09263  15.68586  5.36838   1.000 92.67315  ? 27  HIS A NE2 1 
ATOM 201  N N   . TRP A 1 73  ? -1.63966  10.75150  8.70552   1.000 50.27982  ? 28  TRP A N   1 
ATOM 202  C CA  . TRP A 1 73  ? -1.32406  9.47226   9.32979   1.000 74.51799  ? 28  TRP A CA  1 
ATOM 203  C C   . TRP A 1 73  ? -1.62247  9.45504   10.82104  1.000 52.29410  ? 28  TRP A C   1 
ATOM 204  O O   . TRP A 1 73  ? -1.80303  8.37187   11.39017  1.000 57.07609  ? 28  TRP A O   1 
ATOM 205  C CB  . TRP A 1 73  ? 0.14990   9.11015   9.10707   1.000 78.75448  ? 28  TRP A CB  1 
ATOM 206  C CG  . TRP A 1 73  ? 0.42371   8.44105   7.79102   1.000 82.12313  ? 28  TRP A CG  1 
ATOM 207  C CD1 . TRP A 1 73  ? 0.53560   9.04363   6.57171   1.000 84.94505  ? 28  TRP A CD1 1 
ATOM 208  C CD2 . TRP A 1 73  ? 0.62397   7.04037   7.56465   1.000 88.53268  ? 28  TRP A CD2 1 
ATOM 209  N NE1 . TRP A 1 73  ? 0.79129   8.10639   5.60151   1.000 90.86470  ? 28  TRP A NE1 1 
ATOM 210  C CE2 . TRP A 1 73  ? 0.85067   6.86837   6.18434   1.000 66.50367  ? 28  TRP A CE2 1 
ATOM 211  C CE3 . TRP A 1 73  ? 0.63470   5.91464   8.39546   1.000 85.35328  ? 28  TRP A CE3 1 
ATOM 212  C CZ2 . TRP A 1 73  ? 1.08578   5.61595   5.61621   1.000 27.88977  ? 28  TRP A CZ2 1 
ATOM 213  C CZ3 . TRP A 1 73  ? 0.86772   4.67288   7.82818   1.000 84.54051  ? 28  TRP A CZ3 1 
ATOM 214  C CH2 . TRP A 1 73  ? 1.08916   4.53460   6.45188   1.000 67.60533  ? 28  TRP A CH2 1 
ATOM 215  N N   . MET A 1 74  ? -1.68165  10.62070  11.46292  1.000 88.54516  ? 29  MET A N   1 
ATOM 216  C CA  . MET A 1 74  ? -1.96550  10.69852  12.89042  1.000 86.93299  ? 29  MET A CA  1 
ATOM 217  C C   . MET A 1 74  ? -2.53486  12.07432  13.19921  1.000 93.72422  ? 29  MET A C   1 
ATOM 218  O O   . MET A 1 74  ? -1.91297  13.09013  12.87459  1.000 67.22317  ? 29  MET A O   1 
ATOM 219  C CB  . MET A 1 74  ? -0.70379  10.44058  13.72261  1.000 74.82502  ? 29  MET A CB  1 
ATOM 220  C CG  . MET A 1 74  ? -0.68611  9.09563   14.42401  1.000 107.99460 ? 29  MET A CG  1 
ATOM 221  S SD  . MET A 1 74  ? 0.55952   9.01057   15.72245  1.000 93.93144  ? 29  MET A SD  1 
ATOM 222  C CE  . MET A 1 74  ? -0.41405  9.46430   17.15548  1.000 147.62340 ? 29  MET A CE  1 
ATOM 223  N N   . GLN A 1 75  ? -3.71021  12.10111  13.82119  1.000 100.66942 ? 30  GLN A N   1 
ATOM 224  C CA  . GLN A 1 75  ? -4.35073  13.35451  14.18866  1.000 79.43023  ? 30  GLN A CA  1 
ATOM 225  C C   . GLN A 1 75  ? -3.77001  13.88620  15.49228  1.000 117.93550 ? 30  GLN A C   1 
ATOM 226  O O   . GLN A 1 75  ? -3.51642  13.12589  16.42994  1.000 121.70177 ? 30  GLN A O   1 
ATOM 227  C CB  . GLN A 1 75  ? -5.86026  13.15540  14.33045  1.000 86.74101  ? 30  GLN A CB  1 
ATOM 228  C CG  . GLN A 1 75  ? -6.61540  14.37740  14.83297  1.000 84.60310  ? 30  GLN A CG  1 
ATOM 229  C CD  . GLN A 1 75  ? -7.81805  14.00922  15.68083  1.000 117.40524 ? 30  GLN A CD  1 
ATOM 230  O OE1 . GLN A 1 75  ? -8.72867  13.31838  15.22218  1.000 117.28825 ? 30  GLN A OE1 1 
ATOM 231  N NE2 . GLN A 1 75  ? -7.82667  14.46977  16.92619  1.000 129.50254 ? 30  GLN A NE2 1 
ATOM 232  N N   . TYR A 1 76  ? -3.55320  15.19902  15.54327  1.000 114.37497 ? 31  TYR A N   1 
ATOM 233  C CA  . TYR A 1 76  ? -3.08071  15.85329  16.75544  1.000 115.57792 ? 31  TYR A CA  1 
ATOM 234  C C   . TYR A 1 76  ? -3.28843  17.35311  16.61527  1.000 114.16209 ? 31  TYR A C   1 
ATOM 235  O O   . TYR A 1 76  ? -3.33084  17.88498  15.50255  1.000 105.77351 ? 31  TYR A O   1 
ATOM 236  C CB  . TYR A 1 76  ? -1.60450  15.54311  17.03447  1.000 104.51793 ? 31  TYR A CB  1 
ATOM 237  C CG  . TYR A 1 76  ? -1.21764  15.70269  18.48860  1.000 122.44515 ? 31  TYR A CG  1 
ATOM 238  C CD1 . TYR A 1 76  ? -0.68478  16.89605  18.95953  1.000 132.15250 ? 31  TYR A CD1 1 
ATOM 239  C CD2 . TYR A 1 76  ? -1.39533  14.66310  19.39271  1.000 132.68625 ? 31  TYR A CD2 1 
ATOM 240  C CE1 . TYR A 1 76  ? -0.33410  17.04719  20.28883  1.000 130.07936 ? 31  TYR A CE1 1 
ATOM 241  C CE2 . TYR A 1 76  ? -1.04777  14.80585  20.72358  1.000 127.40403 ? 31  TYR A CE2 1 
ATOM 242  C CZ  . TYR A 1 76  ? -0.51763  15.99903  21.16576  1.000 122.69911 ? 31  TYR A CZ  1 
ATOM 243  O OH  . TYR A 1 76  ? -0.17038  16.14525  22.48867  1.000 125.51111 ? 31  TYR A OH  1 
ATOM 244  N N   . ARG A 1 77  ? -3.41602  18.02575  17.75753  1.000 118.42029 ? 32  ARG A N   1 
ATOM 245  C CA  . ARG A 1 77  ? -3.60694  19.46774  17.78167  1.000 111.97924 ? 32  ARG A CA  1 
ATOM 246  C C   . ARG A 1 77  ? -3.02594  20.02603  19.07185  1.000 119.45432 ? 32  ARG A C   1 
ATOM 247  O O   . ARG A 1 77  ? -2.77061  19.29230  20.03025  1.000 101.36591 ? 32  ARG A O   1 
ATOM 248  C CB  . ARG A 1 77  ? -5.08836  19.84176  17.65447  1.000 123.74373 ? 32  ARG A CB  1 
ATOM 249  C CG  . ARG A 1 77  ? -5.98026  19.22870  18.72201  1.000 125.84465 ? 32  ARG A CG  1 
ATOM 250  C CD  . ARG A 1 77  ? -7.43218  19.62871  18.52026  1.000 130.57908 ? 32  ARG A CD  1 
ATOM 251  N NE  . ARG A 1 77  ? -8.14429  19.75671  19.78593  1.000 124.80002 ? 32  ARG A NE  1 
ATOM 252  C CZ  . ARG A 1 77  ? -8.56923  20.90568  20.29384  1.000 123.62161 ? 32  ARG A CZ  1 
ATOM 253  N NH1 . ARG A 1 77  ? -8.37105  22.05337  19.66707  1.000 116.20270 ? 32  ARG A NH1 1 
ATOM 254  N NH2 . ARG A 1 77  ? -9.20872  20.90284  21.46027  1.000 116.37186 ? 32  ARG A NH2 1 
ATOM 255  N N   . LEU A 1 78  ? -2.81991  21.34309  19.08372  1.000 122.82043 ? 33  LEU A N   1 
ATOM 256  C CA  . LEU A 1 78  ? -2.29139  22.02218  20.26052  1.000 93.24022  ? 33  LEU A CA  1 
ATOM 257  C C   . LEU A 1 78  ? -3.10691  23.26588  20.58717  1.000 88.21643  ? 33  LEU A C   1 
ATOM 258  O O   . LEU A 1 78  ? -4.20008  23.16918  21.15500  1.000 93.85580  ? 33  LEU A O   1 
ATOM 259  C CB  . LEU A 1 78  ? -0.82271  22.39868  20.05316  1.000 95.38090  ? 33  LEU A CB  1 
ATOM 260  C CG  . LEU A 1 78  ? 0.23539   21.40540  20.53859  1.000 101.06238 ? 33  LEU A CG  1 
ATOM 261  C CD1 . LEU A 1 78  ? 1.54803   22.12669  20.80363  1.000 101.18643 ? 33  LEU A CD1 1 
ATOM 262  C CD2 . LEU A 1 78  ? -0.23422  20.66245  21.78119  1.000 109.78977 ? 33  LEU A CD2 1 
ATOM 263  N N   . SER A 1 79  ? -2.58244  24.43662  20.23322  1.000 97.33355  ? 34  SER A N   1 
ATOM 264  C CA  . SER A 1 79  ? -3.22157  25.71862  20.52143  1.000 97.20084  ? 34  SER A CA  1 
ATOM 265  C C   . SER A 1 79  ? -3.50403  26.42572  19.19922  1.000 83.71567  ? 34  SER A C   1 
ATOM 266  O O   . SER A 1 79  ? -2.61061  27.04816  18.61538  1.000 67.52610  ? 34  SER A O   1 
ATOM 267  C CB  . SER A 1 79  ? -2.34448  26.57153  21.43337  1.000 83.63831  ? 34  SER A CB  1 
ATOM 268  O OG  . SER A 1 79  ? -3.04337  27.71690  21.88832  1.000 110.90288 ? 34  SER A OG  1 
ATOM 269  N N   . GLY A 1 80  ? -4.74386  26.32839  18.73052  1.000 71.08329  ? 35  GLY A N   1 
ATOM 270  C CA  . GLY A 1 80  ? -5.14749  27.01612  17.51554  1.000 103.48778 ? 35  GLY A CA  1 
ATOM 271  C C   . GLY A 1 80  ? -4.52827  26.47570  16.24465  1.000 95.31929  ? 35  GLY A C   1 
ATOM 272  O O   . GLY A 1 80  ? -4.16630  27.25728  15.35590  1.000 100.45790 ? 35  GLY A O   1 
ATOM 273  N N   . SER A 1 81  ? -4.39966  25.15435  16.13239  1.000 61.15151  ? 36  SER A N   1 
ATOM 274  C CA  . SER A 1 81  ? -3.83721  24.54607  14.93203  1.000 70.93555  ? 36  SER A CA  1 
ATOM 275  C C   . SER A 1 81  ? -4.22817  23.07765  14.83050  1.000 111.43910 ? 36  SER A C   1 
ATOM 276  O O   . SER A 1 81  ? -3.36538  22.19532  14.89250  1.000 120.93840 ? 36  SER A O   1 
ATOM 277  C CB  . SER A 1 81  ? -2.31107  24.69041  14.91806  1.000 58.53424  ? 36  SER A CB  1 
ATOM 278  O OG  . SER A 1 81  ? -1.75658  24.42938  16.19663  1.000 83.16976  ? 36  SER A OG  1 
ATOM 279  N N   . PHE A 1 82  ? -5.52197  22.80406  14.67806  1.000 88.17646  ? 37  PHE A N   1 
ATOM 280  C CA  . PHE A 1 82  ? -5.97358  21.42787  14.51549  1.000 91.79205  ? 37  PHE A CA  1 
ATOM 281  C C   . PHE A 1 82  ? -5.61848  20.92625  13.12070  1.000 113.28359 ? 37  PHE A C   1 
ATOM 282  O O   . PHE A 1 82  ? -5.94636  21.56355  12.11512  1.000 114.37783 ? 37  PHE A O   1 
ATOM 283  C CB  . PHE A 1 82  ? -7.48129  21.31970  14.76294  1.000 59.47616  ? 37  PHE A CB  1 
ATOM 284  C CG  . PHE A 1 82  ? -8.26114  22.53186  14.32911  1.000 99.64210  ? 37  PHE A CG  1 
ATOM 285  C CD1 . PHE A 1 82  ? -8.55803  22.74188  12.99243  1.000 86.21147  ? 37  PHE A CD1 1 
ATOM 286  C CD2 . PHE A 1 82  ? -8.70384  23.45711  15.26069  1.000 99.21484  ? 37  PHE A CD2 1 
ATOM 287  C CE1 . PHE A 1 82  ? -9.27380  23.85071  12.59090  1.000 97.18858  ? 37  PHE A CE1 1 
ATOM 288  C CE2 . PHE A 1 82  ? -9.42338  24.56889  14.86698  1.000 103.06693 ? 37  PHE A CE2 1 
ATOM 289  C CZ  . PHE A 1 82  ? -9.70865  24.76616  13.52974  1.000 112.88090 ? 37  PHE A CZ  1 
ATOM 290  N N   . ALA A 1 83  ? -4.93269  19.78639  13.06097  1.000 87.12238  ? 38  ALA A N   1 
ATOM 291  C CA  . ALA A 1 83  ? -4.49084  19.24838  11.78108  1.000 93.35443  ? 38  ALA A CA  1 
ATOM 292  C C   . ALA A 1 83  ? -4.21866  17.75369  11.86390  1.000 75.98829  ? 38  ALA A C   1 
ATOM 293  O O   . ALA A 1 83  ? -5.03053  16.99260  12.39946  1.000 91.55748  ? 38  ALA A O   1 
ATOM 294  C CB  . ALA A 1 83  ? -3.23600  19.97746  11.29585  1.000 130.90933 ? 38  ALA A CB  1 
ATOM 295  N N   . HIS A 1 84  ? -3.07362  17.33229  11.33952  1.000 73.55231  ? 39  HIS A N   1 
ATOM 296  C CA  . HIS A 1 84  ? -2.73801  15.92060  11.24353  1.000 84.40060  ? 39  HIS A CA  1 
ATOM 297  C C   . HIS A 1 84  ? -1.21661  15.79808  11.18247  1.000 69.33828  ? 39  HIS A C   1 
ATOM 298  O O   . HIS A 1 84  ? -0.49529  16.75154  11.49544  1.000 63.05020  ? 39  HIS A O   1 
ATOM 299  C CB  . HIS A 1 84  ? -3.43498  15.29431  10.02490  1.000 95.81031  ? 39  HIS A CB  1 
ATOM 300  C CG  . HIS A 1 84  ? -4.79388  14.74375  10.31884  1.000 71.83208  ? 39  HIS A CG  1 
ATOM 301  N ND1 . HIS A 1 84  ? -5.94911  15.47527  10.14272  1.000 56.49354  ? 39  HIS A ND1 1 
ATOM 302  C CD2 . HIS A 1 84  ? -5.18384  13.52753  10.76858  1.000 59.39143  ? 39  HIS A CD2 1 
ATOM 303  C CE1 . HIS A 1 84  ? -6.99245  14.73573  10.47781  1.000 55.44400  ? 39  HIS A CE1 1 
ATOM 304  N NE2 . HIS A 1 84  ? -6.55523  13.54854  10.85993  1.000 54.93214  ? 39  HIS A NE2 1 
ATOM 305  N N   . GLN A 1 85  ? -0.73187  14.62770  10.77591  1.000 53.72610  ? 40  GLN A N   1 
ATOM 306  C CA  . GLN A 1 85  ? 0.70040   14.38386  10.66189  1.000 79.86833  ? 40  GLN A CA  1 
ATOM 307  C C   . GLN A 1 85  ? 0.91351   13.16814  9.77432   1.000 82.79837  ? 40  GLN A C   1 
ATOM 308  O O   . GLN A 1 85  ? 0.34130   12.10637  10.03470  1.000 81.80776  ? 40  GLN A O   1 
ATOM 309  C CB  . GLN A 1 85  ? 1.34149   14.15762  12.03728  1.000 96.06202  ? 40  GLN A CB  1 
ATOM 310  C CG  . GLN A 1 85  ? 2.68979   13.45540  11.97828  1.000 78.29380  ? 40  GLN A CG  1 
ATOM 311  C CD  . GLN A 1 85  ? 3.33271   13.30899  13.34219  1.000 89.95650  ? 40  GLN A CD  1 
ATOM 312  O OE1 . GLN A 1 85  ? 3.32378   14.23991  14.14947  1.000 51.25921  ? 40  GLN A OE1 1 
ATOM 313  N NE2 . GLN A 1 85  ? 3.89858   12.13652  13.60681  1.000 87.30461  ? 40  GLN A NE2 1 
ATOM 314  N N   . GLY A 1 86  ? 1.73280   13.32534  8.73432   1.000 71.97521  ? 41  GLY A N   1 
ATOM 315  C CA  . GLY A 1 86  ? 2.03752   12.25569  7.81745   1.000 59.52527  ? 41  GLY A CA  1 
ATOM 316  C C   . GLY A 1 86  ? 3.46229   11.75215  7.95816   1.000 58.68986  ? 41  GLY A C   1 
ATOM 317  O O   . GLY A 1 86  ? 4.20564   12.13071  8.86582   1.000 77.82449  ? 41  GLY A O   1 
ATOM 318  N N   . LEU A 1 87  ? 3.83626   10.87053  7.02774   1.000 50.18182  ? 42  LEU A N   1 
ATOM 319  C CA  . LEU A 1 87  ? 5.19845   10.34686  7.00263   1.000 39.88137  ? 42  LEU A CA  1 
ATOM 320  C C   . LEU A 1 87  ? 6.19778   11.46097  6.72939   1.000 49.44699  ? 42  LEU A C   1 
ATOM 321  O O   . LEU A 1 87  ? 7.03320   11.79096  7.57833   1.000 62.33584  ? 42  LEU A O   1 
ATOM 322  C CB  . LEU A 1 87  ? 5.31638   9.24317   5.94783   1.000 54.67216  ? 42  LEU A CB  1 
ATOM 323  C CG  . LEU A 1 87  ? 4.68069   7.88859   6.27046   1.000 59.33776  ? 42  LEU A CG  1 
ATOM 324  C CD1 . LEU A 1 87  ? 4.48075   7.07626   5.00557   1.000 45.22194  ? 42  LEU A CD1 1 
ATOM 325  C CD2 . LEU A 1 87  ? 5.53087   7.12258   7.26995   1.000 88.36101  ? 42  LEU A CD2 1 
ATOM 326  N N   . TRP A 1 88  ? 6.12092   12.05749  5.54022   1.000 66.18741  ? 43  TRP A N   1 
ATOM 327  C CA  . TRP A 1 88  ? 7.01559   13.14502  5.16730   1.000 97.69533  ? 43  TRP A CA  1 
ATOM 328  C C   . TRP A 1 88  ? 6.54917   14.46016  5.77670   1.000 86.23430  ? 43  TRP A C   1 
ATOM 329  O O   . TRP A 1 88  ? 7.07988   14.90826  6.79807   1.000 99.24366  ? 43  TRP A O   1 
ATOM 330  C CB  . TRP A 1 88  ? 7.09969   13.27319  3.64331   1.000 93.50452  ? 43  TRP A CB  1 
ATOM 331  C CG  . TRP A 1 88  ? 7.89546   12.19149  2.97617   1.000 101.58874 ? 43  TRP A CG  1 
ATOM 332  C CD1 . TRP A 1 88  ? 9.24547   12.16533  2.78946   1.000 116.14658 ? 43  TRP A CD1 1 
ATOM 333  C CD2 . TRP A 1 88  ? 7.38706   10.98291  2.39617   1.000 70.80735  ? 43  TRP A CD2 1 
ATOM 334  N NE1 . TRP A 1 88  ? 9.61150   11.01337  2.13504   1.000 112.05440 ? 43  TRP A NE1 1 
ATOM 335  C CE2 . TRP A 1 88  ? 8.48877   10.27069  1.88243   1.000 61.20719  ? 43  TRP A CE2 1 
ATOM 336  C CE3 . TRP A 1 88  ? 6.10776   10.43293  2.26532   1.000 97.87662  ? 43  TRP A CE3 1 
ATOM 337  C CZ2 . TRP A 1 88  ? 8.35112   9.03842   1.24869   1.000 75.66598  ? 43  TRP A CZ2 1 
ATOM 338  C CZ3 . TRP A 1 88  ? 5.97258   9.20972   1.63539   1.000 78.73830  ? 43  TRP A CZ3 1 
ATOM 339  C CH2 . TRP A 1 88  ? 7.08766   8.52638   1.13463   1.000 78.87567  ? 43  TRP A CH2 1 
ATOM 340  N N   . ARG A 1 89  ? 5.54589   15.07338  5.15752   1.000 73.81447  ? 44  ARG A N   1 
ATOM 341  C CA  . ARG A 1 89  ? 5.10581   16.40680  5.53992   1.000 82.85990  ? 44  ARG A CA  1 
ATOM 342  C C   . ARG A 1 89  ? 4.27348   16.37863  6.81538   1.000 66.55763  ? 44  ARG A C   1 
ATOM 343  O O   . ARG A 1 89  ? 3.51508   15.43662  7.06646   1.000 81.63116  ? 44  ARG A O   1 
ATOM 344  C CB  . ARG A 1 89  ? 4.29118   17.03570  4.40846   1.000 100.61728 ? 44  ARG A CB  1 
ATOM 345  C CG  . ARG A 1 89  ? 4.49114   18.53207  4.23807   1.000 71.88758  ? 44  ARG A CG  1 
ATOM 346  C CD  . ARG A 1 89  ? 4.23268   18.97220  2.80385   1.000 107.44088 ? 44  ARG A CD  1 
ATOM 347  N NE  . ARG A 1 89  ? 2.91108   18.57805  2.32849   1.000 113.83764 ? 44  ARG A NE  1 
ATOM 348  C CZ  . ARG A 1 89  ? 2.67574   17.54460  1.52989   1.000 110.47670 ? 44  ARG A CZ  1 
ATOM 349  N NH1 . ARG A 1 89  ? 3.65625   16.77069  1.09222   1.000 40.31120  ? 44  ARG A NH1 1 
ATOM 350  N NH2 . ARG A 1 89  ? 1.42458   17.27792  1.16505   1.000 119.27123 ? 44  ARG A NH2 1 
ATOM 351  N N   . TYR A 1 90  ? 4.42716   17.42167  7.62224   1.000 67.94371  ? 45  TYR A N   1 
ATOM 352  C CA  . TYR A 1 90  ? 3.57315   17.67901  8.77063   1.000 64.74128  ? 45  TYR A CA  1 
ATOM 353  C C   . TYR A 1 90  ? 2.69528   18.88776  8.47193   1.000 83.43863  ? 45  TYR A C   1 
ATOM 354  O O   . TYR A 1 90  ? 2.91461   19.61815  7.50145   1.000 111.06435 ? 45  TYR A O   1 
ATOM 355  C CB  . TYR A 1 90  ? 4.39802   17.92371  10.04177  1.000 92.50255  ? 45  TYR A CB  1 
ATOM 356  C CG  . TYR A 1 90  ? 5.53973   16.95600  10.28006  1.000 107.85249 ? 45  TYR A CG  1 
ATOM 357  C CD1 . TYR A 1 90  ? 5.47245   15.63834  9.84797   1.000 90.93107  ? 45  TYR A CD1 1 
ATOM 358  C CD2 . TYR A 1 90  ? 6.68628   17.36677  10.94617  1.000 104.26805 ? 45  TYR A CD2 1 
ATOM 359  C CE1 . TYR A 1 90  ? 6.51908   14.76178  10.06706  1.000 61.20121  ? 45  TYR A CE1 1 
ATOM 360  C CE2 . TYR A 1 90  ? 7.73328   16.49877  11.17095  1.000 93.18880  ? 45  TYR A CE2 1 
ATOM 361  C CZ  . TYR A 1 90  ? 7.64575   15.19784  10.72926  1.000 92.47741  ? 45  TYR A CZ  1 
ATOM 362  O OH  . TYR A 1 90  ? 8.68949   14.33129  10.95118  1.000 118.69829 ? 45  TYR A OH  1 
ATOM 363  N N   . CYS A 1 91  ? 1.69392   19.10342  9.32263   1.000 73.39683  ? 46  CYS A N   1 
ATOM 364  C CA  . CYS A 1 91  ? 0.77888   20.21838  9.12548   1.000 80.07931  ? 46  CYS A CA  1 
ATOM 365  C C   . CYS A 1 91  ? 0.25839   20.70281  10.47005  1.000 68.02059  ? 46  CYS A C   1 
ATOM 366  O O   . CYS A 1 91  ? 0.15859   19.93372  11.42921  1.000 60.44116  ? 46  CYS A O   1 
ATOM 367  C CB  . CYS A 1 91  ? -0.39019  19.83154  8.21182   1.000 97.73836  ? 46  CYS A CB  1 
ATOM 368  S SG  . CYS A 1 91  ? -0.02108  19.97089  6.44960   1.000 72.98251  ? 46  CYS A SG  1 
ATOM 369  N N   . LEU A 1 92  ? -0.07358  21.99292  10.52550  1.000 89.07591  ? 47  LEU A N   1 
ATOM 370  C CA  . LEU A 1 92  ? -0.59347  22.60579  11.74148  1.000 91.52182  ? 47  LEU A CA  1 
ATOM 371  C C   . LEU A 1 92  ? -1.75444  23.54012  11.42477  1.000 88.79117  ? 47  LEU A C   1 
ATOM 372  O O   . LEU A 1 92  ? -2.90938  23.10716  11.35958  1.000 87.92197  ? 47  LEU A O   1 
ATOM 373  C CB  . LEU A 1 92  ? 0.51319   23.36658  12.47506  1.000 112.28092 ? 47  LEU A CB  1 
ATOM 374  C CG  . LEU A 1 92  ? 1.62113   22.52486  13.11227  1.000 117.64104 ? 47  LEU A CG  1 
ATOM 375  C CD1 . LEU A 1 92  ? 2.88440   22.58158  12.27043  1.000 57.86324  ? 47  LEU A CD1 1 
ATOM 376  C CD2 . LEU A 1 92  ? 1.89909   22.98473  14.53496  1.000 117.87458 ? 47  LEU A CD2 1 
ATOM 377  N N   . GLY A 1 93  ? -1.46076  24.82269  11.22694  1.000 100.67299 ? 48  GLY A N   1 
ATOM 378  C CA  . GLY A 1 93  ? -2.50011  25.79021  10.93312  1.000 121.42432 ? 48  GLY A CA  1 
ATOM 379  C C   . GLY A 1 93  ? -2.00228  27.00025  10.17120  1.000 111.98070 ? 48  GLY A C   1 
ATOM 380  O O   . GLY A 1 93  ? -2.36176  27.20176  9.00701   1.000 103.96217 ? 48  GLY A O   1 
ATOM 381  N N   . ASN A 1 94  ? -1.17132  27.81766  10.82115  1.000 76.75996  ? 49  ASN A N   1 
ATOM 382  C CA  . ASN A 1 94  ? -0.64473  29.01367  10.17434  1.000 91.87193  ? 49  ASN A CA  1 
ATOM 383  C C   . ASN A 1 94  ? 0.37299   28.68667  9.09130   1.000 115.15560 ? 49  ASN A C   1 
ATOM 384  O O   . ASN A 1 94  ? 0.57594   29.50130  8.18488   1.000 123.59151 ? 49  ASN A O   1 
ATOM 385  C CB  . ASN A 1 94  ? -0.01444  29.93965  11.21557  1.000 114.93349 ? 49  ASN A CB  1 
ATOM 386  C CG  . ASN A 1 94  ? -0.53452  31.35893  11.12383  1.000 114.82375 ? 49  ASN A CG  1 
ATOM 387  O OD1 . ASN A 1 94  ? -1.48985  31.63629  10.39955  1.000 107.60639 ? 49  ASN A OD1 1 
ATOM 388  N ND2 . ASN A 1 94  ? 0.09135   32.26739  11.86236  1.000 55.12715  ? 49  ASN A ND2 1 
ATOM 389  N N   . LYS A 1 95  ? 1.01049   27.52204  9.16209   1.000 116.04549 ? 50  LYS A N   1 
ATOM 390  C CA  . LYS A 1 95  ? 2.02541   27.12452  8.19506   1.000 119.37098 ? 50  LYS A CA  1 
ATOM 391  C C   . LYS A 1 95  ? 2.04361   25.60111  8.12723   1.000 115.49728 ? 50  LYS A C   1 
ATOM 392  O O   . LYS A 1 95  ? 1.20379   24.92615  8.73056   1.000 110.18013 ? 50  LYS A O   1 
ATOM 393  C CB  . LYS A 1 95  ? 3.38927   27.71752  8.57819   1.000 113.48593 ? 50  LYS A CB  1 
ATOM 394  C CG  . LYS A 1 95  ? 4.36562   27.90339  7.41865   1.000 110.31845 ? 50  LYS A CG  1 
ATOM 395  C CD  . LYS A 1 95  ? 3.74494   28.66818  6.25927   1.000 142.35020 ? 50  LYS A CD  1 
ATOM 396  C CE  . LYS A 1 95  ? 3.34499   30.07854  6.66423   1.000 127.20633 ? 50  LYS A CE  1 
ATOM 397  N NZ  . LYS A 1 95  ? 2.47855   30.71684  5.63584   1.000 127.21496 ? 50  LYS A NZ  1 
ATOM 398  N N   . CYS A 1 96  ? 3.00072   25.05781  7.38304   1.000 124.98165 ? 51  CYS A N   1 
ATOM 399  C CA  . CYS A 1 96  ? 3.20396   23.62437  7.26490   1.000 127.35427 ? 51  CYS A CA  1 
ATOM 400  C C   . CYS A 1 96  ? 4.47847   23.22934  8.01067   1.000 114.25095 ? 51  CYS A C   1 
ATOM 401  O O   . CYS A 1 96  ? 5.04968   24.01915  8.77228   1.000 94.83431  ? 51  CYS A O   1 
ATOM 402  C CB  . CYS A 1 96  ? 3.25214   23.22144  5.78912   1.000 114.06059 ? 51  CYS A CB  1 
ATOM 403  S SG  . CYS A 1 96  ? 1.83645   23.79246  4.81641   1.000 96.41893  ? 51  CYS A SG  1 
ATOM 404  N N   . TYR A 1 97  ? 4.92852   21.99669  7.78715   1.000 102.31148 ? 52  TYR A N   1 
ATOM 405  C CA  . TYR A 1 97  ? 6.12325   21.49498  8.44970   1.000 95.90642  ? 52  TYR A CA  1 
ATOM 406  C C   . TYR A 1 97  ? 6.62365   20.26364  7.70939   1.000 81.50015  ? 52  TYR A C   1 
ATOM 407  O O   . TYR A 1 97  ? 5.83930   19.51451  7.12141   1.000 77.26403  ? 52  TYR A O   1 
ATOM 408  C CB  . TYR A 1 97  ? 5.85090   21.16119  9.92052   1.000 104.11041 ? 52  TYR A CB  1 
ATOM 409  C CG  . TYR A 1 97  ? 6.97328   21.54039  10.86022  1.000 86.74927  ? 52  TYR A CG  1 
ATOM 410  C CD1 . TYR A 1 97  ? 7.50490   22.82476  10.85947  1.000 60.25962  ? 52  TYR A CD1 1 
ATOM 411  C CD2 . TYR A 1 97  ? 7.49901   20.61570  11.75253  1.000 84.45467  ? 52  TYR A CD2 1 
ATOM 412  C CE1 . TYR A 1 97  ? 8.52953   23.17434  11.71869  1.000 92.69897  ? 52  TYR A CE1 1 
ATOM 413  C CE2 . TYR A 1 97  ? 8.52382   20.95609  12.61441  1.000 114.52386 ? 52  TYR A CE2 1 
ATOM 414  C CZ  . TYR A 1 97  ? 9.03498   22.23579  12.59306  1.000 120.43602 ? 52  TYR A CZ  1 
ATOM 415  O OH  . TYR A 1 97  ? 10.05497  22.57772  13.45040  1.000 88.15946  ? 52  TYR A OH  1 
ATOM 416  N N   . LEU A 1 98  ? 7.93839   20.06818  7.74698   1.000 99.65576  ? 53  LEU A N   1 
ATOM 417  C CA  . LEU A 1 98  ? 8.60400   18.93751  7.11807   1.000 67.52569  ? 53  LEU A CA  1 
ATOM 418  C C   . LEU A 1 98  ? 9.32617   18.12196  8.18558   1.000 91.60525  ? 53  LEU A C   1 
ATOM 419  O O   . LEU A 1 98  ? 9.36979   18.49518  9.36084   1.000 107.94782 ? 53  LEU A O   1 
ATOM 420  C CB  . LEU A 1 98  ? 9.58612   19.41382  6.03636   1.000 87.68850  ? 53  LEU A CB  1 
ATOM 421  C CG  . LEU A 1 98  ? 10.04700  18.41958  4.96452   1.000 114.49947 ? 53  LEU A CG  1 
ATOM 422  C CD1 . LEU A 1 98  ? 9.04876   18.35120  3.81772   1.000 141.91357 ? 53  LEU A CD1 1 
ATOM 423  C CD2 . LEU A 1 98  ? 11.43899  18.76958  4.45606   1.000 88.47124  ? 53  LEU A CD2 1 
ATOM 424  N N   . GLN A 1 99  ? 9.89272   16.99193  7.76512   1.000 87.43144  ? 54  GLN A N   1 
ATOM 425  C CA  . GLN A 1 99  ? 10.62687  16.13113  8.67970   1.000 103.22984 ? 54  GLN A CA  1 
ATOM 426  C C   . GLN A 1 99  ? 11.84497  16.85912  9.24252   1.000 121.92637 ? 54  GLN A C   1 
ATOM 427  O O   . GLN A 1 99  ? 12.29574  17.87945  8.71529   1.000 115.57929 ? 54  GLN A O   1 
ATOM 428  C CB  . GLN A 1 99  ? 11.06428  14.84558  7.97594   1.000 104.43553 ? 54  GLN A CB  1 
ATOM 429  C CG  . GLN A 1 99  ? 11.68437  15.06171  6.60484   1.000 105.72307 ? 54  GLN A CG  1 
ATOM 430  C CD  . GLN A 1 99  ? 10.70500  14.81306  5.47450   1.000 121.49758 ? 54  GLN A CD  1 
ATOM 431  O OE1 . GLN A 1 99  ? 9.56695   15.27865  5.50953   1.000 110.93969 ? 54  GLN A OE1 1 
ATOM 432  N NE2 . GLN A 1 99  ? 11.14497  14.07588  4.46217   1.000 122.15699 ? 54  GLN A NE2 1 
ATOM 433  N N   . THR A 1 100 ? 12.38002  16.31780  10.32412  1.000 111.72908 ? 55  THR A N   1 
ATOM 434  C CA  . THR A 1 100 ? 13.49318  16.95819  11.01472  1.000 93.68830  ? 55  THR A CA  1 
ATOM 435  C C   . THR A 1 100 ? 14.62325  15.99909  11.35224  1.000 71.78578  ? 55  THR A C   1 
ATOM 436  O O   . THR A 1 100 ? 15.79218  16.38694  11.27462  1.000 56.24420  ? 55  THR A O   1 
ATOM 437  C CB  . THR A 1 100 ? 12.98872  17.63571  12.30419  1.000 96.17265  ? 55  THR A CB  1 
ATOM 438  O OG1 . THR A 1 100 ? 11.79870  18.38355  12.02029  1.000 82.67179  ? 55  THR A OG1 1 
ATOM 439  C CG2 . THR A 1 100 ? 14.04477  18.57368  12.86655  1.000 94.27442  ? 55  THR A CG2 1 
ATOM 440  N N   . ASP A 1 101 ? 14.31091  14.75603  11.71881  1.000 61.89543  ? 56  ASP A N   1 
ATOM 441  C CA  . ASP A 1 101 ? 15.32763  13.81346  12.17446  1.000 69.99876  ? 56  ASP A CA  1 
ATOM 442  C C   . ASP A 1 101 ? 15.33808  12.48197  11.43850  1.000 72.59257  ? 56  ASP A C   1 
ATOM 443  O O   . ASP A 1 101 ? 16.35508  11.78296  11.50670  1.000 8.90144   ? 56  ASP A O   1 
ATOM 444  C CB  . ASP A 1 101 ? 15.16332  13.53856  13.67635  1.000 62.18444  ? 56  ASP A CB  1 
ATOM 445  C CG  . ASP A 1 101 ? 15.74372  14.64311  14.53520  1.000 91.99393  ? 56  ASP A CG  1 
ATOM 446  O OD1 . ASP A 1 101 ? 16.87381  15.08732  14.24359  1.000 56.61644  ? 56  ASP A OD1 1 
ATOM 447  O OD2 . ASP A 1 101 ? 15.07199  15.06680  15.50037  1.000 91.91379  ? 56  ASP A OD2 1 
ATOM 448  N N   . SER A 1 102 ? 14.25931  12.10808  10.74551  1.000 96.17569  ? 57  SER A N   1 
ATOM 449  C CA  . SER A 1 102 ? 14.16259  10.82290  10.05823  1.000 54.53311  ? 57  SER A CA  1 
ATOM 450  C C   . SER A 1 102 ? 14.31917  9.66482   11.03649  1.000 40.92606  ? 57  SER A C   1 
ATOM 451  O O   . SER A 1 102 ? 15.43042  9.17441   11.25888  1.000 42.33541  ? 57  SER A O   1 
ATOM 452  C CB  . SER A 1 102 ? 15.20270  10.72592  8.93935   1.000 28.26971  ? 57  SER A CB  1 
ATOM 453  O OG  . SER A 1 102 ? 15.05522  11.79069  8.01121   1.000 43.18963  ? 57  SER A OG  1 
ATOM 454  N N   . ILE A 1 103 ? 13.20384  9.22307   11.62213  1.000 42.26400  ? 58  ILE A N   1 
ATOM 455  C CA  . ILE A 1 103 ? 13.23484  8.16851   12.62795  1.000 43.79847  ? 58  ILE A CA  1 
ATOM 456  C C   . ILE A 1 103 ? 13.24406  6.80184   11.94513  1.000 73.70536  ? 58  ILE A C   1 
ATOM 457  O O   . ILE A 1 103 ? 12.88248  6.65869   10.77409  1.000 80.24242  ? 58  ILE A O   1 
ATOM 458  C CB  . ILE A 1 103 ? 12.04754  8.31743   13.59698  1.000 45.06352  ? 58  ILE A CB  1 
ATOM 459  C CG1 . ILE A 1 103 ? 11.93204  9.76725   14.06538  1.000 31.77719  ? 58  ILE A CG1 1 
ATOM 460  C CG2 . ILE A 1 103 ? 12.20448  7.41860   14.81703  1.000 56.58033  ? 58  ILE A CG2 1 
ATOM 461  C CD1 . ILE A 1 103 ? 13.01605  10.18880  15.03774  1.000 57.69788  ? 58  ILE A CD1 1 
ATOM 462  N N   . ALA A 1 104 ? 13.67933  5.78441   12.69614  1.000 89.78571  ? 59  ALA A N   1 
ATOM 463  C CA  . ALA A 1 104 ? 13.86743  4.44904   12.13391  1.000 72.81202  ? 59  ALA A CA  1 
ATOM 464  C C   . ALA A 1 104 ? 12.57542  3.90082   11.53495  1.000 71.78137  ? 59  ALA A C   1 
ATOM 465  O O   . ALA A 1 104 ? 12.54746  3.48243   10.37239  1.000 72.65473  ? 59  ALA A O   1 
ATOM 466  C CB  . ALA A 1 104 ? 14.40573  3.50357   13.20743  1.000 76.93108  ? 59  ALA A CB  1 
ATOM 467  N N   . TYR A 1 105 ? 11.49067  3.89300   12.31284  1.000 92.41818  ? 60  TYR A N   1 
ATOM 468  C CA  . TYR A 1 105 ? 10.24126  3.33473   11.80712  1.000 100.12050 ? 60  TYR A CA  1 
ATOM 469  C C   . TYR A 1 105 ? 9.61486   4.20273   10.72200  1.000 100.48828 ? 60  TYR A C   1 
ATOM 470  O O   . TYR A 1 105 ? 8.80928   3.69704   9.93255   1.000 100.52566 ? 60  TYR A O   1 
ATOM 471  C CB  . TYR A 1 105 ? 9.24657   3.11422   12.95119  1.000 75.37504  ? 60  TYR A CB  1 
ATOM 472  C CG  . TYR A 1 105 ? 8.63387   4.37256   13.52094  1.000 103.50478 ? 60  TYR A CG  1 
ATOM 473  C CD1 . TYR A 1 105 ? 9.38910   5.25907   14.27654  1.000 112.73761 ? 60  TYR A CD1 1 
ATOM 474  C CD2 . TYR A 1 105 ? 7.29301   4.66475   13.31648  1.000 68.15380  ? 60  TYR A CD2 1 
ATOM 475  C CE1 . TYR A 1 105 ? 8.82639   6.40603   14.80576  1.000 112.43505 ? 60  TYR A CE1 1 
ATOM 476  C CE2 . TYR A 1 105 ? 6.72076   5.81043   13.84335  1.000 67.60159  ? 60  TYR A CE2 1 
ATOM 477  C CZ  . TYR A 1 105 ? 7.49305   6.67595   14.58549  1.000 95.49288  ? 60  TYR A CZ  1 
ATOM 478  O OH  . TYR A 1 105 ? 6.92941   7.81551   15.10833  1.000 82.01416  ? 60  TYR A OH  1 
ATOM 479  N N   . TRP A 1 106 ? 9.96458   5.48946   10.65885  1.000 84.43578  ? 61  TRP A N   1 
ATOM 480  C CA  . TRP A 1 106 ? 9.52263   6.31280   9.53849   1.000 87.91576  ? 61  TRP A CA  1 
ATOM 481  C C   . TRP A 1 106 ? 10.25071  5.92021   8.25991   1.000 81.35327  ? 61  TRP A C   1 
ATOM 482  O O   . TRP A 1 106 ? 9.61988   5.64936   7.23191   1.000 91.44072  ? 61  TRP A O   1 
ATOM 483  C CB  . TRP A 1 106 ? 9.74030   7.79434   9.84694   1.000 71.46595  ? 61  TRP A CB  1 
ATOM 484  C CG  . TRP A 1 106 ? 8.76239   8.35596   10.83063  1.000 75.57757  ? 61  TRP A CG  1 
ATOM 485  C CD1 . TRP A 1 106 ? 7.60268   7.77720   11.25695  1.000 88.17157  ? 61  TRP A CD1 1 
ATOM 486  C CD2 . TRP A 1 106 ? 8.85795   9.61190   11.51167  1.000 94.61802  ? 61  TRP A CD2 1 
ATOM 487  N NE1 . TRP A 1 106 ? 6.97057   8.59537   12.16180  1.000 86.43798  ? 61  TRP A NE1 1 
ATOM 488  C CE2 . TRP A 1 106 ? 7.72169   9.72795   12.33552  1.000 96.03835  ? 61  TRP A CE2 1 
ATOM 489  C CE3 . TRP A 1 106 ? 9.79356   10.64932  11.50345  1.000 91.27625  ? 61  TRP A CE3 1 
ATOM 490  C CZ2 . TRP A 1 106 ? 7.49698   10.83967  13.14400  1.000 108.73667 ? 61  TRP A CZ2 1 
ATOM 491  C CZ3 . TRP A 1 106 ? 9.57018   11.75039  12.30810  1.000 75.84482  ? 61  TRP A CZ3 1 
ATOM 492  C CH2 . TRP A 1 106 ? 8.43140   11.83794  13.11629  1.000 42.87705  ? 61  TRP A CH2 1 
ATOM 493  N N   . ASN A 1 107 ? 11.58453  5.86955   8.30850   1.000 74.83075  ? 62  ASN A N   1 
ATOM 494  C CA  . ASN A 1 107 ? 12.37060  5.48020   7.14331   1.000 87.97097  ? 62  ASN A CA  1 
ATOM 495  C C   . ASN A 1 107 ? 12.18110  4.01674   6.76599   1.000 78.23431  ? 62  ASN A C   1 
ATOM 496  O O   . ASN A 1 107 ? 12.71803  3.58626   5.73931   1.000 43.20583  ? 62  ASN A O   1 
ATOM 497  C CB  . ASN A 1 107 ? 13.85382  5.76382   7.38966   1.000 51.86744  ? 62  ASN A CB  1 
ATOM 498  C CG  . ASN A 1 107 ? 14.15774  7.24826   7.47171   1.000 44.10339  ? 62  ASN A CG  1 
ATOM 499  O OD1 . ASN A 1 107 ? 13.67503  7.94435   8.36326   1.000 57.53927  ? 62  ASN A OD1 1 
ATOM 500  N ND2 . ASN A 1 107 ? 14.96264  7.73975   6.53649   1.000 61.32648  ? 62  ASN A ND2 1 
ATOM 501  N N   . ALA A 1 108 ? 11.44268  3.24691   7.56425   1.000 72.63181  ? 63  ALA A N   1 
ATOM 502  C CA  . ALA A 1 108 ? 11.09542  1.87891   7.20356   1.000 103.11138 ? 63  ALA A CA  1 
ATOM 503  C C   . ALA A 1 108 ? 9.79927   1.82293   6.40224   1.000 98.70460  ? 63  ALA A C   1 
ATOM 504  O O   . ALA A 1 108 ? 9.73478   1.15584   5.36514   1.000 79.00711  ? 63  ALA A O   1 
ATOM 505  C CB  . ALA A 1 108 ? 10.98029  1.01382   8.46216   1.000 105.15024 ? 63  ALA A CB  1 
ATOM 506  N N   . THR A 1 109 ? 8.76370   2.52584   6.86694   1.000 81.18803  ? 64  THR A N   1 
ATOM 507  C CA  . THR A 1 109 ? 7.48483   2.51411   6.16270   1.000 90.20199  ? 64  THR A CA  1 
ATOM 508  C C   . THR A 1 109 ? 7.59420   3.19370   4.80139   1.000 82.54390  ? 64  THR A C   1 
ATOM 509  O O   . THR A 1 109 ? 7.02165   2.71280   3.81615   1.000 78.98154  ? 64  THR A O   1 
ATOM 510  C CB  . THR A 1 109 ? 6.40980   3.18583   7.01955   1.000 72.99926  ? 64  THR A CB  1 
ATOM 511  O OG1 . THR A 1 109 ? 6.09035   2.34493   8.13423   1.000 60.08803  ? 64  THR A OG1 1 
ATOM 512  C CG2 . THR A 1 109 ? 5.14848   3.43167   6.20863   1.000 44.18964  ? 64  THR A CG2 1 
ATOM 513  N N   . ARG A 1 110 ? 8.33720   4.30251   4.72416   1.000 60.59751  ? 65  ARG A N   1 
ATOM 514  C CA  . ARG A 1 110 ? 8.46078   5.02766   3.46236   1.000 65.45482  ? 65  ARG A CA  1 
ATOM 515  C C   . ARG A 1 110 ? 9.04921   4.14578   2.36607   1.000 92.79592  ? 65  ARG A C   1 
ATOM 516  O O   . ARG A 1 110 ? 8.58025   4.16972   1.22182   1.000 67.47970  ? 65  ARG A O   1 
ATOM 517  C CB  . ARG A 1 110 ? 9.31734   6.27928   3.65457   1.000 48.74515  ? 65  ARG A CB  1 
ATOM 518  C CG  . ARG A 1 110 ? 8.78014   7.25339   4.68823   1.000 85.27571  ? 65  ARG A CG  1 
ATOM 519  C CD  . ARG A 1 110 ? 9.66016   8.49204   4.79296   1.000 76.71814  ? 65  ARG A CD  1 
ATOM 520  N NE  . ARG A 1 110 ? 9.47858   9.18461   6.06394   1.000 60.30839  ? 65  ARG A NE  1 
ATOM 521  C CZ  . ARG A 1 110 ? 9.92316   10.40664  6.32157   1.000 91.19151  ? 65  ARG A CZ  1 
ATOM 522  N NH1 . ARG A 1 110 ? 10.58281  11.10663  5.41487   1.000 76.65827  ? 65  ARG A NH1 1 
ATOM 523  N NH2 . ARG A 1 110 ? 9.70315   10.93760  7.52023   1.000 97.08261  ? 65  ARG A NH2 1 
ATOM 524  N N   . ALA A 1 111 ? 10.07004  3.35248   2.69663   1.000 88.77920  ? 66  ALA A N   1 
ATOM 525  C CA  . ALA A 1 111 ? 10.71274  2.52264   1.68362   1.000 48.16782  ? 66  ALA A CA  1 
ATOM 526  C C   . ALA A 1 111 ? 9.86490   1.30555   1.32847   1.000 63.09706  ? 66  ALA A C   1 
ATOM 527  O O   . ALA A 1 111 ? 9.84151   0.88070   0.16748   1.000 52.86006  ? 66  ALA A O   1 
ATOM 528  C CB  . ALA A 1 111 ? 12.09919  2.08692   2.15997   1.000 2.24877   ? 66  ALA A CB  1 
ATOM 529  N N   . PHE A 1 112 ? 9.16235   0.73266   2.30888   1.000 91.82303  ? 67  PHE A N   1 
ATOM 530  C CA  . PHE A 1 112 ? 8.39835   -0.48293  2.04807   1.000 89.60483  ? 67  PHE A CA  1 
ATOM 531  C C   . PHE A 1 112 ? 7.12694   -0.19753  1.25827   1.000 72.35766  ? 67  PHE A C   1 
ATOM 532  O O   . PHE A 1 112 ? 6.67656   -1.05387  0.48780   1.000 62.26825  ? 67  PHE A O   1 
ATOM 533  C CB  . PHE A 1 112 ? 8.06437   -1.18847  3.36221   1.000 73.44017  ? 67  PHE A CB  1 
ATOM 534  C CG  . PHE A 1 112 ? 9.14721   -2.10975  3.84775   1.000 70.68139  ? 67  PHE A CG  1 
ATOM 535  C CD1 . PHE A 1 112 ? 9.52096   -3.21501  3.10004   1.000 90.60434  ? 67  PHE A CD1 1 
ATOM 536  C CD2 . PHE A 1 112 ? 9.78675   -1.87718  5.05337   1.000 90.97668  ? 67  PHE A CD2 1 
ATOM 537  C CE1 . PHE A 1 112 ? 10.51647  -4.06866  3.54499   1.000 89.15424  ? 67  PHE A CE1 1 
ATOM 538  C CE2 . PHE A 1 112 ? 10.78219  -2.72509  5.50266   1.000 92.50541  ? 67  PHE A CE2 1 
ATOM 539  C CZ  . PHE A 1 112 ? 11.14689  -3.82310  4.74915   1.000 76.66610  ? 67  PHE A CZ  1 
ATOM 540  N N   . MET A 1 113 ? 6.53388   0.98673   1.43035   1.000 75.98627  ? 68  MET A N   1 
ATOM 541  C CA  . MET A 1 113 ? 5.33992   1.32074   0.65911   1.000 71.16189  ? 68  MET A CA  1 
ATOM 542  C C   . MET A 1 113 ? 5.67857   1.54326   -0.81010  1.000 63.30104  ? 68  MET A C   1 
ATOM 543  O O   . MET A 1 113 ? 4.92269   1.12897   -1.69615  1.000 75.79113  ? 68  MET A O   1 
ATOM 544  C CB  . MET A 1 113 ? 4.65356   2.55218   1.25192   1.000 84.21088  ? 68  MET A CB  1 
ATOM 545  C CG  . MET A 1 113 ? 4.10916   2.33980   2.65702   1.000 79.35861  ? 68  MET A CG  1 
ATOM 546  S SD  . MET A 1 113 ? 2.55466   3.20417   2.95774   1.000 49.71929  ? 68  MET A SD  1 
ATOM 547  C CE  . MET A 1 113 ? 1.52469   2.50458   1.67213   1.000 76.53564  ? 68  MET A CE  1 
ATOM 548  N N   . ILE A 1 114 ? 6.80956   2.19878   -1.08850  1.000 66.35601  ? 69  ILE A N   1 
ATOM 549  C CA  . ILE A 1 114 ? 7.26831   2.32537   -2.46959  1.000 67.13417  ? 69  ILE A CA  1 
ATOM 550  C C   . ILE A 1 114 ? 7.61937   0.95513   -3.03385  1.000 73.85468  ? 69  ILE A C   1 
ATOM 551  O O   . ILE A 1 114 ? 7.33412   0.65415   -4.20010  1.000 69.87840  ? 69  ILE A O   1 
ATOM 552  C CB  . ILE A 1 114 ? 8.46092   3.29641   -2.55651  1.000 57.21175  ? 69  ILE A CB  1 
ATOM 553  C CG1 . ILE A 1 114 ? 8.10052   4.64546   -1.93551  1.000 70.15926  ? 69  ILE A CG1 1 
ATOM 554  C CG2 . ILE A 1 114 ? 8.90423   3.47622   -4.00063  1.000 42.19125  ? 69  ILE A CG2 1 
ATOM 555  C CD1 . ILE A 1 114 ? 9.30943   5.49583   -1.59753  1.000 72.28653  ? 69  ILE A CD1 1 
ATOM 556  N N   . LEU A 1 115 ? 8.23479   0.09878   -2.21202  1.000 69.38425  ? 70  LEU A N   1 
ATOM 557  C CA  . LEU A 1 115 ? 8.52355   -1.26470  -2.63803  1.000 64.51965  ? 70  LEU A CA  1 
ATOM 558  C C   . LEU A 1 115 ? 7.25376   -2.06330  -2.90204  1.000 60.14312  ? 70  LEU A C   1 
ATOM 559  O O   . LEU A 1 115 ? 7.31446   -3.09798  -3.57473  1.000 57.82080  ? 70  LEU A O   1 
ATOM 560  C CB  . LEU A 1 115 ? 9.38254   -1.97482  -1.59248  1.000 58.94743  ? 70  LEU A CB  1 
ATOM 561  C CG  . LEU A 1 115 ? 10.87334  -2.10215  -1.91444  1.000 64.36262  ? 70  LEU A CG  1 
ATOM 562  C CD1 . LEU A 1 115 ? 11.44749  -0.77282  -2.38274  1.000 77.99022  ? 70  LEU A CD1 1 
ATOM 563  C CD2 . LEU A 1 115 ? 11.64293  -2.62804  -0.71070  1.000 95.97971  ? 70  LEU A CD2 1 
ATOM 564  N N   . SER A 1 116 ? 6.11072   -1.61151  -2.38724  1.000 43.23028  ? 71  SER A N   1 
ATOM 565  C CA  . SER A 1 116 ? 4.82785   -2.22343  -2.71055  1.000 60.37309  ? 71  SER A CA  1 
ATOM 566  C C   . SER A 1 116 ? 4.19433   -1.60643  -3.95062  1.000 66.20515  ? 71  SER A C   1 
ATOM 567  O O   . SER A 1 116 ? 3.66134   -2.33108  -4.79714  1.000 77.48723  ? 71  SER A O   1 
ATOM 568  C CB  . SER A 1 116 ? 3.86591   -2.09653  -1.52862  1.000 67.27271  ? 71  SER A CB  1 
ATOM 569  O OG  . SER A 1 116 ? 4.15511   -3.05595  -0.52905  1.000 63.98458  ? 71  SER A OG  1 
ATOM 570  N N   . ALA A 1 117 ? 4.23443   -0.27574  -4.06783  1.000 65.10930  ? 72  ALA A N   1 
ATOM 571  C CA  . ALA A 1 117 ? 3.70507   0.37639   -5.26130  1.000 57.60631  ? 72  ALA A CA  1 
ATOM 572  C C   . ALA A 1 117 ? 4.48554   -0.03930  -6.50171  1.000 100.89190 ? 72  ALA A C   1 
ATOM 573  O O   . ALA A 1 117 ? 3.89427   -0.32956  -7.54791  1.000 81.65733  ? 72  ALA A O   1 
ATOM 574  C CB  . ALA A 1 117 ? 3.73316   1.89439   -5.08695  1.000 49.37611  ? 72  ALA A CB  1 
ATOM 575  N N   . LEU A 1 118 ? 5.81736   -0.08226  -6.40239  1.000 91.34938  ? 73  LEU A N   1 
ATOM 576  C CA  . LEU A 1 118 ? 6.61777   -0.59453  -7.50939  1.000 75.60174  ? 73  LEU A CA  1 
ATOM 577  C C   . LEU A 1 118 ? 6.33677   -2.07117  -7.75928  1.000 78.46441  ? 73  LEU A C   1 
ATOM 578  O O   . LEU A 1 118 ? 6.51038   -2.55438  -8.88376  1.000 101.38054 ? 73  LEU A O   1 
ATOM 579  C CB  . LEU A 1 118 ? 8.10768   -0.37098  -7.23662  1.000 47.34300  ? 73  LEU A CB  1 
ATOM 580  C CG  . LEU A 1 118 ? 8.59865   1.07710   -7.15044  1.000 94.99580  ? 73  LEU A CG  1 
ATOM 581  C CD1 . LEU A 1 118 ? 10.08369  1.15882   -7.46791  1.000 63.96314  ? 73  LEU A CD1 1 
ATOM 582  C CD2 . LEU A 1 118 ? 7.80052   1.98761   -8.07391  1.000 82.69752  ? 73  LEU A CD2 1 
ATOM 583  N N   . CYS A 1 119 ? 5.90988   -2.80031  -6.72978  1.000 58.82054  ? 74  CYS A N   1 
ATOM 584  C CA  . CYS A 1 119 ? 5.45623   -4.17512  -6.88536  1.000 57.74815  ? 74  CYS A CA  1 
ATOM 585  C C   . CYS A 1 119 ? 3.96411   -4.26943  -7.16774  1.000 82.86336  ? 74  CYS A C   1 
ATOM 586  O O   . CYS A 1 119 ? 3.43235   -5.38131  -7.25377  1.000 72.35194  ? 74  CYS A O   1 
ATOM 587  C CB  . CYS A 1 119 ? 5.79614   -4.99345  -5.63578  1.000 40.17939  ? 74  CYS A CB  1 
ATOM 588  S SG  . CYS A 1 119 ? 7.40222   -5.82869  -5.70289  1.000 75.68640  ? 74  CYS A SG  1 
ATOM 589  N N   . ALA A 1 120 ? 3.27723   -3.13554  -7.29715  1.000 75.73446  ? 75  ALA A N   1 
ATOM 590  C CA  . ALA A 1 120 ? 1.87118   -3.09611  -7.68480  1.000 94.53706  ? 75  ALA A CA  1 
ATOM 591  C C   . ALA A 1 120 ? 1.66208   -2.59716  -9.10356  1.000 108.75810 ? 75  ALA A C   1 
ATOM 592  O O   . ALA A 1 120 ? 0.85856   -3.17122  -9.84171  1.000 83.78687  ? 75  ALA A O   1 
ATOM 593  C CB  . ALA A 1 120 ? 1.07423   -2.21456  -6.71925  1.000 50.18705  ? 75  ALA A CB  1 
ATOM 594  N N   . ILE A 1 121 ? 2.36858   -1.53773  -9.50535  1.000 97.69590  ? 76  ILE A N   1 
ATOM 595  C CA  . ILE A 1 121 ? 2.30711   -1.09965  -10.89525 1.000 77.03467  ? 76  ILE A CA  1 
ATOM 596  C C   . ILE A 1 121 ? 2.95418   -2.13412  -11.80477 1.000 81.64332  ? 76  ILE A C   1 
ATOM 597  O O   . ILE A 1 121 ? 2.59798   -2.24517  -12.98365 1.000 57.70245  ? 76  ILE A O   1 
ATOM 598  C CB  . ILE A 1 121 ? 2.95939   0.28714   -11.05642 1.000 91.64816  ? 76  ILE A CB  1 
ATOM 599  C CG1 . ILE A 1 121 ? 2.50991   1.22436   -9.93321  1.000 78.60068  ? 76  ILE A CG1 1 
ATOM 600  C CG2 . ILE A 1 121 ? 2.60668   0.89037   -12.40241 1.000 65.85842  ? 76  ILE A CG2 1 
ATOM 601  C CD1 . ILE A 1 121 ? 3.08970   2.61761   -10.03081 1.000 104.85574 ? 76  ILE A CD1 1 
ATOM 602  N N   . SER A 1 122 ? 3.89352   -2.92064  -11.27914 1.000 75.90129  ? 77  SER A N   1 
ATOM 603  C CA  . SER A 1 122 ? 4.48939   -4.00881  -12.04662 1.000 82.53926  ? 77  SER A CA  1 
ATOM 604  C C   . SER A 1 122 ? 3.58651   -5.23661  -12.01036 1.000 72.28495  ? 77  SER A C   1 
ATOM 605  O O   . SER A 1 122 ? 4.06802   -6.37369  -12.04918 1.000 43.96049  ? 77  SER A O   1 
ATOM 606  C CB  . SER A 1 122 ? 5.88172   -4.35211  -11.51152 1.000 73.34549  ? 77  SER A CB  1 
ATOM 607  O OG  . SER A 1 122 ? 5.85022   -4.57025  -10.11084 1.000 66.25511  ? 77  SER A OG  1 
ATOM 608  N N   . GLY A 1 123 ? 2.27785   -5.00963  -11.92049 1.000 80.54437  ? 78  GLY A N   1 
ATOM 609  C CA  . GLY A 1 123 ? 1.29515   -6.07272  -11.95458 1.000 69.73989  ? 78  GLY A CA  1 
ATOM 610  C C   . GLY A 1 123 ? 0.12497   -5.71338  -12.84788 1.000 68.62114  ? 78  GLY A C   1 
ATOM 611  O O   . GLY A 1 123 ? -0.40798  -6.56710  -13.56395 1.000 76.83245  ? 78  GLY A O   1 
ATOM 612  N N   . ILE A 1 124 ? -0.28368  -4.44339  -12.81200 1.000 83.47592  ? 79  ILE A N   1 
ATOM 613  C CA  . ILE A 1 124 ? -1.32968  -3.98061  -13.71740 1.000 79.24644  ? 79  ILE A CA  1 
ATOM 614  C C   . ILE A 1 124 ? -0.79498  -3.88636  -15.14044 1.000 93.83308  ? 79  ILE A C   1 
ATOM 615  O O   . ILE A 1 124 ? -1.51547  -4.15963  -16.10789 1.000 87.39641  ? 79  ILE A O   1 
ATOM 616  C CB  . ILE A 1 124 ? -1.90415  -2.63724  -13.23215 1.000 81.04449  ? 79  ILE A CB  1 
ATOM 617  C CG1 . ILE A 1 124 ? -0.77697  -1.68301  -12.83159 1.000 109.79735 ? 79  ILE A CG1 1 
ATOM 618  C CG2 . ILE A 1 124 ? -2.85993  -2.85769  -12.06616 1.000 84.95983  ? 79  ILE A CG2 1 
ATOM 619  C CD1 . ILE A 1 124 ? -1.26160  -0.38096  -12.23391 1.000 111.91035 ? 79  ILE A CD1 1 
ATOM 620  N N   . ILE A 1 125 ? 0.47350   -3.49381  -15.29363 1.000 90.14386  ? 80  ILE A N   1 
ATOM 621  C CA  . ILE A 1 125 ? 1.11799   -3.59060  -16.59891 1.000 81.09417  ? 80  ILE A CA  1 
ATOM 622  C C   . ILE A 1 125 ? 1.26815   -5.05178  -17.00063 1.000 87.79578  ? 80  ILE A C   1 
ATOM 623  O O   . ILE A 1 125 ? 1.18389   -5.39218  -18.18740 1.000 80.90774  ? 80  ILE A O   1 
ATOM 624  C CB  . ILE A 1 125 ? 2.47381   -2.86146  -16.58695 1.000 63.25420  ? 80  ILE A CB  1 
ATOM 625  C CG1 . ILE A 1 125 ? 2.32138   -1.45955  -15.99368 1.000 85.91166  ? 80  ILE A CG1 1 
ATOM 626  C CG2 . ILE A 1 125 ? 3.05349   -2.78677  -17.99372 1.000 85.30142  ? 80  ILE A CG2 1 
ATOM 627  C CD1 . ILE A 1 125 ? 3.54985   -0.58740  -16.15472 1.000 52.92188  ? 80  ILE A CD1 1 
ATOM 628  N N   . MET A 1 126 ? 1.48713   -5.93751  -16.02568 1.000 90.18204  ? 81  MET A N   1 
ATOM 629  C CA  . MET A 1 126 ? 1.45532   -7.36746  -16.30615 1.000 88.68967  ? 81  MET A CA  1 
ATOM 630  C C   . MET A 1 126 ? 0.02935   -7.85836  -16.51234 1.000 70.14716  ? 81  MET A C   1 
ATOM 631  O O   . MET A 1 126 ? -0.19301  -8.81950  -17.25842 1.000 74.69704  ? 81  MET A O   1 
ATOM 632  C CB  . MET A 1 126 ? 2.13104   -8.13889  -15.17366 1.000 54.64682  ? 81  MET A CB  1 
ATOM 633  C CG  . MET A 1 126 ? 3.54478   -7.66743  -14.87870 1.000 55.23910  ? 81  MET A CG  1 
ATOM 634  S SD  . MET A 1 126 ? 4.56362   -8.90998  -14.06270 1.000 80.12873  ? 81  MET A SD  1 
ATOM 635  C CE  . MET A 1 126 ? 4.49443   -10.23808 -15.26057 1.000 103.58774 ? 81  MET A CE  1 
ATOM 636  N N   . GLY A 1 127 ? -0.94471  -7.21696  -15.86085 1.000 90.31730  ? 82  GLY A N   1 
ATOM 637  C CA  . GLY A 1 127 ? -2.33682  -7.52214  -16.13941 1.000 103.78418 ? 82  GLY A CA  1 
ATOM 638  C C   . GLY A 1 127 ? -2.75076  -7.13314  -17.54297 1.000 100.35115 ? 82  GLY A C   1 
ATOM 639  O O   . GLY A 1 127 ? -3.58126  -7.80881  -18.15797 1.000 75.22078  ? 82  GLY A O   1 
ATOM 640  N N   . ILE A 1 128 ? -2.18887  -6.04038  -18.06584 1.000 82.21331  ? 83  ILE A N   1 
ATOM 641  C CA  . ILE A 1 128 ? -2.38095  -5.71091  -19.47343 1.000 89.62850  ? 83  ILE A CA  1 
ATOM 642  C C   . ILE A 1 128 ? -1.73318  -6.77327  -20.35189 1.000 111.87274 ? 83  ILE A C   1 
ATOM 643  O O   . ILE A 1 128 ? -2.28007  -7.16246  -21.39100 1.000 111.32476 ? 83  ILE A O   1 
ATOM 644  C CB  . ILE A 1 128 ? -1.82707  -4.30578  -19.77166 1.000 84.52378  ? 83  ILE A CB  1 
ATOM 645  C CG1 . ILE A 1 128 ? -2.63408  -3.24492  -19.02416 1.000 57.31756  ? 83  ILE A CG1 1 
ATOM 646  C CG2 . ILE A 1 128 ? -1.83747  -4.02531  -21.26866 1.000 103.87362 ? 83  ILE A CG2 1 
ATOM 647  C CD1 . ILE A 1 128 ? -1.88439  -1.94745  -18.80718 1.000 91.73298  ? 83  ILE A CD1 1 
ATOM 648  N N   . MET A 1 129 ? -0.56472  -7.26884  -19.94174 1.000 93.30140  ? 84  MET A N   1 
ATOM 649  C CA  . MET A 1 129 ? 0.08434   -8.37022  -20.63948 1.000 78.83745  ? 84  MET A CA  1 
ATOM 650  C C   . MET A 1 129 ? -0.58572  -9.71116  -20.36854 1.000 106.70697 ? 84  MET A C   1 
ATOM 651  O O   . MET A 1 129 ? -0.27047  -10.69027 -21.05313 1.000 103.85104 ? 84  MET A O   1 
ATOM 652  C CB  . MET A 1 129 ? 1.56271   -8.44314  -20.24341 1.000 70.15777  ? 84  MET A CB  1 
ATOM 653  C CG  . MET A 1 129 ? 2.41391   -7.30510  -20.78573 1.000 45.90263  ? 84  MET A CG  1 
ATOM 654  S SD  . MET A 1 129 ? 4.13096   -7.79386  -21.03926 1.000 106.92788 ? 84  MET A SD  1 
ATOM 655  C CE  . MET A 1 129 ? 4.79729   -7.56436  -19.39141 1.000 48.12215  ? 84  MET A CE  1 
ATOM 656  N N   . ALA A 1 130 ? -1.49125  -9.78223  -19.39016 1.000 106.07765 ? 85  ALA A N   1 
ATOM 657  C CA  . ALA A 1 130 ? -2.18463  -11.03697 -19.11915 1.000 102.61176 ? 85  ALA A CA  1 
ATOM 658  C C   . ALA A 1 130 ? -3.20784  -11.34693 -20.20397 1.000 94.33749  ? 85  ALA A C   1 
ATOM 659  O O   . ALA A 1 130 ? -3.41059  -12.51475 -20.55767 1.000 58.06542  ? 85  ALA A O   1 
ATOM 660  C CB  . ALA A 1 130 ? -2.85410  -10.98415 -17.74558 1.000 91.28685  ? 85  ALA A CB  1 
ATOM 661  N N   . PHE A 1 131 ? -3.86418  -10.31686 -20.74156 1.000 93.59839  ? 86  PHE A N   1 
ATOM 662  C CA  . PHE A 1 131 ? -4.81251  -10.52937 -21.83048 1.000 115.88157 ? 86  PHE A CA  1 
ATOM 663  C C   . PHE A 1 131 ? -4.08545  -10.89313 -23.11978 1.000 128.48872 ? 86  PHE A C   1 
ATOM 664  O O   . PHE A 1 131 ? -4.30558  -11.96570 -23.69400 1.000 138.50397 ? 86  PHE A O   1 
ATOM 665  C CB  . PHE A 1 131 ? -5.67203  -9.28016  -22.04111 1.000 90.09751  ? 86  PHE A CB  1 
ATOM 666  C CG  . PHE A 1 131 ? -6.12395  -8.61789  -20.76915 1.000 97.65809  ? 86  PHE A CG  1 
ATOM 667  C CD1 . PHE A 1 131 ? -6.71850  -9.34983  -19.75544 1.000 48.26074  ? 86  PHE A CD1 1 
ATOM 668  C CD2 . PHE A 1 131 ? -5.96407  -7.25345  -20.59602 1.000 127.71243 ? 86  PHE A CD2 1 
ATOM 669  C CE1 . PHE A 1 131 ? -7.13849  -8.73439  -18.59180 1.000 69.80047  ? 86  PHE A CE1 1 
ATOM 670  C CE2 . PHE A 1 131 ? -6.38075  -6.63325  -19.43436 1.000 117.23355 ? 86  PHE A CE2 1 
ATOM 671  C CZ  . PHE A 1 131 ? -6.96828  -7.37556  -18.43008 1.000 117.96520 ? 86  PHE A CZ  1 
ATOM 672  N N   . ALA A 1 132 ? -3.21252  -10.00448 -23.59013 1.000 126.19136 ? 87  ALA A N   1 
ATOM 673  C CA  . ALA A 1 132 ? -2.50309  -10.22338 -24.84446 1.000 115.67912 ? 87  ALA A CA  1 
ATOM 674  C C   . ALA A 1 132 ? -1.42572  -11.28442 -24.65911 1.000 128.84311 ? 87  ALA A C   1 
ATOM 675  O O   . ALA A 1 132 ? -0.51381  -11.12017 -23.84217 1.000 124.53662 ? 87  ALA A O   1 
ATOM 676  C CB  . ALA A 1 132 ? -1.89157  -8.91537  -25.34031 1.000 111.22152 ? 87  ALA A CB  1 
ATOM 677  N N   . HIS A 1 133 ? -1.52943  -12.36951 -25.42056 1.000 87.04081  ? 88  HIS A N   1 
ATOM 678  C CA  . HIS A 1 133 ? -0.55378  -13.45015 -25.35461 1.000 116.84445 ? 88  HIS A CA  1 
ATOM 679  C C   . HIS A 1 133 ? 0.67870   -13.07568 -26.17018 1.000 98.28077  ? 88  HIS A C   1 
ATOM 680  O O   . HIS A 1 133 ? 0.58448   -12.85222 -27.38213 1.000 68.03104  ? 88  HIS A O   1 
ATOM 681  C CB  . HIS A 1 133 ? -1.17077  -14.75052 -25.86696 1.000 85.04601  ? 88  HIS A CB  1 
ATOM 682  C CG  . HIS A 1 133 ? -0.17969  -15.69057 -26.47871 1.000 121.56810 ? 88  HIS A CG  1 
ATOM 683  N ND1 . HIS A 1 133 ? 0.77750   -16.34897 -25.73702 1.000 144.61937 ? 88  HIS A ND1 1 
ATOM 684  C CD2 . HIS A 1 133 ? 0.00334   -16.08202 -27.76214 1.000 81.80718  ? 88  HIS A CD2 1 
ATOM 685  C CE1 . HIS A 1 133 ? 1.50663   -17.10683 -26.53657 1.000 155.05679 ? 88  HIS A CE1 1 
ATOM 686  N NE2 . HIS A 1 133 ? 1.05745   -16.96316 -27.77046 1.000 135.29086 ? 88  HIS A NE2 1 
ATOM 687  N N   . GLN A 1 134 ? 1.83047   -13.00070 -25.50785 1.000 78.70120  ? 89  GLN A N   1 
ATOM 688  C CA  . GLN A 1 134 ? 3.09177   -12.69160 -26.17084 1.000 135.33896 ? 89  GLN A CA  1 
ATOM 689  C C   . GLN A 1 134 ? 4.03573   -13.88093 -26.04718 1.000 106.23105 ? 89  GLN A C   1 
ATOM 690  O O   . GLN A 1 134 ? 4.40825   -14.25825 -24.92151 1.000 105.52847 ? 89  GLN A O   1 
ATOM 691  C CB  . GLN A 1 134 ? 3.72954   -11.42322 -25.58737 1.000 152.90725 ? 89  GLN A CB  1 
ATOM 692  C CG  . GLN A 1 134 ? 3.84561   -11.38816 -24.06984 1.000 141.87657 ? 89  GLN A CG  1 
ATOM 693  C CD  . GLN A 1 134 ? 4.92860   -10.43816 -23.59298 1.000 140.64267 ? 89  GLN A CD  1 
ATOM 694  O OE1 . GLN A 1 134 ? 4.90544   -9.24706  -23.90289 1.000 148.08938 ? 89  GLN A OE1 1 
ATOM 695  N NE2 . GLN A 1 134 ? 5.88508   -10.96193 -22.83397 1.000 121.90034 ? 89  GLN A NE2 1 
ATOM 696  N N   . PRO A 1 135 ? 4.42423   -14.51556 -27.15290 1.000 102.12006 ? 90  PRO A N   1 
ATOM 697  C CA  . PRO A 1 135 ? 5.33183   -15.67078 -27.06994 1.000 109.06366 ? 90  PRO A CA  1 
ATOM 698  C C   . PRO A 1 135 ? 6.68416   -15.27811 -26.49596 1.000 72.71400  ? 90  PRO A C   1 
ATOM 699  O O   . PRO A 1 135 ? 7.38576   -14.42519 -27.04056 1.000 70.15814  ? 90  PRO A O   1 
ATOM 700  C CB  . PRO A 1 135 ? 5.44609   -16.13288 -28.52675 1.000 84.35022  ? 90  PRO A CB  1 
ATOM 701  C CG  . PRO A 1 135 ? 4.19526   -15.64759 -29.17651 1.000 106.98944 ? 90  PRO A CG  1 
ATOM 702  C CD  . PRO A 1 135 ? 3.86486   -14.34453 -28.50327 1.000 117.29705 ? 90  PRO A CD  1 
ATOM 703  N N   . THR A 1 136 ? 7.04619   -15.91614 -25.38162 1.000 117.97216 ? 91  THR A N   1 
ATOM 704  C CA  . THR A 1 136 ? 8.32970   -15.67022 -24.73530 1.000 129.00108 ? 91  THR A CA  1 
ATOM 705  C C   . THR A 1 136 ? 8.98211   -16.97750 -24.30098 1.000 139.33933 ? 91  THR A C   1 
ATOM 706  O O   . THR A 1 136 ? 9.95443   -17.42681 -24.91670 1.000 134.46730 ? 91  THR A O   1 
ATOM 707  C CB  . THR A 1 136 ? 8.16264   -14.74457 -23.52748 1.000 72.26321  ? 91  THR A CB  1 
ATOM 708  O OG1 . THR A 1 136 ? 7.03820   -15.16871 -22.74660 1.000 115.69766 ? 91  THR A OG1 1 
ATOM 709  C CG2 . THR A 1 136 ? 7.95501   -13.30848 -23.97647 1.000 62.12087  ? 91  THR A CG2 1 
ATOM 710  N N   . PHE A 1 137 ? 8.45717   -17.59243 -23.24584 1.000 121.63001 ? 92  PHE A N   1 
ATOM 711  C CA  . PHE A 1 137 ? 9.03192   -18.81404 -22.69441 1.000 103.58480 ? 92  PHE A CA  1 
ATOM 712  C C   . PHE A 1 137 ? 7.94209   -19.55682 -21.92707 1.000 108.69603 ? 92  PHE A C   1 
ATOM 713  O O   . PHE A 1 137 ? 6.77332   -19.15682 -21.93028 1.000 120.62640 ? 92  PHE A O   1 
ATOM 714  C CB  . PHE A 1 137 ? 10.24246  -18.49382 -21.81055 1.000 130.64562 ? 92  PHE A CB  1 
ATOM 715  C CG  . PHE A 1 137 ? 10.10400  -17.21398 -21.03542 1.000 137.48500 ? 92  PHE A CG  1 
ATOM 716  C CD1 . PHE A 1 137 ? 9.22303   -17.12607 -19.96923 1.000 127.52141 ? 92  PHE A CD1 1 
ATOM 717  C CD2 . PHE A 1 137 ? 10.85380  -16.09894 -21.37234 1.000 137.07598 ? 92  PHE A CD2 1 
ATOM 718  C CE1 . PHE A 1 137 ? 9.09155   -15.95054 -19.25316 1.000 113.56878 ? 92  PHE A CE1 1 
ATOM 719  C CE2 . PHE A 1 137 ? 10.72736  -14.92049 -20.66072 1.000 118.73604 ? 92  PHE A CE2 1 
ATOM 720  C CZ  . PHE A 1 137 ? 9.84453   -14.84691 -19.59903 1.000 75.04156  ? 92  PHE A CZ  1 
ATOM 721  N N   . SER A 1 138 ? 8.33004   -20.64486 -21.26179 1.000 116.07673 ? 93  SER A N   1 
ATOM 722  C CA  . SER A 1 138 ? 7.40079   -21.45785 -20.48614 1.000 104.15131 ? 93  SER A CA  1 
ATOM 723  C C   . SER A 1 138 ? 7.51544   -21.23710 -18.98382 1.000 109.66578 ? 93  SER A C   1 
ATOM 724  O O   . SER A 1 138 ? 6.51537   -21.38007 -18.27215 1.000 85.22166  ? 93  SER A O   1 
ATOM 725  C CB  . SER A 1 138 ? 7.61527   -22.94638 -20.79044 1.000 50.92263  ? 93  SER A CB  1 
ATOM 726  O OG  . SER A 1 138 ? 8.98003   -23.30378 -20.63878 1.000 88.91350  ? 93  SER A OG  1 
ATOM 727  N N   . ARG A 1 139 ? 8.70383   -20.90105 -18.48518 1.000 117.51714 ? 94  ARG A N   1 
ATOM 728  C CA  . ARG A 1 139 ? 8.87497   -20.64928 -17.06031 1.000 100.55259 ? 94  ARG A CA  1 
ATOM 729  C C   . ARG A 1 139 ? 8.09278   -19.40911 -16.65074 1.000 84.02200  ? 94  ARG A C   1 
ATOM 730  O O   . ARG A 1 139 ? 8.15761   -18.37634 -17.32343 1.000 105.43142 ? 94  ARG A O   1 
ATOM 731  C CB  . ARG A 1 139 ? 10.35484  -20.47461 -16.72097 1.000 117.10040 ? 94  ARG A CB  1 
ATOM 732  C CG  . ARG A 1 139 ? 11.19248  -21.73207 -16.89083 1.000 118.46968 ? 94  ARG A CG  1 
ATOM 733  C CD  . ARG A 1 139 ? 12.55496  -21.40247 -17.48058 1.000 130.73951 ? 94  ARG A CD  1 
ATOM 734  N NE  . ARG A 1 139 ? 13.10876  -22.51850 -18.23764 1.000 99.50006  ? 94  ARG A NE  1 
ATOM 735  C CZ  . ARG A 1 139 ? 13.89369  -23.45540 -17.72357 1.000 114.56534 ? 94  ARG A CZ  1 
ATOM 736  N NH1 . ARG A 1 139 ? 14.24318  -23.44044 -16.44911 1.000 88.95133  ? 94  ARG A NH1 1 
ATOM 737  N NH2 . ARG A 1 139 ? 14.34007  -24.43124 -18.50869 1.000 126.39207 ? 94  ARG A NH2 1 
ATOM 738  N N   . ILE A 1 140 ? 7.35711   -19.52025 -15.54144 1.000 87.03823  ? 95  ILE A N   1 
ATOM 739  C CA  . ILE A 1 140 ? 6.50140   -18.45926 -15.01431 1.000 90.78004  ? 95  ILE A CA  1 
ATOM 740  C C   . ILE A 1 140 ? 5.39724   -18.14969 -16.01966 1.000 106.39164 ? 95  ILE A C   1 
ATOM 741  O O   . ILE A 1 140 ? 5.64137   -17.55135 -17.07332 1.000 95.27379  ? 95  ILE A O   1 
ATOM 742  C CB  . ILE A 1 140 ? 7.31518   -17.20107 -14.65492 1.000 69.39183  ? 95  ILE A CB  1 
ATOM 743  C CG1 . ILE A 1 140 ? 8.08324   -17.42108 -13.34962 1.000 107.05329 ? 95  ILE A CG1 1 
ATOM 744  C CG2 . ILE A 1 140 ? 6.41055   -15.98898 -14.52770 1.000 77.52435  ? 95  ILE A CG2 1 
ATOM 745  C CD1 . ILE A 1 140 ? 8.80625   -16.18780 -12.84776 1.000 99.47434  ? 95  ILE A CD1 1 
ATOM 746  N N   . SER A 1 141 ? 4.17420   -18.56435 -15.70195 1.000 99.93972  ? 96  SER A N   1 
ATOM 747  C CA  . SER A 1 141 ? 3.05607   -18.36816 -16.61242 1.000 80.80404  ? 96  SER A CA  1 
ATOM 748  C C   . SER A 1 141 ? 2.69121   -16.89057 -16.71233 1.000 68.81207  ? 96  SER A C   1 
ATOM 749  O O   . SER A 1 141 ? 2.93619   -16.10030 -15.79635 1.000 89.62900  ? 96  SER A O   1 
ATOM 750  C CB  . SER A 1 141 ? 1.84323   -19.17560 -16.15001 1.000 92.01797  ? 96  SER A CB  1 
ATOM 751  O OG  . SER A 1 141 ? 2.18640   -20.53369 -15.93568 1.000 87.81803  ? 96  SER A OG  1 
ATOM 752  N N   . ARG A 1 142 ? 2.09427   -16.52082 -17.85095 1.000 91.74908  ? 97  ARG A N   1 
ATOM 753  C CA  . ARG A 1 142 ? 1.70423   -15.12488 -18.04710 1.000 90.93806  ? 97  ARG A CA  1 
ATOM 754  C C   . ARG A 1 142 ? 0.56260   -14.71533 -17.12346 1.000 89.80173  ? 97  ARG A C   1 
ATOM 755  O O   . ARG A 1 142 ? 0.68540   -13.67347 -16.45490 1.000 96.47318  ? 97  ARG A O   1 
ATOM 756  C CB  . ARG A 1 142 ? 1.37289   -14.87725 -19.52419 1.000 63.40549  ? 97  ARG A CB  1 
ATOM 757  C CG  . ARG A 1 142 ? 2.59402   -14.75309 -20.42693 1.000 94.33200  ? 97  ARG A CG  1 
ATOM 758  C CD  . ARG A 1 142 ? 3.30117   -13.42253 -20.23587 1.000 100.25212 ? 97  ARG A CD  1 
ATOM 759  N NE  . ARG A 1 142 ? 4.36118   -13.49866 -19.23759 1.000 109.83397 ? 97  ARG A NE  1 
ATOM 760  C CZ  . ARG A 1 142 ? 4.57968   -12.57881 -18.30746 1.000 114.08559 ? 97  ARG A CZ  1 
ATOM 761  N NH1 . ARG A 1 142 ? 3.82394   -11.49693 -18.21529 1.000 100.76134 ? 97  ARG A NH1 1 
ATOM 762  N NH2 . ARG A 1 142 ? 5.58176   -12.74793 -17.44897 1.000 89.32839  ? 97  ARG A NH2 1 
ATOM 763  N N   . PRO A 1 143 ? -0.57516  -15.46681 -17.02298 1.000 82.67351  ? 98  PRO A N   1 
ATOM 764  C CA  . PRO A 1 143 ? -1.63300  -15.11536 -16.06832 1.000 87.87550  ? 98  PRO A CA  1 
ATOM 765  C C   . PRO A 1 143 ? -1.41653  -15.74237 -14.69149 1.000 80.87595  ? 98  PRO A C   1 
ATOM 766  O O   . PRO A 1 143 ? -2.31710  -16.36646 -14.11889 1.000 70.75567  ? 98  PRO A O   1 
ATOM 767  C CB  . PRO A 1 143 ? -2.89096  -15.66083 -16.74885 1.000 103.62640 ? 98  PRO A CB  1 
ATOM 768  C CG  . PRO A 1 143 ? -2.40275  -16.90700 -17.38668 1.000 106.14006 ? 98  PRO A CG  1 
ATOM 769  C CD  . PRO A 1 143 ? -1.00085  -16.59385 -17.87802 1.000 83.04579  ? 98  PRO A CD  1 
ATOM 770  N N   . PHE A 1 144 ? -0.21209  -15.57777 -14.14657 1.000 83.22829  ? 99  PHE A N   1 
ATOM 771  C CA  . PHE A 1 144 ? 0.14107   -16.21025 -12.88197 1.000 81.57051  ? 99  PHE A CA  1 
ATOM 772  C C   . PHE A 1 144 ? 1.24786   -15.43591 -12.17717 1.000 79.17238  ? 99  PHE A C   1 
ATOM 773  O O   . PHE A 1 144 ? 1.31705   -15.42768 -10.94382 1.000 92.08243  ? 99  PHE A O   1 
ATOM 774  C CB  . PHE A 1 144 ? 0.55774   -17.66503 -13.12723 1.000 83.43449  ? 99  PHE A CB  1 
ATOM 775  C CG  . PHE A 1 144 ? 1.54053   -18.20345 -12.12572 1.000 74.91218  ? 99  PHE A CG  1 
ATOM 776  C CD1 . PHE A 1 144 ? 2.87534   -18.35929 -12.46121 1.000 91.77680  ? 99  PHE A CD1 1 
ATOM 777  C CD2 . PHE A 1 144 ? 1.12668   -18.56834 -10.85552 1.000 79.32548  ? 99  PHE A CD2 1 
ATOM 778  C CE1 . PHE A 1 144 ? 3.78178   -18.85883 -11.54413 1.000 114.08159 ? 99  PHE A CE1 1 
ATOM 779  C CE2 . PHE A 1 144 ? 2.02824   -19.06883 -9.93439  1.000 83.91603  ? 99  PHE A CE2 1 
ATOM 780  C CZ  . PHE A 1 144 ? 3.35660   -19.21663 -10.28046 1.000 96.97759  ? 99  PHE A CZ  1 
ATOM 781  N N   . SER A 1 145 ? 2.11373   -14.77666 -12.95294 1.000 72.73794  ? 100 SER A N   1 
ATOM 782  C CA  . SER A 1 145 ? 3.20218   -14.00609 -12.35892 1.000 18.06504  ? 100 SER A CA  1 
ATOM 783  C C   . SER A 1 145 ? 2.67759   -12.85084 -11.51418 1.000 94.29301  ? 100 SER A C   1 
ATOM 784  O O   . SER A 1 145 ? 3.32806   -12.44638 -10.54302 1.000 75.29977  ? 100 SER A O   1 
ATOM 785  C CB  . SER A 1 145 ? 4.13400   -13.47941 -13.44815 1.000 64.56409  ? 100 SER A CB  1 
ATOM 786  O OG  . SER A 1 145 ? 4.99842   -12.48033 -12.93832 1.000 87.75848  ? 100 SER A OG  1 
ATOM 787  N N   . ALA A 1 146 ? 1.50808   -12.30945 -11.86372 1.000 102.30031 ? 101 ALA A N   1 
ATOM 788  C CA  . ALA A 1 146 ? 0.93134   -11.22577 -11.07587 1.000 61.96445  ? 101 ALA A CA  1 
ATOM 789  C C   . ALA A 1 146 ? 0.54803   -11.68777 -9.67589  1.000 70.55621  ? 101 ALA A C   1 
ATOM 790  O O   . ALA A 1 146 ? 0.53118   -10.87855 -8.74210  1.000 74.24340  ? 101 ALA A O   1 
ATOM 791  C CB  . ALA A 1 146 ? -0.28641  -10.64317 -11.79536 1.000 59.28481  ? 101 ALA A CB  1 
ATOM 792  N N   . GLY A 1 147 ? 0.24067   -12.97601 -9.51157  1.000 97.32450  ? 102 GLY A N   1 
ATOM 793  C CA  . GLY A 1 147 ? -0.09961  -13.48216 -8.19195  1.000 105.00973 ? 102 GLY A CA  1 
ATOM 794  C C   . GLY A 1 147 ? 1.04495   -13.35671 -7.20545  1.000 90.07089  ? 102 GLY A C   1 
ATOM 795  O O   . GLY A 1 147 ? 0.84036   -12.98738 -6.04676  1.000 92.94633  ? 102 GLY A O   1 
ATOM 796  N N   . ILE A 1 148 ? 2.26630   -13.66076 -7.65081  1.000 80.43737  ? 103 ILE A N   1 
ATOM 797  C CA  . ILE A 1 148 ? 3.43062   -13.47448 -6.79060  1.000 101.29166 ? 103 ILE A CA  1 
ATOM 798  C C   . ILE A 1 148 ? 3.74843   -11.99405 -6.63944  1.000 67.52075  ? 103 ILE A C   1 
ATOM 799  O O   . ILE A 1 148 ? 4.18972   -11.55099 -5.57216  1.000 23.26692  ? 103 ILE A O   1 
ATOM 800  C CB  . ILE A 1 148 ? 4.64285   -14.25210 -7.34010  1.000 107.07461 ? 103 ILE A CB  1 
ATOM 801  C CG1 . ILE A 1 148 ? 4.28245   -15.71702 -7.59616  1.000 71.62043  ? 103 ILE A CG1 1 
ATOM 802  C CG2 . ILE A 1 148 ? 5.82191   -14.15683 -6.38317  1.000 103.39726 ? 103 ILE A CG2 1 
ATOM 803  C CD1 . ILE A 1 148 ? 3.93646   -16.01737 -9.03706  1.000 70.68602  ? 103 ILE A CD1 1 
ATOM 804  N N   . MET A 1 149 ? 3.51671   -11.20314 -7.69107  1.000 64.32825  ? 104 MET A N   1 
ATOM 805  C CA  . MET A 1 149 ? 3.86903   -9.78811  -7.64847  1.000 80.97609  ? 104 MET A CA  1 
ATOM 806  C C   . MET A 1 149 ? 2.91204   -8.99959  -6.76054  1.000 78.13533  ? 104 MET A C   1 
ATOM 807  O O   . MET A 1 149 ? 3.34559   -8.13381  -5.99113  1.000 91.22306  ? 104 MET A O   1 
ATOM 808  C CB  . MET A 1 149 ? 3.89185   -9.21492  -9.06487  1.000 76.35649  ? 104 MET A CB  1 
ATOM 809  C CG  . MET A 1 149 ? 4.34743   -7.76953  -9.14026  1.000 67.13323  ? 104 MET A CG  1 
ATOM 810  S SD  . MET A 1 149 ? 6.04612   -7.54085  -8.57859  1.000 78.55892  ? 104 MET A SD  1 
ATOM 811  C CE  . MET A 1 149 ? 6.88425   -8.84316  -9.48611  1.000 79.80965  ? 104 MET A CE  1 
ATOM 812  N N   . PHE A 1 150 ? 1.60883   -9.27672  -6.85270  1.000 56.13445  ? 105 PHE A N   1 
ATOM 813  C CA  . PHE A 1 150 ? 0.65498   -8.57205  -6.00257  1.000 68.73684  ? 105 PHE A CA  1 
ATOM 814  C C   . PHE A 1 150 ? 0.78263   -9.01235  -4.54959  1.000 62.12993  ? 105 PHE A C   1 
ATOM 815  O O   . PHE A 1 150 ? 0.72671   -8.18015  -3.63564  1.000 62.15017  ? 105 PHE A O   1 
ATOM 816  C CB  . PHE A 1 150 ? -0.77216  -8.79058  -6.50470  1.000 74.51245  ? 105 PHE A CB  1 
ATOM 817  C CG  . PHE A 1 150 ? -1.08340  -8.06705  -7.78252  1.000 59.71012  ? 105 PHE A CG  1 
ATOM 818  C CD1 . PHE A 1 150 ? -0.76079  -6.72941  -7.93310  1.000 86.06852  ? 105 PHE A CD1 1 
ATOM 819  C CD2 . PHE A 1 150 ? -1.70615  -8.72285  -8.83244  1.000 54.31484  ? 105 PHE A CD2 1 
ATOM 820  C CE1 . PHE A 1 150 ? -1.04678  -6.06247  -9.10874  1.000 74.17980  ? 105 PHE A CE1 1 
ATOM 821  C CE2 . PHE A 1 150 ? -1.99365  -8.06126  -10.00925 1.000 69.68141  ? 105 PHE A CE2 1 
ATOM 822  C CZ  . PHE A 1 150 ? -1.66576  -6.73034  -10.14736 1.000 61.94794  ? 105 PHE A CZ  1 
ATOM 823  N N   . PHE A 1 151 ? 0.94958   -10.31767 -4.31502  1.000 68.78740  ? 106 PHE A N   1 
ATOM 824  C CA  . PHE A 1 151 ? 1.14690   -10.80218 -2.95251  1.000 65.41553  ? 106 PHE A CA  1 
ATOM 825  C C   . PHE A 1 151 ? 2.43328   -10.25196 -2.35291  1.000 79.70847  ? 106 PHE A C   1 
ATOM 826  O O   . PHE A 1 151 ? 2.50176   -10.01463 -1.14118  1.000 94.20033  ? 106 PHE A O   1 
ATOM 827  C CB  . PHE A 1 151 ? 1.15554   -12.33063 -2.93500  1.000 89.31004  ? 106 PHE A CB  1 
ATOM 828  C CG  . PHE A 1 151 ? 1.57418   -12.92354 -1.61978  1.000 114.06587 ? 106 PHE A CG  1 
ATOM 829  C CD1 . PHE A 1 151 ? 0.88545   -12.62177 -0.45692  1.000 84.87995  ? 106 PHE A CD1 1 
ATOM 830  C CD2 . PHE A 1 151 ? 2.65476   -13.78737 -1.54784  1.000 119.91092 ? 106 PHE A CD2 1 
ATOM 831  C CE1 . PHE A 1 151 ? 1.26801   -13.16781 0.75465   1.000 99.31103  ? 106 PHE A CE1 1 
ATOM 832  C CE2 . PHE A 1 151 ? 3.04246   -14.33704 -0.34121  1.000 130.24988 ? 106 PHE A CE2 1 
ATOM 833  C CZ  . PHE A 1 151 ? 2.34826   -14.02679 0.81146   1.000 146.05847 ? 106 PHE A CZ  1 
ATOM 834  N N   . SER A 1 152 ? 3.46042   -10.04262 -3.18174  1.000 73.28038  ? 107 SER A N   1 
ATOM 835  C CA  . SER A 1 152 ? 4.65938   -9.36052  -2.70910  1.000 65.35703  ? 107 SER A CA  1 
ATOM 836  C C   . SER A 1 152 ? 4.34303   -7.92553  -2.31048  1.000 44.08601  ? 107 SER A C   1 
ATOM 837  O O   . SER A 1 152 ? 4.80657   -7.44332  -1.26875  1.000 35.11998  ? 107 SER A O   1 
ATOM 838  C CB  . SER A 1 152 ? 5.74212   -9.39369  -3.78473  1.000 34.13578  ? 107 SER A CB  1 
ATOM 839  O OG  . SER A 1 152 ? 6.21382   -10.71324 -3.99346  1.000 91.22782  ? 107 SER A OG  1 
ATOM 840  N N   . SER A 1 153 ? 3.54749   -7.22822  -3.12559  1.000 47.70049  ? 108 SER A N   1 
ATOM 841  C CA  . SER A 1 153 ? 3.09627   -5.89381  -2.75089  1.000 61.86254  ? 108 SER A CA  1 
ATOM 842  C C   . SER A 1 153 ? 2.18283   -5.93855  -1.53427  1.000 62.89014  ? 108 SER A C   1 
ATOM 843  O O   . SER A 1 153 ? 2.16022   -4.98841  -0.74410  1.000 63.68530  ? 108 SER A O   1 
ATOM 844  C CB  . SER A 1 153 ? 2.38641   -5.22748  -3.92959  1.000 43.60752  ? 108 SER A CB  1 
ATOM 845  O OG  . SER A 1 153 ? 1.93146   -3.93013  -3.58503  1.000 45.18531  ? 108 SER A OG  1 
ATOM 846  N N   . THR A 1 154 ? 1.42729   -7.02672  -1.36763  1.000 37.35242  ? 109 THR A N   1 
ATOM 847  C CA  . THR A 1 154 ? 0.63258   -7.21059  -0.15738  1.000 40.87999  ? 109 THR A CA  1 
ATOM 848  C C   . THR A 1 154 ? 1.50507   -7.51049  1.05522   1.000 61.98119  ? 109 THR A C   1 
ATOM 849  O O   . THR A 1 154 ? 1.07895   -7.26702  2.18946   1.000 44.30472  ? 109 THR A O   1 
ATOM 850  C CB  . THR A 1 154 ? -0.38617  -8.33982  -0.36248  1.000 34.97832  ? 109 THR A CB  1 
ATOM 851  O OG1 . THR A 1 154 ? -1.02109  -8.18942  -1.63836  1.000 75.80217  ? 109 THR A OG1 1 
ATOM 852  C CG2 . THR A 1 154 ? -1.45202  -8.31685  0.72372   1.000 55.94232  ? 109 THR A CG2 1 
ATOM 853  N N   . LEU A 1 155 ? 2.72101   -8.01692  0.84021   1.000 54.70548  ? 110 LEU A N   1 
ATOM 854  C CA  . LEU A 1 155 ? 3.59137   -8.36318  1.95746   1.000 45.48634  ? 110 LEU A CA  1 
ATOM 855  C C   . LEU A 1 155 ? 4.31004   -7.14044  2.51921   1.000 80.87016  ? 110 LEU A C   1 
ATOM 856  O O   . LEU A 1 155 ? 4.51326   -7.04357  3.73495   1.000 91.58194  ? 110 LEU A O   1 
ATOM 857  C CB  . LEU A 1 155 ? 4.60527   -9.42016  1.52260   1.000 37.63494  ? 110 LEU A CB  1 
ATOM 858  C CG  . LEU A 1 155 ? 5.44479   -10.05204 2.63675   1.000 97.57126  ? 110 LEU A CG  1 
ATOM 859  C CD1 . LEU A 1 155 ? 4.55068   -10.58532 3.74355   1.000 73.16503  ? 110 LEU A CD1 1 
ATOM 860  C CD2 . LEU A 1 155 ? 6.33313   -11.15592 2.07885   1.000 100.94068 ? 110 LEU A CD2 1 
ATOM 861  N N   . PHE A 1 156 ? 4.70298   -6.20223  1.66061   1.000 64.37765  ? 111 PHE A N   1 
ATOM 862  C CA  . PHE A 1 156 ? 5.45103   -5.03047  2.09515   1.000 72.87144  ? 111 PHE A CA  1 
ATOM 863  C C   . PHE A 1 156 ? 4.55361   -3.87247  2.52133   1.000 60.49986  ? 111 PHE A C   1 
ATOM 864  O O   . PHE A 1 156 ? 5.05310   -2.75820  2.70805   1.000 81.17761  ? 111 PHE A O   1 
ATOM 865  C CB  . PHE A 1 156 ? 6.40881   -4.57151  0.99041   1.000 58.06561  ? 111 PHE A CB  1 
ATOM 866  C CG  . PHE A 1 156 ? 7.42854   -5.60747  0.60070   1.000 78.96899  ? 111 PHE A CG  1 
ATOM 867  C CD1 . PHE A 1 156 ? 8.26452   -6.16752  1.55089   1.000 46.40789  ? 111 PHE A CD1 1 
ATOM 868  C CD2 . PHE A 1 156 ? 7.55255   -6.01519  -0.71895  1.000 75.87498  ? 111 PHE A CD2 1 
ATOM 869  C CE1 . PHE A 1 156 ? 9.20106   -7.12015  1.19457   1.000 97.07805  ? 111 PHE A CE1 1 
ATOM 870  C CE2 . PHE A 1 156 ? 8.48756   -6.96558  -1.08234  1.000 47.70952  ? 111 PHE A CE2 1 
ATOM 871  C CZ  . PHE A 1 156 ? 9.31301   -7.51959  -0.12366  1.000 65.12551  ? 111 PHE A CZ  1 
ATOM 872  N N   . VAL A 1 157 ? 3.25130   -4.10382  2.67460   1.000 63.52701  ? 112 VAL A N   1 
ATOM 873  C CA  . VAL A 1 157 ? 2.34731   -3.12637  3.26236   1.000 88.48052  ? 112 VAL A CA  1 
ATOM 874  C C   . VAL A 1 157 ? 1.85641   -3.57204  4.63405   1.000 74.11140  ? 112 VAL A C   1 
ATOM 875  O O   . VAL A 1 157 ? 1.71118   -2.74831  5.54008   1.000 53.90773  ? 112 VAL A O   1 
ATOM 876  C CB  . VAL A 1 157 ? 1.15592   -2.82028  2.32808   1.000 48.66621  ? 112 VAL A CB  1 
ATOM 877  C CG1 . VAL A 1 157 ? 1.59785   -1.92867  1.18337   1.000 32.33314  ? 112 VAL A CG1 1 
ATOM 878  C CG2 . VAL A 1 157 ? 0.53188   -4.10317  1.80738   1.000 39.30399  ? 112 VAL A CG2 1 
ATOM 879  N N   . VAL A 1 158 ? 1.59579   -4.87146  4.80695   1.000 74.34627  ? 113 VAL A N   1 
ATOM 880  C CA  . VAL A 1 158 ? 1.27396   -5.38956  6.13013   1.000 81.21861  ? 113 VAL A CA  1 
ATOM 881  C C   . VAL A 1 158 ? 2.47193   -5.28529  7.06170   1.000 72.92490  ? 113 VAL A C   1 
ATOM 882  O O   . VAL A 1 158 ? 2.30423   -5.25428  8.28534   1.000 48.11032  ? 113 VAL A O   1 
ATOM 883  C CB  . VAL A 1 158 ? 0.77594   -6.84402  6.04044   1.000 61.61067  ? 113 VAL A CB  1 
ATOM 884  C CG1 . VAL A 1 158 ? -0.50196  -6.91300  5.22138   1.000 79.44304  ? 113 VAL A CG1 1 
ATOM 885  C CG2 . VAL A 1 158 ? 1.84562   -7.74300  5.44212   1.000 82.91065  ? 113 VAL A CG2 1 
ATOM 886  N N   . LEU A 1 159 ? 3.68328   -5.23100  6.51004   1.000 75.92958  ? 114 LEU A N   1 
ATOM 887  C CA  . LEU A 1 159 ? 4.88107   -4.97630  7.29652   1.000 84.16168  ? 114 LEU A CA  1 
ATOM 888  C C   . LEU A 1 159 ? 5.12880   -3.48402  7.47832   1.000 89.47041  ? 114 LEU A C   1 
ATOM 889  O O   . LEU A 1 159 ? 5.53937   -3.05138  8.56180   1.000 58.27089  ? 114 LEU A O   1 
ATOM 890  C CB  . LEU A 1 159 ? 6.09654   -5.63234  6.63446   1.000 59.59939  ? 114 LEU A CB  1 
ATOM 891  C CG  . LEU A 1 159 ? 7.42313   -5.52334  7.38918   1.000 55.72222  ? 114 LEU A CG  1 
ATOM 892  C CD1 . LEU A 1 159 ? 7.28702   -6.09459  8.79330   1.000 41.51704  ? 114 LEU A CD1 1 
ATOM 893  C CD2 . LEU A 1 159 ? 8.53110   -6.22747  6.62497   1.000 83.86917  ? 114 LEU A CD2 1 
ATOM 894  N N   . ALA A 1 160 ? 4.88026   -2.68641  6.43583   1.000 81.44345  ? 115 ALA A N   1 
ATOM 895  C CA  . ALA A 1 160 ? 5.06462   -1.24359  6.55011   1.000 63.34116  ? 115 ALA A CA  1 
ATOM 896  C C   . ALA A 1 160 ? 4.08663   -0.64020  7.55098   1.000 63.88579  ? 115 ALA A C   1 
ATOM 897  O O   . ALA A 1 160 ? 4.45272   0.25197   8.32646   1.000 63.83278  ? 115 ALA A O   1 
ATOM 898  C CB  . ALA A 1 160 ? 4.90924   -0.58359  5.18150   1.000 59.89929  ? 115 ALA A CB  1 
ATOM 899  N N   . LEU A 1 161 ? 2.83823   -1.11464  7.55114   1.000 53.15636  ? 116 LEU A N   1 
ATOM 900  C CA  . LEU A 1 161 ? 1.85137   -0.62090  8.50399   1.000 45.28338  ? 116 LEU A CA  1 
ATOM 901  C C   . LEU A 1 161 ? 2.07391   -1.16662  9.90981   1.000 54.38270  ? 116 LEU A C   1 
ATOM 902  O O   . LEU A 1 161 ? 1.63907   -0.53625  10.87911  1.000 58.52625  ? 116 LEU A O   1 
ATOM 903  C CB  . LEU A 1 161 ? 0.43841   -0.96995  8.03037   1.000 56.11405  ? 116 LEU A CB  1 
ATOM 904  C CG  . LEU A 1 161 ? -0.11406  -0.15243  6.85979   1.000 66.12053  ? 116 LEU A CG  1 
ATOM 905  C CD1 . LEU A 1 161 ? -1.01337  -1.00853  5.97966   1.000 59.99924  ? 116 LEU A CD1 1 
ATOM 906  C CD2 . LEU A 1 161 ? -0.86273  1.07205   7.35639   1.000 88.14851  ? 116 LEU A CD2 1 
ATOM 907  N N   . ALA A 1 162 ? 2.73754   -2.31748  10.04373  1.000 67.58478  ? 117 ALA A N   1 
ATOM 908  C CA  . ALA A 1 162 ? 3.00779   -2.86956  11.36722  1.000 51.73574  ? 117 ALA A CA  1 
ATOM 909  C C   . ALA A 1 162 ? 4.20702   -2.19278  12.02100  1.000 73.71267  ? 117 ALA A C   1 
ATOM 910  O O   . ALA A 1 162 ? 4.20932   -1.97276  13.23796  1.000 72.42950  ? 117 ALA A O   1 
ATOM 911  C CB  . ALA A 1 162 ? 3.23235   -4.37961  11.27483  1.000 40.23798  ? 117 ALA A CB  1 
ATOM 912  N N   . ILE A 1 163 ? 5.23641   -1.86290  11.23193  1.000 52.77734  ? 118 ILE A N   1 
ATOM 913  C CA  . ILE A 1 163 ? 6.38036   -1.12908  11.76805  1.000 52.56516  ? 118 ILE A CA  1 
ATOM 914  C C   . ILE A 1 163 ? 5.93894   0.23465   12.28466  1.000 69.34512  ? 118 ILE A C   1 
ATOM 915  O O   . ILE A 1 163 ? 6.46076   0.73235   13.28875  1.000 86.92620  ? 118 ILE A O   1 
ATOM 916  C CB  . ILE A 1 163 ? 7.48413   -1.00881  10.70153  1.000 76.73978  ? 118 ILE A CB  1 
ATOM 917  C CG1 . ILE A 1 163 ? 8.03820   -2.39246  10.35474  1.000 78.36368  ? 118 ILE A CG1 1 
ATOM 918  C CG2 . ILE A 1 163 ? 8.60740   -0.09361  11.17683  1.000 41.53108  ? 118 ILE A CG2 1 
ATOM 919  C CD1 . ILE A 1 163 ? 8.95058   -2.40487  9.14348   1.000 70.14225  ? 118 ILE A CD1 1 
ATOM 920  N N   . TYR A 1 164 ? 4.96451   0.85572   11.61526  1.000 44.37943  ? 119 TYR A N   1 
ATOM 921  C CA  . TYR A 1 164 ? 4.40611   2.11234   12.10358  1.000 71.54360  ? 119 TYR A CA  1 
ATOM 922  C C   . TYR A 1 164 ? 3.73275   1.91997   13.45791  1.000 96.06124  ? 119 TYR A C   1 
ATOM 923  O O   . TYR A 1 164 ? 4.07966   2.58403   14.44020  1.000 77.54111  ? 119 TYR A O   1 
ATOM 924  C CB  . TYR A 1 164 ? 3.41460   2.67435   11.08262  1.000 40.23353  ? 119 TYR A CB  1 
ATOM 925  C CG  . TYR A 1 164 ? 3.10606   4.14388   11.27388  1.000 50.50744  ? 119 TYR A CG  1 
ATOM 926  C CD1 . TYR A 1 164 ? 4.11531   5.09643   11.22904  1.000 67.61918  ? 119 TYR A CD1 1 
ATOM 927  C CD2 . TYR A 1 164 ? 1.80667   4.57573   11.50141  1.000 53.89474  ? 119 TYR A CD2 1 
ATOM 928  C CE1 . TYR A 1 164 ? 3.83974   6.43746   11.40311  1.000 54.66390  ? 119 TYR A CE1 1 
ATOM 929  C CE2 . TYR A 1 164 ? 1.52016   5.91525   11.68059  1.000 66.65382  ? 119 TYR A CE2 1 
ATOM 930  C CZ  . TYR A 1 164 ? 2.54043   6.84197   11.62965  1.000 70.76205  ? 119 TYR A CZ  1 
ATOM 931  O OH  . TYR A 1 164 ? 2.25978   8.17917   11.80518  1.000 87.92953  ? 119 TYR A OH  1 
ATOM 932  N N   . THR A 1 165 ? 2.76798   0.99978   13.52903  1.000 81.73316  ? 120 THR A N   1 
ATOM 933  C CA  . THR A 1 165 ? 2.02259   0.79911   14.76778  1.000 47.45971  ? 120 THR A CA  1 
ATOM 934  C C   . THR A 1 165 ? 2.88898   0.18588   15.86216  1.000 64.72940  ? 120 THR A C   1 
ATOM 935  O O   . THR A 1 165 ? 2.71670   0.51457   17.04177  1.000 86.79340  ? 120 THR A O   1 
ATOM 936  C CB  . THR A 1 165 ? 0.79947   -0.08608  14.50955  1.000 66.63351  ? 120 THR A CB  1 
ATOM 937  O OG1 . THR A 1 165 ? 0.09026   0.39939   13.36338  1.000 70.30228  ? 120 THR A OG1 1 
ATOM 938  C CG2 . THR A 1 165 ? -0.13466  -0.07538  15.71126  1.000 50.66394  ? 120 THR A CG2 1 
ATOM 939  N N   . GLY A 1 166 ? 3.82167   -0.69811  15.49904  1.000 72.87095  ? 121 GLY A N   1 
ATOM 940  C CA  . GLY A 1 166 ? 4.63908   -1.35688  16.50371  1.000 97.73219  ? 121 GLY A CA  1 
ATOM 941  C C   . GLY A 1 166 ? 5.54903   -0.41779  17.26588  1.000 94.92960  ? 121 GLY A C   1 
ATOM 942  O O   . GLY A 1 166 ? 5.92944   -0.71860  18.40269  1.000 59.26779  ? 121 GLY A O   1 
ATOM 943  N N   . VAL A 1 167 ? 5.90092   0.71813   16.66891  1.000 85.92376  ? 122 VAL A N   1 
ATOM 944  C CA  . VAL A 1 167 ? 6.77146   1.68311   17.31493  1.000 95.66419  ? 122 VAL A CA  1 
ATOM 945  C C   . VAL A 1 167 ? 6.02246   2.92895   17.78112  1.000 86.17836  ? 122 VAL A C   1 
ATOM 946  O O   . VAL A 1 167 ? 6.43976   3.55142   18.76553  1.000 59.18819  ? 122 VAL A O   1 
ATOM 947  C CB  . VAL A 1 167 ? 7.94141   2.06566   16.38292  1.000 86.34112  ? 122 VAL A CB  1 
ATOM 948  C CG1 . VAL A 1 167 ? 9.00733   2.84260   17.14342  1.000 93.32469  ? 122 VAL A CG1 1 
ATOM 949  C CG2 . VAL A 1 167 ? 8.54702   0.82078   15.75822  1.000 64.81305  ? 122 VAL A CG2 1 
ATOM 950  N N   . THR A 1 168 ? 4.91953   3.29820   17.12270  1.000 87.77679  ? 123 THR A N   1 
ATOM 951  C CA  . THR A 1 168 ? 4.22668   4.53906   17.46278  1.000 76.98375  ? 123 THR A CA  1 
ATOM 952  C C   . THR A 1 168 ? 3.67764   4.50038   18.88411  1.000 72.18710  ? 123 THR A C   1 
ATOM 953  O O   . THR A 1 168 ? 3.89791   5.42954   19.67168  1.000 74.37197  ? 123 THR A O   1 
ATOM 954  C CB  . THR A 1 168 ? 3.10068   4.80546   16.46552  1.000 82.72466  ? 123 THR A CB  1 
ATOM 955  O OG1 . THR A 1 168 ? 3.64109   4.87383   15.13868  1.000 84.17168  ? 123 THR A OG1 1 
ATOM 956  C CG2 . THR A 1 168 ? 2.40375   6.11526   16.79195  1.000 107.33321 ? 123 THR A CG2 1 
ATOM 957  N N   . VAL A 1 169 ? 2.95543   3.43215   19.23069  1.000 52.41712  ? 124 VAL A N   1 
ATOM 958  C CA  . VAL A 1 169 ? 2.37674   3.34326   20.56796  1.000 86.19279  ? 124 VAL A CA  1 
ATOM 959  C C   . VAL A 1 169 ? 3.46609   3.14599   21.61632  1.000 93.98737  ? 124 VAL A C   1 
ATOM 960  O O   . VAL A 1 169 ? 3.33195   3.60847   22.75644  1.000 98.61547  ? 124 VAL A O   1 
ATOM 961  C CB  . VAL A 1 169 ? 1.31957   2.22161   20.61611  1.000 88.77157  ? 124 VAL A CB  1 
ATOM 962  C CG1 . VAL A 1 169 ? 1.92580   0.88619   20.20763  1.000 82.86680  ? 124 VAL A CG1 1 
ATOM 963  C CG2 . VAL A 1 169 ? 0.68286   2.13313   21.99767  1.000 88.01789  ? 124 VAL A CG2 1 
ATOM 964  N N   . SER A 1 170 ? 4.56498   2.48124   21.25220  1.000 89.41411  ? 125 SER A N   1 
ATOM 965  C CA  . SER A 1 170 ? 5.66168   2.29453   22.19731  1.000 71.57365  ? 125 SER A CA  1 
ATOM 966  C C   . SER A 1 170 ? 6.45794   3.58137   22.38699  1.000 80.65774  ? 125 SER A C   1 
ATOM 967  O O   . SER A 1 170 ? 6.82753   3.92711   23.51524  1.000 79.43073  ? 125 SER A O   1 
ATOM 968  C CB  . SER A 1 170 ? 6.57595   1.16408   21.72391  1.000 77.88656  ? 125 SER A CB  1 
ATOM 969  O OG  . SER A 1 170 ? 5.82786   0.11222   21.13930  1.000 70.74564  ? 125 SER A OG  1 
ATOM 970  N N   . PHE A 1 171 ? 6.73261   4.30205   21.29594  1.000 77.08790  ? 126 PHE A N   1 
ATOM 971  C CA  . PHE A 1 171 ? 7.47922   5.55042   21.39110  1.000 88.63329  ? 126 PHE A CA  1 
ATOM 972  C C   . PHE A 1 171 ? 6.65685   6.66964   22.01710  1.000 77.05343  ? 126 PHE A C   1 
ATOM 973  O O   . PHE A 1 171 ? 7.22918   7.68128   22.44051  1.000 78.13340  ? 126 PHE A O   1 
ATOM 974  C CB  . PHE A 1 171 ? 7.97061   5.97101   20.00248  1.000 68.33007  ? 126 PHE A CB  1 
ATOM 975  C CG  . PHE A 1 171 ? 8.88544   7.16516   20.01109  1.000 61.80852  ? 126 PHE A CG  1 
ATOM 976  C CD1 . PHE A 1 171 ? 9.89793   7.27680   20.94840  1.000 101.45844 ? 126 PHE A CD1 1 
ATOM 977  C CD2 . PHE A 1 171 ? 8.73213   8.17241   19.07334  1.000 118.05887 ? 126 PHE A CD2 1 
ATOM 978  C CE1 . PHE A 1 171 ? 10.73900  8.37397   20.95257  1.000 131.81141 ? 126 PHE A CE1 1 
ATOM 979  C CE2 . PHE A 1 171 ? 9.57003   9.27231   19.07223  1.000 132.54102 ? 126 PHE A CE2 1 
ATOM 980  C CZ  . PHE A 1 171 ? 10.57457  9.37319   20.01319  1.000 130.50622 ? 126 PHE A CZ  1 
ATOM 981  N N   . LEU A 1 172 ? 5.33576   6.51314   22.09413  1.000 72.59217  ? 127 LEU A N   1 
ATOM 982  C CA  . LEU A 1 172 ? 4.48769   7.56294   22.64507  1.000 87.43205  ? 127 LEU A CA  1 
ATOM 983  C C   . LEU A 1 172 ? 3.42408   6.98892   23.57143  1.000 83.15398  ? 127 LEU A C   1 
ATOM 984  O O   . LEU A 1 172 ? 3.68536   6.03748   24.31497  1.000 77.34109  ? 127 LEU A O   1 
ATOM 985  C CB  . LEU A 1 172 ? 3.83318   8.36228   21.51700  1.000 63.44620  ? 127 LEU A CB  1 
ATOM 986  C CG  . LEU A 1 172 ? 4.67409   9.52427   20.98152  1.000 70.46192  ? 127 LEU A CG  1 
ATOM 987  C CD1 . LEU A 1 172 ? 4.16278   9.98976   19.62645  1.000 115.38492 ? 127 LEU A CD1 1 
ATOM 988  C CD2 . LEU A 1 172 ? 4.69687   10.66843  21.97976  1.000 50.74417  ? 127 LEU A CD2 1 
ATOM 989  N N   . GLY A 1 173 ? 2.22469   7.56537   23.53694  1.000 99.85855  ? 128 GLY A N   1 
ATOM 990  C CA  . GLY A 1 173 ? 1.13535   7.10404   24.37566  1.000 97.41035  ? 128 GLY A CA  1 
ATOM 991  C C   . GLY A 1 173 ? 0.79776   8.06005   25.50058  1.000 119.88888 ? 128 GLY A C   1 
ATOM 992  O O   . GLY A 1 173 ? -0.12944  8.86611   25.38412  1.000 124.98413 ? 128 GLY A O   1 
ATOM 993  N N   . ARG A 1 174 ? 1.55086   7.97889   26.59934  1.000 103.65203 ? 129 ARG A N   1 
ATOM 994  C CA  . ARG A 1 174 ? 1.30373   8.84195   27.74842  1.000 122.25266 ? 129 ARG A CA  1 
ATOM 995  C C   . ARG A 1 174 ? 1.67226   10.29538  27.47633  1.000 124.81134 ? 129 ARG A C   1 
ATOM 996  O O   . ARG A 1 174 ? 1.21604   11.18365  28.20389  1.000 109.90536 ? 129 ARG A O   1 
ATOM 997  C CB  . ARG A 1 174 ? 2.07803   8.32128   28.96193  1.000 119.77092 ? 129 ARG A CB  1 
ATOM 998  C CG  . ARG A 1 174 ? 1.53364   8.77416   30.30757  1.000 154.68751 ? 129 ARG A CG  1 
ATOM 999  C CD  . ARG A 1 174 ? 2.40578   8.26047   31.44313  1.000 147.77330 ? 129 ARG A CD  1 
ATOM 1000 N NE  . ARG A 1 174 ? 2.82446   9.32506   32.34750  1.000 138.41036 ? 129 ARG A NE  1 
ATOM 1001 C CZ  . ARG A 1 174 ? 3.26935   9.12610   33.58062  1.000 137.71131 ? 129 ARG A CZ  1 
ATOM 1002 N NH1 . ARG A 1 174 ? 3.36035   7.91055   34.09456  1.000 134.42476 ? 129 ARG A NH1 1 
ATOM 1003 N NH2 . ARG A 1 174 ? 3.63327   10.17257  34.31626  1.000 135.90916 ? 129 ARG A NH2 1 
ATOM 1004 N N   . ARG A 1 175 ? 2.47921   10.55796  26.44862  1.000 104.90767 ? 130 ARG A N   1 
ATOM 1005 C CA  . ARG A 1 175 ? 2.89879   11.91778  26.12224  1.000 96.80701  ? 130 ARG A CA  1 
ATOM 1006 C C   . ARG A 1 175 ? 1.91621   12.59340  25.16838  1.000 131.41477 ? 130 ARG A C   1 
ATOM 1007 O O   . ARG A 1 175 ? 1.29407   13.60127  25.51833  1.000 130.32730 ? 130 ARG A O   1 
ATOM 1008 C CB  . ARG A 1 175 ? 4.30987   11.89816  25.52319  1.000 109.71789 ? 130 ARG A CB  1 
ATOM 1009 C CG  . ARG A 1 175 ? 4.75290   13.22131  24.92109  1.000 132.26139 ? 130 ARG A CG  1 
ATOM 1010 C CD  . ARG A 1 175 ? 5.55096   14.04265  25.92113  1.000 114.86660 ? 130 ARG A CD  1 
ATOM 1011 N NE  . ARG A 1 175 ? 5.68707   15.43130  25.49900  1.000 99.26699  ? 130 ARG A NE  1 
ATOM 1012 C CZ  . ARG A 1 175 ? 6.76464   15.93117  24.91224  1.000 73.75889  ? 130 ARG A CZ  1 
ATOM 1013 N NH1 . ARG A 1 175 ? 7.82700   15.18310  24.67060  1.000 46.26813  ? 130 ARG A NH1 1 
ATOM 1014 N NH2 . ARG A 1 175 ? 6.77728   17.21380  24.56160  1.000 101.28476 ? 130 ARG A NH2 1 
ATOM 1015 N N   . PHE A 1 176 ? 1.77076   12.05036  23.96220  1.000 135.43174 ? 131 PHE A N   1 
ATOM 1016 C CA  . PHE A 1 176 ? 0.83906   12.59669  22.98405  1.000 111.88348 ? 131 PHE A CA  1 
ATOM 1017 C C   . PHE A 1 176 ? -0.57808  12.16801  23.34587  1.000 128.19241 ? 131 PHE A C   1 
ATOM 1018 O O   . PHE A 1 176 ? -0.88606  10.97097  23.36414  1.000 130.22244 ? 131 PHE A O   1 
ATOM 1019 C CB  . PHE A 1 176 ? 1.20904   12.13197  21.57693  1.000 79.68259  ? 131 PHE A CB  1 
ATOM 1020 C CG  . PHE A 1 176 ? 2.07249   13.10435  20.82189  1.000 128.08496 ? 131 PHE A CG  1 
ATOM 1021 C CD1 . PHE A 1 176 ? 3.13690   13.73434  21.44480  1.000 123.99113 ? 131 PHE A CD1 1 
ATOM 1022 C CD2 . PHE A 1 176 ? 1.82505   13.38164  19.48738  1.000 131.20820 ? 131 PHE A CD2 1 
ATOM 1023 C CE1 . PHE A 1 176 ? 3.93686   14.62534  20.75318  1.000 118.90628 ? 131 PHE A CE1 1 
ATOM 1024 C CE2 . PHE A 1 176 ? 2.62059   14.27450  18.78997  1.000 90.16279  ? 131 PHE A CE2 1 
ATOM 1025 C CZ  . PHE A 1 176 ? 3.67790   14.89611  19.42443  1.000 96.92001  ? 131 PHE A CZ  1 
ATOM 1026 N N   . GLY A 1 177 ? -1.43629  13.14916  23.63045  1.000 120.17396 ? 132 GLY A N   1 
ATOM 1027 C CA  . GLY A 1 177 ? -2.78397  12.85175  24.08922  1.000 125.76333 ? 132 GLY A CA  1 
ATOM 1028 C C   . GLY A 1 177 ? -3.71096  12.37359  22.98626  1.000 118.72683 ? 132 GLY A C   1 
ATOM 1029 O O   . GLY A 1 177 ? -4.41422  11.37184  23.14615  1.000 110.08773 ? 132 GLY A O   1 
ATOM 1030 N N   . ASP A 1 178 ? -3.72960  13.08254  21.85808  1.000 110.06308 ? 133 ASP A N   1 
ATOM 1031 C CA  . ASP A 1 178 ? -4.64337  12.75774  20.76957  1.000 117.34106 ? 133 ASP A CA  1 
ATOM 1032 C C   . ASP A 1 178 ? -4.10369  11.62644  19.90325  1.000 138.39688 ? 133 ASP A C   1 
ATOM 1033 O O   . ASP A 1 178 ? -4.06090  11.74797  18.67576  1.000 140.46257 ? 133 ASP A O   1 
ATOM 1034 C CB  . ASP A 1 178 ? -4.91018  13.99764  19.91197  1.000 83.48236  ? 133 ASP A CB  1 
ATOM 1035 C CG  . ASP A 1 178 ? -5.43596  15.16279  20.72343  1.000 104.91378 ? 133 ASP A CG  1 
ATOM 1036 O OD1 . ASP A 1 178 ? -4.72010  15.61851  21.63972  1.000 114.88843 ? 133 ASP A OD1 1 
ATOM 1037 O OD2 . ASP A 1 178 ? -6.56507  15.62167  20.44814  1.000 115.75584 ? 133 ASP A OD2 1 
ATOM 1038 N N   . TRP A 1 179 ? -3.69309  10.52322  20.52728  1.000 111.03961 ? 134 TRP A N   1 
ATOM 1039 C CA  . TRP A 1 179 ? -3.21550  9.36466   19.78243  1.000 126.37183 ? 134 TRP A CA  1 
ATOM 1040 C C   . TRP A 1 179 ? -4.35125  8.78429   18.94936  1.000 108.12296 ? 134 TRP A C   1 
ATOM 1041 O O   . TRP A 1 179 ? -5.31267  8.23865   19.49849  1.000 102.02770 ? 134 TRP A O   1 
ATOM 1042 C CB  . TRP A 1 179 ? -2.63861  8.31567   20.73913  1.000 132.67313 ? 134 TRP A CB  1 
ATOM 1043 C CG  . TRP A 1 179 ? -2.32238  6.99356   20.09991  1.000 137.85356 ? 134 TRP A CG  1 
ATOM 1044 C CD1 . TRP A 1 179 ? -1.15048  6.63496   19.49883  1.000 138.32150 ? 134 TRP A CD1 1 
ATOM 1045 C CD2 . TRP A 1 179 ? -3.17829  5.84432   20.02563  1.000 114.17634 ? 134 TRP A CD2 1 
ATOM 1046 N NE1 . TRP A 1 179 ? -1.22873  5.34188   19.04084  1.000 145.00110 ? 134 TRP A NE1 1 
ATOM 1047 C CE2 . TRP A 1 179 ? -2.46245  4.83404   19.35297  1.000 137.10421 ? 134 TRP A CE2 1 
ATOM 1048 C CE3 . TRP A 1 179 ? -4.48012  5.57364   20.45764  1.000 97.54717  ? 134 TRP A CE3 1 
ATOM 1049 C CZ2 . TRP A 1 179 ? -3.00574  3.57616   19.10107  1.000 117.83863 ? 134 TRP A CZ2 1 
ATOM 1050 C CZ3 . TRP A 1 179 ? -5.01789  4.32629   20.20410  1.000 137.84766 ? 134 TRP A CZ3 1 
ATOM 1051 C CH2 . TRP A 1 179 ? -4.28198  3.34301   19.53268  1.000 130.13701 ? 134 TRP A CH2 1 
ATOM 1052 N N   . ARG A 1 180 ? -4.26046  8.91609   17.62660  1.000 102.32699 ? 135 ARG A N   1 
ATOM 1053 C CA  . ARG A 1 180 ? -5.32512  8.47371   16.72953  1.000 96.33971  ? 135 ARG A CA  1 
ATOM 1054 C C   . ARG A 1 180 ? -4.72100  8.11521   15.38133  1.000 91.57285  ? 135 ARG A C   1 
ATOM 1055 O O   . ARG A 1 180 ? -4.08359  8.96038   14.74531  1.000 94.72857  ? 135 ARG A O   1 
ATOM 1056 C CB  . ARG A 1 180 ? -6.39109  9.56221   16.55471  1.000 55.96193  ? 135 ARG A CB  1 
ATOM 1057 C CG  . ARG A 1 180 ? -7.37589  9.69705   17.70674  1.000 110.64283 ? 135 ARG A CG  1 
ATOM 1058 C CD  . ARG A 1 180 ? -8.74543  9.15232   17.33835  1.000 104.73293 ? 135 ARG A CD  1 
ATOM 1059 N NE  . ARG A 1 180 ? -9.54498  8.85412   18.52041  1.000 113.34054 ? 135 ARG A NE  1 
ATOM 1060 C CZ  . ARG A 1 180 ? -10.67587 8.16205   18.50452  1.000 90.62342  ? 135 ARG A CZ  1 
ATOM 1061 N NH1 . ARG A 1 180 ? -11.17625 7.68188   17.37738  1.000 92.25019  ? 135 ARG A NH1 1 
ATOM 1062 N NH2 . ARG A 1 180 ? -11.32153 7.94652   19.64813  1.000 82.82518  ? 135 ARG A NH2 1 
ATOM 1063 N N   . PHE A 1 181 ? -4.91968  6.87251   14.94761  1.000 38.85571  ? 136 PHE A N   1 
ATOM 1064 C CA  . PHE A 1 181 ? -4.59873  6.48106   13.57774  1.000 48.79343  ? 136 PHE A CA  1 
ATOM 1065 C C   . PHE A 1 181 ? -5.70304  7.01013   12.66948  1.000 52.42423  ? 136 PHE A C   1 
ATOM 1066 O O   . PHE A 1 181 ? -6.84939  6.55319   12.74280  1.000 61.03955  ? 136 PHE A O   1 
ATOM 1067 C CB  . PHE A 1 181 ? -4.46300  4.96503   13.46262  1.000 95.92805  ? 136 PHE A CB  1 
ATOM 1068 C CG  . PHE A 1 181 ? -3.41152  4.37772   14.36073  1.000 77.55975  ? 136 PHE A CG  1 
ATOM 1069 C CD1 . PHE A 1 181 ? -2.21964  5.04745   14.58716  1.000 92.24997  ? 136 PHE A CD1 1 
ATOM 1070 C CD2 . PHE A 1 181 ? -3.61465  3.15321   14.97546  1.000 72.56866  ? 136 PHE A CD2 1 
ATOM 1071 C CE1 . PHE A 1 181 ? -1.25036  4.50809   15.41386  1.000 123.03336 ? 136 PHE A CE1 1 
ATOM 1072 C CE2 . PHE A 1 181 ? -2.65063  2.60805   15.80501  1.000 49.45629  ? 136 PHE A CE2 1 
ATOM 1073 C CZ  . PHE A 1 181 ? -1.46627  3.28561   16.02344  1.000 78.29319  ? 136 PHE A CZ  1 
ATOM 1074 N N   . SER A 1 182 ? -5.36195  7.96912   11.81392  1.000 83.75527  ? 137 SER A N   1 
ATOM 1075 C CA  . SER A 1 182 ? -6.35739  8.76407   11.10940  1.000 103.43399 ? 137 SER A CA  1 
ATOM 1076 C C   . SER A 1 182 ? -6.78844  8.05735   9.82204   1.000 91.40055  ? 137 SER A C   1 
ATOM 1077 O O   . SER A 1 182 ? -6.62366  6.84355   9.67632   1.000 76.14310  ? 137 SER A O   1 
ATOM 1078 C CB  . SER A 1 182 ? -5.80487  10.16755  10.85853  1.000 83.45293  ? 137 SER A CB  1 
ATOM 1079 O OG  . SER A 1 182 ? -6.16983  11.03828  11.91337  1.000 28.92147  ? 137 SER A OG  1 
ATOM 1080 N N   . TRP A 1 183 ? -7.34151  8.81377   8.87335   1.000 73.60784  ? 138 TRP A N   1 
ATOM 1081 C CA  . TRP A 1 183 ? -8.01071  8.24542   7.71034   1.000 88.95932  ? 138 TRP A CA  1 
ATOM 1082 C C   . TRP A 1 183 ? -7.06229  7.87040   6.57816   1.000 87.63571  ? 138 TRP A C   1 
ATOM 1083 O O   . TRP A 1 183 ? -7.52753  7.34822   5.55979   1.000 93.24663  ? 138 TRP A O   1 
ATOM 1084 C CB  . TRP A 1 183 ? -9.07622  9.21789   7.19242   1.000 99.15765  ? 138 TRP A CB  1 
ATOM 1085 C CG  . TRP A 1 183 ? -8.54101  10.54026  6.73285   1.000 89.47643  ? 138 TRP A CG  1 
ATOM 1086 C CD1 . TRP A 1 183 ? -8.36664  11.66025  7.49054   1.000 89.50574  ? 138 TRP A CD1 1 
ATOM 1087 C CD2 . TRP A 1 183 ? -8.13040  10.88702  5.40376   1.000 66.65687  ? 138 TRP A CD2 1 
ATOM 1088 N NE1 . TRP A 1 183 ? -7.86442  12.68130  6.71864   1.000 74.11117  ? 138 TRP A NE1 1 
ATOM 1089 C CE2 . TRP A 1 183 ? -7.71068  12.23197  5.43356   1.000 33.95841  ? 138 TRP A CE2 1 
ATOM 1090 C CE3 . TRP A 1 183 ? -8.07456  10.19045  4.19280   1.000 53.08045  ? 138 TRP A CE3 1 
ATOM 1091 C CZ2 . TRP A 1 183 ? -7.23758  12.89292  4.30101   1.000 21.43037  ? 138 TRP A CZ2 1 
ATOM 1092 C CZ3 . TRP A 1 183 ? -7.60552  10.84931  3.06793   1.000 78.06838  ? 138 TRP A CZ3 1 
ATOM 1093 C CH2 . TRP A 1 183 ? -7.19362  12.18561  3.13057   1.000 70.20701  ? 138 TRP A CH2 1 
ATOM 1094 N N   . SER A 1 184 ? -5.76077  8.12032   6.71427   1.000 69.63936  ? 139 SER A N   1 
ATOM 1095 C CA  . SER A 1 184 ? -4.80467  7.60784   5.74122   1.000 32.96784  ? 139 SER A CA  1 
ATOM 1096 C C   . SER A 1 184 ? -4.23605  6.26201   6.15673   1.000 80.54521  ? 139 SER A C   1 
ATOM 1097 O O   . SER A 1 184 ? -3.95123  5.42252   5.29402   1.000 98.72642  ? 139 SER A O   1 
ATOM 1098 C CB  . SER A 1 184 ? -3.65796  8.59870   5.53888   1.000 42.17836  ? 139 SER A CB  1 
ATOM 1099 O OG  . SER A 1 184 ? -2.75868  8.55759   6.63290   1.000 53.37985  ? 139 SER A OG  1 
ATOM 1100 N N   . TYR A 1 185 ? -4.05947  6.04883   7.46379   1.000 103.12085 ? 140 TYR A N   1 
ATOM 1101 C CA  . TYR A 1 185 ? -3.67210  4.73595   7.96666   1.000 81.73601  ? 140 TYR A CA  1 
ATOM 1102 C C   . TYR A 1 185 ? -4.70342  3.67829   7.59850   1.000 40.95609  ? 140 TYR A C   1 
ATOM 1103 O O   . TYR A 1 185 ? -4.36466  2.49572   7.46893   1.000 63.20206  ? 140 TYR A O   1 
ATOM 1104 C CB  . TYR A 1 185 ? -3.48456  4.80376   9.48241   1.000 54.69854  ? 140 TYR A CB  1 
ATOM 1105 C CG  . TYR A 1 185 ? -3.09886  3.49984   10.13952  1.000 62.42637  ? 140 TYR A CG  1 
ATOM 1106 C CD1 . TYR A 1 185 ? -1.77603  3.07869   10.17179  1.000 76.14494  ? 140 TYR A CD1 1 
ATOM 1107 C CD2 . TYR A 1 185 ? -4.05607  2.69704   10.74679  1.000 75.17193  ? 140 TYR A CD2 1 
ATOM 1108 C CE1 . TYR A 1 185 ? -1.41784  1.88931   10.78180  1.000 65.68188  ? 140 TYR A CE1 1 
ATOM 1109 C CE2 . TYR A 1 185 ? -3.70795  1.50639   11.35838  1.000 67.97644  ? 140 TYR A CE2 1 
ATOM 1110 C CZ  . TYR A 1 185 ? -2.38725  1.10929   11.37346  1.000 53.05165  ? 140 TYR A CZ  1 
ATOM 1111 O OH  . TYR A 1 185 ? -2.03904  -0.07504  11.98035  1.000 78.53060  ? 140 TYR A OH  1 
ATOM 1112 N N   . ILE A 1 186 ? -5.96061  4.08498   7.41853   1.000 45.41601  ? 141 ILE A N   1 
ATOM 1113 C CA  . ILE A 1 186 ? -7.00241  3.14032   7.03270   1.000 57.55388  ? 141 ILE A CA  1 
ATOM 1114 C C   . ILE A 1 186 ? -6.85737  2.76219   5.56402   1.000 69.67061  ? 141 ILE A C   1 
ATOM 1115 O O   . ILE A 1 186 ? -6.89847  1.57970   5.20507   1.000 54.45068  ? 141 ILE A O   1 
ATOM 1116 C CB  . ILE A 1 186 ? -8.39242  3.72702   7.33481   1.000 85.84861  ? 141 ILE A CB  1 
ATOM 1117 C CG1 . ILE A 1 186 ? -8.58962  3.86257   8.84584   1.000 49.27154  ? 141 ILE A CG1 1 
ATOM 1118 C CG2 . ILE A 1 186 ? -9.48315  2.86107   6.72148   1.000 73.93592  ? 141 ILE A CG2 1 
ATOM 1119 C CD1 . ILE A 1 186 ? -10.00894 4.20768   9.25598   1.000 75.72267  ? 141 ILE A CD1 1 
ATOM 1120 N N   . LEU A 1 187 ? -6.67570  3.76099   4.69324   1.000 62.22315  ? 142 LEU A N   1 
ATOM 1121 C CA  . LEU A 1 187 ? -6.53551  3.48633   3.26536   1.000 57.94781  ? 142 LEU A CA  1 
ATOM 1122 C C   . LEU A 1 187 ? -5.34881  2.57364   2.98184   1.000 55.03370  ? 142 LEU A C   1 
ATOM 1123 O O   . LEU A 1 187 ? -5.35860  1.83056   1.99256   1.000 56.53392  ? 142 LEU A O   1 
ATOM 1124 C CB  . LEU A 1 187 ? -6.39575  4.79352   2.48578   1.000 67.15373  ? 142 LEU A CB  1 
ATOM 1125 C CG  . LEU A 1 187 ? -7.45576  5.86416   2.75269   1.000 79.79393  ? 142 LEU A CG  1 
ATOM 1126 C CD1 . LEU A 1 187 ? -7.10098  7.16326   2.04173   1.000 91.70149  ? 142 LEU A CD1 1 
ATOM 1127 C CD2 . LEU A 1 187 ? -8.83365  5.37838   2.33605   1.000 89.98395  ? 142 LEU A CD2 1 
ATOM 1128 N N   . GLY A 1 188 ? -4.31926  2.61509   3.82963   1.000 85.96502  ? 143 GLY A N   1 
ATOM 1129 C CA  . GLY A 1 188 ? -3.24133  1.64935   3.70566   1.000 79.66099  ? 143 GLY A CA  1 
ATOM 1130 C C   . GLY A 1 188 ? -3.69852  0.24015   4.02868   1.000 34.31820  ? 143 GLY A C   1 
ATOM 1131 O O   . GLY A 1 188 ? -3.26689  -0.72435  3.39060   1.000 54.47415  ? 143 GLY A O   1 
ATOM 1132 N N   . TRP A 1 189 ? -4.58404  0.10067   5.01849   1.000 47.45328  ? 144 TRP A N   1 
ATOM 1133 C CA  . TRP A 1 189 ? -5.11438  -1.21305  5.36395   1.000 84.12233  ? 144 TRP A CA  1 
ATOM 1134 C C   . TRP A 1 189 ? -6.21495  -1.65392  4.40811   1.000 78.83365  ? 144 TRP A C   1 
ATOM 1135 O O   . TRP A 1 189 ? -6.44078  -2.85860  4.24555   1.000 82.05077  ? 144 TRP A O   1 
ATOM 1136 C CB  . TRP A 1 189 ? -5.63429  -1.21253  6.80253   1.000 83.33508  ? 144 TRP A CB  1 
ATOM 1137 C CG  . TRP A 1 189 ? -4.56141  -1.46646  7.81414   1.000 76.50689  ? 144 TRP A CG  1 
ATOM 1138 C CD1 . TRP A 1 189 ? -3.98803  -0.54969  8.64874   1.000 42.01629  ? 144 TRP A CD1 1 
ATOM 1139 C CD2 . TRP A 1 189 ? -3.92432  -2.71970  8.09482   1.000 84.82213  ? 144 TRP A CD2 1 
ATOM 1140 N NE1 . TRP A 1 189 ? -3.03605  -1.15609  9.43224   1.000 71.55260  ? 144 TRP A NE1 1 
ATOM 1141 C CE2 . TRP A 1 189 ? -2.97793  -2.48738  9.11260   1.000 80.14196  ? 144 TRP A CE2 1 
ATOM 1142 C CE3 . TRP A 1 189 ? -4.06511  -4.01416  7.58748   1.000 73.50256  ? 144 TRP A CE3 1 
ATOM 1143 C CZ2 . TRP A 1 189 ? -2.17387  -3.50090  9.63014   1.000 11.49054  ? 144 TRP A CZ2 1 
ATOM 1144 C CZ3 . TRP A 1 189 ? -3.26917  -5.01917  8.10421   1.000 58.44889  ? 144 TRP A CZ3 1 
ATOM 1145 C CH2 . TRP A 1 189 ? -2.33496  -4.75766  9.11393   1.000 21.44836  ? 144 TRP A CH2 1 
ATOM 1146 N N   . VAL A 1 190 ? -6.91245  -0.70627  3.77860   1.000 46.60244  ? 145 VAL A N   1 
ATOM 1147 C CA  . VAL A 1 190 ? -7.86420  -1.06874  2.73331   1.000 53.37305  ? 145 VAL A CA  1 
ATOM 1148 C C   . VAL A 1 190 ? -7.12304  -1.60308  1.51304   1.000 79.94677  ? 145 VAL A C   1 
ATOM 1149 O O   . VAL A 1 190 ? -7.49264  -2.63733  0.94347   1.000 81.96611  ? 145 VAL A O   1 
ATOM 1150 C CB  . VAL A 1 190 ? -8.75742  0.13147   2.37271   1.000 57.04782  ? 145 VAL A CB  1 
ATOM 1151 C CG1 . VAL A 1 190 ? -9.76278  -0.26334  1.29687   1.000 39.30972  ? 145 VAL A CG1 1 
ATOM 1152 C CG2 . VAL A 1 190 ? -9.47300  0.64547   3.60810   1.000 42.38335  ? 145 VAL A CG2 1 
ATOM 1153 N N   . ALA A 1 191 ? -6.05443  -0.91281  1.10451   1.000 78.41749  ? 146 ALA A N   1 
ATOM 1154 C CA  . ALA A 1 191 ? -5.22026  -1.40478  0.01462   1.000 43.50270  ? 146 ALA A CA  1 
ATOM 1155 C C   . ALA A 1 191 ? -4.55368  -2.73061  0.35563   1.000 64.18664  ? 146 ALA A C   1 
ATOM 1156 O O   . ALA A 1 191 ? -4.16587  -3.46720  -0.55759  1.000 96.81890  ? 146 ALA A O   1 
ATOM 1157 C CB  . ALA A 1 191 ? -4.15529  -0.36740  -0.34800  1.000 46.36087  ? 146 ALA A CB  1 
ATOM 1158 N N   . VAL A 1 192 ? -4.40393  -3.04485  1.64598   1.000 54.44289  ? 147 VAL A N   1 
ATOM 1159 C CA  . VAL A 1 192 ? -3.88958  -4.35411  2.03587   1.000 75.09165  ? 147 VAL A CA  1 
ATOM 1160 C C   . VAL A 1 192 ? -4.81075  -5.45511  1.52743   1.000 100.11469 ? 147 VAL A C   1 
ATOM 1161 O O   . VAL A 1 192 ? -4.35182  -6.48778  1.02463   1.000 95.78913  ? 147 VAL A O   1 
ATOM 1162 C CB  . VAL A 1 192 ? -3.70662  -4.42376  3.56444   1.000 54.56726  ? 147 VAL A CB  1 
ATOM 1163 C CG1 . VAL A 1 192 ? -3.77609  -5.86512  4.05755   1.000 45.26935  ? 147 VAL A CG1 1 
ATOM 1164 C CG2 . VAL A 1 192 ? -2.38880  -3.78603  3.96986   1.000 71.68945  ? 147 VAL A CG2 1 
ATOM 1165 N N   . LEU A 1 193 ? -6.12465  -5.24312  1.62884   1.000 79.99988  ? 148 LEU A N   1 
ATOM 1166 C CA  . LEU A 1 193 ? -7.08135  -6.23992  1.16232   1.000 68.44780  ? 148 LEU A CA  1 
ATOM 1167 C C   . LEU A 1 193 ? -7.36470  -6.11315  -0.33131  1.000 93.72556  ? 148 LEU A C   1 
ATOM 1168 O O   . LEU A 1 193 ? -7.67357  -7.11788  -0.98315  1.000 97.59106  ? 148 LEU A O   1 
ATOM 1169 C CB  . LEU A 1 193 ? -8.38652  -6.12677  1.95294   1.000 78.60748  ? 148 LEU A CB  1 
ATOM 1170 C CG  . LEU A 1 193 ? -8.25546  -5.80744  3.44221   1.000 81.43598  ? 148 LEU A CG  1 
ATOM 1171 C CD1 . LEU A 1 193 ? -9.62070  -5.53225  4.05239   1.000 83.50500  ? 148 LEU A CD1 1 
ATOM 1172 C CD2 . LEU A 1 193 ? -7.55129  -6.93692  4.18231   1.000 53.80628  ? 148 LEU A CD2 1 
ATOM 1173 N N   . MET A 1 194 ? -7.26926  -4.90237  -0.88759  1.000 68.25000  ? 149 MET A N   1 
ATOM 1174 C CA  . MET A 1 194 ? -7.53692  -4.71348  -2.31038  1.000 97.83499  ? 149 MET A CA  1 
ATOM 1175 C C   . MET A 1 194 ? -6.51111  -5.44957  -3.16542  1.000 105.97164 ? 149 MET A C   1 
ATOM 1176 O O   . MET A 1 194 ? -6.86728  -6.27431  -4.01457  1.000 123.09393 ? 149 MET A O   1 
ATOM 1177 C CB  . MET A 1 194 ? -7.55506  -3.22176  -2.64916  1.000 110.49569 ? 149 MET A CB  1 
ATOM 1178 C CG  . MET A 1 194 ? -8.66217  -2.44207  -1.95824  1.000 125.09263 ? 149 MET A CG  1 
ATOM 1179 S SD  . MET A 1 194 ? -10.22573 -2.48220  -2.85229  1.000 161.33123 ? 149 MET A SD  1 
ATOM 1180 C CE  . MET A 1 194 ? -10.87768 -0.86417  -2.45500  1.000 94.70124  ? 149 MET A CE  1 
ATOM 1181 N N   . THR A 1 195 ? -5.22352  -5.16128  -2.95548  1.000 85.61004  ? 150 THR A N   1 
ATOM 1182 C CA  . THR A 1 195 ? -4.18228  -5.85313  -3.70661  1.000 105.48824 ? 150 THR A CA  1 
ATOM 1183 C C   . THR A 1 195 ? -4.04528  -7.31343  -3.29416  1.000 97.44703  ? 150 THR A C   1 
ATOM 1184 O O   . THR A 1 195 ? -3.44949  -8.10035  -4.03818  1.000 84.19468  ? 150 THR A O   1 
ATOM 1185 C CB  . THR A 1 195 ? -2.83765  -5.14088  -3.54279  1.000 113.22346 ? 150 THR A CB  1 
ATOM 1186 O OG1 . THR A 1 195 ? -2.22605  -5.54297  -2.31162  1.000 85.69345  ? 150 THR A OG1 1 
ATOM 1187 C CG2 . THR A 1 195 ? -3.02509  -3.63160  -3.54767  1.000 87.43973  ? 150 THR A CG2 1 
ATOM 1188 N N   . PHE A 1 196 ? -4.57551  -7.69207  -2.12889  1.000 101.23022 ? 151 PHE A N   1 
ATOM 1189 C CA  . PHE A 1 196 ? -4.56841  -9.09768  -1.73705  1.000 126.40597 ? 151 PHE A CA  1 
ATOM 1190 C C   . PHE A 1 196 ? -5.49096  -9.91331  -2.63294  1.000 114.95817 ? 151 PHE A C   1 
ATOM 1191 O O   . PHE A 1 196 ? -5.09158  -10.95121 -3.17300  1.000 117.91719 ? 151 PHE A O   1 
ATOM 1192 C CB  . PHE A 1 196 ? -4.97367  -9.23643  -0.26865  1.000 114.54614 ? 151 PHE A CB  1 
ATOM 1193 C CG  . PHE A 1 196 ? -5.59383  -10.56234 0.07077   1.000 110.09752 ? 151 PHE A CG  1 
ATOM 1194 C CD1 . PHE A 1 196 ? -4.81466  -11.70270 0.16378   1.000 95.42009  ? 151 PHE A CD1 1 
ATOM 1195 C CD2 . PHE A 1 196 ? -6.95570  -10.66519 0.30569   1.000 117.29632 ? 151 PHE A CD2 1 
ATOM 1196 C CE1 . PHE A 1 196 ? -5.38250  -12.92234 0.47946   1.000 122.19943 ? 151 PHE A CE1 1 
ATOM 1197 C CE2 . PHE A 1 196 ? -7.52948  -11.88191 0.62128   1.000 130.22207 ? 151 PHE A CE2 1 
ATOM 1198 C CZ  . PHE A 1 196 ? -6.74208  -13.01158 0.70874   1.000 121.53614 ? 151 PHE A CZ  1 
ATOM 1199 N N   . PHE A 1 197 ? -6.73434  -9.45631  -2.80217  1.000 90.97232  ? 152 PHE A N   1 
ATOM 1200 C CA  . PHE A 1 197 ? -7.64402  -10.12326 -3.72735  1.000 119.58354 ? 152 PHE A CA  1 
ATOM 1201 C C   . PHE A 1 197 ? -7.15724  -10.00866 -5.16563  1.000 116.38909 ? 152 PHE A C   1 
ATOM 1202 O O   . PHE A 1 197 ? -7.44596  -10.88615 -5.98716  1.000 105.92673 ? 152 PHE A O   1 
ATOM 1203 C CB  . PHE A 1 197 ? -9.05332  -9.54320  -3.59480  1.000 119.21947 ? 152 PHE A CB  1 
ATOM 1204 C CG  . PHE A 1 197 ? -9.77004  -9.97122  -2.34647  1.000 132.30536 ? 152 PHE A CG  1 
ATOM 1205 C CD1 . PHE A 1 197 ? -10.11334 -11.29811 -2.14934  1.000 99.66643  ? 152 PHE A CD1 1 
ATOM 1206 C CD2 . PHE A 1 197 ? -10.10348 -9.04669  -1.37160  1.000 112.20730 ? 152 PHE A CD2 1 
ATOM 1207 C CE1 . PHE A 1 197 ? -10.77425 -11.69634 -1.00091  1.000 25.35198  ? 152 PHE A CE1 1 
ATOM 1208 C CE2 . PHE A 1 197 ? -10.76475 -9.43645  -0.22139  1.000 83.70487  ? 152 PHE A CE2 1 
ATOM 1209 C CZ  . PHE A 1 197 ? -11.09988 -10.76175 -0.03666  1.000 79.53077  ? 152 PHE A CZ  1 
ATOM 1210 N N   . ALA A 1 198 ? -6.41724  -8.94232  -5.48533  1.000 90.14341  ? 153 ALA A N   1 
ATOM 1211 C CA  . ALA A 1 198 ? -5.85262  -8.80565  -6.82296  1.000 88.43030  ? 153 ALA A CA  1 
ATOM 1212 C C   . ALA A 1 198 ? -4.89225  -9.94319  -7.14319  1.000 92.25736  ? 153 ALA A C   1 
ATOM 1213 O O   . ALA A 1 198 ? -4.69591  -10.27982 -8.31633  1.000 86.58937  ? 153 ALA A O   1 
ATOM 1214 C CB  . ALA A 1 198 ? -5.14633  -7.45887  -6.95921  1.000 81.45246  ? 153 ALA A CB  1 
ATOM 1215 N N   . GLY A 1 199 ? -4.28537  -10.54106 -6.12157  1.000 63.60054  ? 154 GLY A N   1 
ATOM 1216 C CA  . GLY A 1 199 ? -3.46602  -11.71980 -6.31263  1.000 66.02726  ? 154 GLY A CA  1 
ATOM 1217 C C   . GLY A 1 199 ? -4.28761  -12.99165 -6.26415  1.000 78.42601  ? 154 GLY A C   1 
ATOM 1218 O O   . GLY A 1 199 ? -3.98124  -13.96158 -6.96102  1.000 72.57676  ? 154 GLY A O   1 
ATOM 1219 N N   . ILE A 1 200 ? -5.34513  -12.99309 -5.44908  1.000 87.56726  ? 155 ILE A N   1 
ATOM 1220 C CA  . ILE A 1 200 ? -6.18344  -14.18286 -5.31386  1.000 98.66543  ? 155 ILE A CA  1 
ATOM 1221 C C   . ILE A 1 200 ? -6.88152  -14.49568 -6.63277  1.000 114.38451 ? 155 ILE A C   1 
ATOM 1222 O O   . ILE A 1 200 ? -6.82667  -15.62668 -7.13114  1.000 97.40244  ? 155 ILE A O   1 
ATOM 1223 C CB  . ILE A 1 200 ? -7.19729  -14.00035 -4.16864  1.000 110.71531 ? 155 ILE A CB  1 
ATOM 1224 C CG1 . ILE A 1 200 ? -6.47097  -13.82953 -2.83523  1.000 102.65295 ? 155 ILE A CG1 1 
ATOM 1225 C CG2 . ILE A 1 200 ? -8.15407  -15.18267 -4.10774  1.000 110.17790 ? 155 ILE A CG2 1 
ATOM 1226 C CD1 . ILE A 1 200 ? -5.49947  -14.94737 -2.52180  1.000 119.25469 ? 155 ILE A CD1 1 
ATOM 1227 N N   . PHE A 1 201 ? -7.55201  -13.49644 -7.21589  1.000 110.53828 ? 156 PHE A N   1 
ATOM 1228 C CA  . PHE A 1 201 ? -8.25256  -13.71527 -8.47794  1.000 120.49003 ? 156 PHE A CA  1 
ATOM 1229 C C   . PHE A 1 201 ? -7.28810  -14.14176 -9.57879  1.000 104.91630 ? 156 PHE A C   1 
ATOM 1230 O O   . PHE A 1 201 ? -7.61037  -15.01495 -10.39333 1.000 115.58050 ? 156 PHE A O   1 
ATOM 1231 C CB  . PHE A 1 201 ? -9.00868  -12.45179 -8.88972  1.000 119.14072 ? 156 PHE A CB  1 
ATOM 1232 C CG  . PHE A 1 201 ? -10.26573 -12.20815 -8.10245  1.000 123.52301 ? 156 PHE A CG  1 
ATOM 1233 C CD1 . PHE A 1 201 ? -11.44391 -12.85372 -8.43620  1.000 78.99258  ? 156 PHE A CD1 1 
ATOM 1234 C CD2 . PHE A 1 201 ? -10.27220 -11.32394 -7.03660  1.000 145.25781 ? 156 PHE A CD2 1 
ATOM 1235 C CE1 . PHE A 1 201 ? -12.60431 -12.62741 -7.71532  1.000 116.33708 ? 156 PHE A CE1 1 
ATOM 1236 C CE2 . PHE A 1 201 ? -11.42716 -11.09397 -6.31187  1.000 144.81977 ? 156 PHE A CE2 1 
ATOM 1237 C CZ  . PHE A 1 201 ? -12.59547 -11.74620 -6.65198  1.000 88.54977  ? 156 PHE A CZ  1 
ATOM 1238 N N   . TYR A 1 202 ? -6.09486  -13.54318 -9.61572  1.000 87.18812  ? 157 TYR A N   1 
ATOM 1239 C CA  . TYR A 1 202 ? -5.11420  -13.93112 -10.62414 1.000 91.55732  ? 157 TYR A CA  1 
ATOM 1240 C C   . TYR A 1 202 ? -4.53240  -15.31005 -10.34053 1.000 100.20267 ? 157 TYR A C   1 
ATOM 1241 O O   . TYR A 1 202 ? -4.21115  -16.04733 -11.27883 1.000 109.21529 ? 157 TYR A O   1 
ATOM 1242 C CB  . TYR A 1 202 ? -4.00214  -12.88484 -10.70849 1.000 53.50729  ? 157 TYR A CB  1 
ATOM 1243 C CG  . TYR A 1 202 ? -4.24069  -11.82884 -11.76511 1.000 56.51316  ? 157 TYR A CG  1 
ATOM 1244 C CD1 . TYR A 1 202 ? -4.09916  -12.12573 -13.11018 1.000 70.48183  ? 157 TYR A CD1 1 
ATOM 1245 C CD2 . TYR A 1 202 ? -4.61635  -10.53901 -11.41428 1.000 71.93713  ? 157 TYR A CD2 1 
ATOM 1246 C CE1 . TYR A 1 202 ? -4.31962  -11.16574 -14.08073 1.000 104.93462 ? 157 TYR A CE1 1 
ATOM 1247 C CE2 . TYR A 1 202 ? -4.83723  -9.57335  -12.37543 1.000 72.45605  ? 157 TYR A CE2 1 
ATOM 1248 C CZ  . TYR A 1 202 ? -4.68822  -9.89215  -13.70730 1.000 114.02163 ? 157 TYR A CZ  1 
ATOM 1249 O OH  . TYR A 1 202 ? -4.90903  -8.93421  -14.66928 1.000 118.52808 ? 157 TYR A OH  1 
ATOM 1250 N N   . MET A 1 203 ? -4.39014  -15.67837 -9.06464  1.000 106.71112 ? 158 MET A N   1 
ATOM 1251 C CA  . MET A 1 203 ? -3.92319  -17.01984 -8.73019  1.000 121.27716 ? 158 MET A CA  1 
ATOM 1252 C C   . MET A 1 203 ? -5.01406  -18.06599 -8.91982  1.000 128.55474 ? 158 MET A C   1 
ATOM 1253 O O   . MET A 1 203 ? -4.70644  -19.22926 -9.20251  1.000 112.73668 ? 158 MET A O   1 
ATOM 1254 C CB  . MET A 1 203 ? -3.40759  -17.06350 -7.28947  1.000 119.21526 ? 158 MET A CB  1 
ATOM 1255 C CG  . MET A 1 203 ? -2.02876  -16.45267 -7.09502  1.000 113.69846 ? 158 MET A CG  1 
ATOM 1256 S SD  . MET A 1 203 ? -0.78308  -17.14444 -8.19832  1.000 117.90207 ? 158 MET A SD  1 
ATOM 1257 C CE  . MET A 1 203 ? -0.87235  -18.88359 -7.77134  1.000 108.12178 ? 158 MET A CE  1 
ATOM 1258 N N   . CYS A 1 204 ? -6.28321  -17.67898 -8.76257  1.000 111.52051 ? 159 CYS A N   1 
ATOM 1259 C CA  . CYS A 1 204 ? -7.37361  -18.62235 -8.98901  1.000 111.10301 ? 159 CYS A CA  1 
ATOM 1260 C C   . CYS A 1 204 ? -7.45495  -19.02693 -10.45552 1.000 107.12855 ? 159 CYS A C   1 
ATOM 1261 O O   . CYS A 1 204 ? -7.71616  -20.19392 -10.77028 1.000 96.76520  ? 159 CYS A O   1 
ATOM 1262 C CB  . CYS A 1 204 ? -8.69991  -18.01891 -8.52365  1.000 87.37389  ? 159 CYS A CB  1 
ATOM 1263 S SG  . CYS A 1 204 ? -8.89979  -17.94343 -6.73114  1.000 107.52520 ? 159 CYS A SG  1 
ATOM 1264 N N   . ALA A 1 205 ? -7.22996  -18.07784 -11.36651 1.000 102.42568 ? 160 ALA A N   1 
ATOM 1265 C CA  . ALA A 1 205 ? -7.25429  -18.38041 -12.79114 1.000 94.11129  ? 160 ALA A CA  1 
ATOM 1266 C C   . ALA A 1 205 ? -6.04201  -19.17976 -13.24619 1.000 100.74018 ? 160 ALA A C   1 
ATOM 1267 O O   . ALA A 1 205 ? -6.06325  -19.72113 -14.35698 1.000 111.82895 ? 160 ALA A O   1 
ATOM 1268 C CB  . ALA A 1 205 ? -7.34762  -17.08983 -13.60258 1.000 87.69969  ? 160 ALA A CB  1 
ATOM 1269 N N   . TYR A 1 206 ? -4.99204  -19.25998 -12.42728 1.000 102.02885 ? 161 TYR A N   1 
ATOM 1270 C CA  . TYR A 1 206 ? -3.83116  -20.06683 -12.78725 1.000 118.39694 ? 161 TYR A CA  1 
ATOM 1271 C C   . TYR A 1 206 ? -4.20766  -21.53797 -12.90555 1.000 110.34726 ? 161 TYR A C   1 
ATOM 1272 O O   . TYR A 1 206 ? -3.83334  -22.21182 -13.87102 1.000 118.29389 ? 161 TYR A O   1 
ATOM 1273 C CB  . TYR A 1 206 ? -2.72022  -19.87256 -11.75429 1.000 110.72432 ? 161 TYR A CB  1 
ATOM 1274 C CG  . TYR A 1 206 ? -1.48350  -20.70546 -12.00696 1.000 61.58741  ? 161 TYR A CG  1 
ATOM 1275 C CD1 . TYR A 1 206 ? -0.96965  -20.85288 -13.28744 1.000 94.33400  ? 161 TYR A CD1 1 
ATOM 1276 C CD2 . TYR A 1 206 ? -0.83117  -21.34697 -10.96124 1.000 93.16848  ? 161 TYR A CD2 1 
ATOM 1277 C CE1 . TYR A 1 206 ? 0.16163   -21.61271 -13.52043 1.000 115.33228 ? 161 TYR A CE1 1 
ATOM 1278 C CE2 . TYR A 1 206 ? 0.30155   -22.10936 -11.18387 1.000 98.24344  ? 161 TYR A CE2 1 
ATOM 1279 C CZ  . TYR A 1 206 ? 0.79315   -22.23929 -12.46542 1.000 107.26271 ? 161 TYR A CZ  1 
ATOM 1280 O OH  . TYR A 1 206 ? 1.91881   -22.99884 -12.69457 1.000 75.02546  ? 161 TYR A OH  1 
ATOM 1281 N N   . ARG A 1 207 ? -4.96064  -22.05106 -11.93184 1.000 108.80521 ? 162 ARG A N   1 
ATOM 1282 C CA  . ARG A 1 207 ? -5.35523  -23.45509 -11.96357 1.000 124.77339 ? 162 ARG A CA  1 
ATOM 1283 C C   . ARG A 1 207 ? -6.40130  -23.71181 -13.04200 1.000 92.94264  ? 162 ARG A C   1 
ATOM 1284 O O   . ARG A 1 207 ? -6.39073  -24.76760 -13.68559 1.000 136.39024 ? 162 ARG A O   1 
ATOM 1285 C CB  . ARG A 1 207 ? -5.87224  -23.87930 -10.58733 1.000 137.02281 ? 162 ARG A CB  1 
ATOM 1286 C CG  . ARG A 1 207 ? -6.81865  -25.06764 -10.59998 1.000 96.49777  ? 162 ARG A CG  1 
ATOM 1287 C CD  . ARG A 1 207 ? -7.11715  -25.54965 -9.18903  1.000 129.14480 ? 162 ARG A CD  1 
ATOM 1288 N NE  . ARG A 1 207 ? -8.21449  -24.80887 -8.57898  1.000 84.58438  ? 162 ARG A NE  1 
ATOM 1289 C CZ  . ARG A 1 207 ? -8.05808  -23.77361 -7.76574  1.000 114.79859 ? 162 ARG A CZ  1 
ATOM 1290 N NH1 . ARG A 1 207 ? -6.85607  -23.32857 -7.43715  1.000 85.25978  ? 162 ARG A NH1 1 
ATOM 1291 N NH2 . ARG A 1 207 ? -9.13493  -23.16980 -7.26923  1.000 109.85794 ? 162 ARG A NH2 1 
ATOM 1292 N N   . VAL A 1 208 ? -7.30409  -22.75335 -13.26332 1.000 94.18983  ? 163 VAL A N   1 
ATOM 1293 C CA  . VAL A 1 208 ? -8.36609  -22.94414 -14.24734 1.000 109.55549 ? 163 VAL A CA  1 
ATOM 1294 C C   . VAL A 1 208 ? -7.79516  -23.05420 -15.65582 1.000 127.65264 ? 163 VAL A C   1 
ATOM 1295 O O   . VAL A 1 208 ? -8.31845  -23.80557 -16.48828 1.000 133.36264 ? 163 VAL A O   1 
ATOM 1296 C CB  . VAL A 1 208 ? -9.39542  -21.80177 -14.14492 1.000 70.39503  ? 163 VAL A CB  1 
ATOM 1297 C CG1 . VAL A 1 208 ? -10.57118 -22.05121 -15.07833 1.000 32.35960  ? 163 VAL A CG1 1 
ATOM 1298 C CG2 . VAL A 1 208 ? -9.87306  -21.64587 -12.70973 1.000 88.35363  ? 163 VAL A CG2 1 
ATOM 1299 N N   . HIS A 1 209 ? -6.71448  -22.32788 -15.94664 1.000 123.55486 ? 164 HIS A N   1 
ATOM 1300 C CA  . HIS A 1 209 ? -6.17065  -22.31223 -17.30079 1.000 125.14410 ? 164 HIS A CA  1 
ATOM 1301 C C   . HIS A 1 209 ? -5.36267  -23.57033 -17.60363 1.000 99.52138  ? 164 HIS A C   1 
ATOM 1302 O O   . HIS A 1 209 ? -5.59517  -24.23464 -18.62003 1.000 84.19180  ? 164 HIS A O   1 
ATOM 1303 C CB  . HIS A 1 209 ? -5.31103  -21.06434 -17.50559 1.000 110.02062 ? 164 HIS A CB  1 
ATOM 1304 C CG  . HIS A 1 209 ? -6.10135  -19.79762 -17.61465 1.000 129.17294 ? 164 HIS A CG  1 
ATOM 1305 N ND1 . HIS A 1 209 ? -6.22264  -18.90395 -16.57232 1.000 135.49528 ? 164 HIS A ND1 1 
ATOM 1306 C CD2 . HIS A 1 209 ? -6.81062  -19.27474 -18.64308 1.000 160.10578 ? 164 HIS A CD2 1 
ATOM 1307 C CE1 . HIS A 1 209 ? -6.97172  -17.88502 -16.95405 1.000 144.41499 ? 164 HIS A CE1 1 
ATOM 1308 N NE2 . HIS A 1 209 ? -7.34176  -18.08559 -18.20620 1.000 155.20411 ? 164 HIS A NE2 1 
ATOM 1309 N N   . GLU A 1 210 ? -4.41184  -23.91532 -16.73135 1.000 106.22059 ? 165 GLU A N   1 
ATOM 1310 C CA  . GLU A 1 210 ? -3.49674  -25.01222 -17.03498 1.000 134.14731 ? 165 GLU A CA  1 
ATOM 1311 C C   . GLU A 1 210 ? -4.17028  -26.37269 -16.88702 1.000 128.96716 ? 165 GLU A C   1 
ATOM 1312 O O   . GLU A 1 210 ? -3.87481  -27.29953 -17.65036 1.000 132.05478 ? 165 GLU A O   1 
ATOM 1313 C CB  . GLU A 1 210 ? -2.25668  -24.92701 -16.14427 1.000 127.63640 ? 165 GLU A CB  1 
ATOM 1314 C CG  . GLU A 1 210 ? -2.54213  -24.97119 -14.65261 1.000 127.50313 ? 165 GLU A CG  1 
ATOM 1315 C CD  . GLU A 1 210 ? -1.30554  -24.71459 -13.81508 1.000 110.32204 ? 165 GLU A CD  1 
ATOM 1316 O OE1 . GLU A 1 210 ? -0.18725  -24.78698 -14.36685 1.000 114.10466 ? 165 GLU A OE1 1 
ATOM 1317 O OE2 . GLU A 1 210 ? -1.45098  -24.44106 -12.60499 1.000 125.41294 ? 165 GLU A OE2 1 
ATOM 1318 N N   . CYS A 1 211 ? -5.06919  -26.51782 -15.91855 1.000 81.17532  ? 166 CYS A N   1 
ATOM 1319 C CA  . CYS A 1 211 ? -5.72882  -27.79928 -15.68618 1.000 109.49094 ? 166 CYS A CA  1 
ATOM 1320 C C   . CYS A 1 211 ? -6.86519  -28.01543 -16.67733 1.000 66.06821  ? 166 CYS A C   1 
ATOM 1321 O O   . CYS A 1 211 ? -7.52075  -27.06310 -17.09862 1.000 76.29474  ? 166 CYS A O   1 
ATOM 1322 C CB  . CYS A 1 211 ? -6.25625  -27.88420 -14.25204 1.000 117.79104 ? 166 CYS A CB  1 
ATOM 1323 S SG  . CYS A 1 211 ? -4.99359  -28.25777 -13.01409 1.000 148.38212 ? 166 CYS A SG  1 
# 
